data_6OKZ
#
_entry.id   6OKZ
#
_cell.length_a   105.795
_cell.length_b   102.063
_cell.length_c   171.173
_cell.angle_alpha   90.00
_cell.angle_beta   98.94
_cell.angle_gamma   90.00
#
_symmetry.space_group_name_H-M   'P 1 21 1'
#
loop_
_entity.id
_entity.type
_entity.pdbx_description
1 polymer 'Transporter, NadC family'
2 non-polymer 'SODIUM ION'
3 non-polymer 'FUMARIC ACID'
#
_entity_poly.entity_id   1
_entity_poly.type   'polypeptide(L)'
_entity_poly.pdbx_seq_one_letter_code
;REWFLHRNSLIVLADVALFLALYHFLPFEHNVVLGISMLAFIAVLWLTEALHVTVTAILVPVMAVFFGIFETQAALNNFA
NSIIFLFLGGFALAAAMHHQGLDKVIADKVLAMAQGKMSVAVFMLFGVTALLSMWISNTATAAMMLPLVLGVLSKVDADK
QRSTYVFVLLGVAYSASIGGIATLVGSPPNAIAAAEVGLSFTDWMKFGLPTAMMMLPMAIAILYFLLKPTLNGMFELDRA
PVNWDKGKVVTLGIFGLTVFLWIFSSPINAALGGFKSFDTLVALGAILMLSFARVVHWKEIQKTADWGVLLLFGGGLCLS
NVLKQTGTSVFLANALSDMVSHMGIFVVILVVATFVVFLTEFASNTASAALLIPVFATVAEAFGMSPVLLSVLIAVAASC
AFMLPVATPPNAIVFASGHIKQSEMMRVGLYLNIACIGLLTAIAMLFWQ
;
_entity_poly.pdbx_strand_id   C,D,A,B
#
# COMPACT_ATOMS: atom_id res chain seq x y z
N HIS A 6 1.44 -7.32 -9.79
CA HIS A 6 2.67 -6.55 -9.66
C HIS A 6 3.67 -6.90 -10.77
N ARG A 7 4.63 -6.01 -10.97
CA ARG A 7 5.66 -6.23 -11.97
C ARG A 7 6.42 -7.53 -11.70
N ASN A 8 6.99 -7.66 -10.50
CA ASN A 8 7.84 -8.80 -10.19
C ASN A 8 7.07 -10.11 -10.19
N SER A 9 5.82 -10.08 -9.73
CA SER A 9 5.01 -11.30 -9.71
C SER A 9 4.88 -11.91 -11.10
N LEU A 10 5.01 -11.10 -12.15
CA LEU A 10 4.92 -11.64 -13.51
C LEU A 10 6.23 -12.31 -13.93
N ILE A 11 7.36 -11.64 -13.69
CA ILE A 11 8.66 -12.24 -14.00
C ILE A 11 8.74 -13.67 -13.46
N VAL A 12 8.25 -13.87 -12.24
CA VAL A 12 8.25 -15.21 -11.66
C VAL A 12 7.40 -16.16 -12.48
N LEU A 13 6.17 -15.76 -12.81
CA LEU A 13 5.30 -16.61 -13.60
C LEU A 13 5.89 -16.86 -14.99
N ALA A 14 6.41 -15.81 -15.63
CA ALA A 14 7.08 -15.99 -16.91
C ALA A 14 8.29 -16.89 -16.77
N ASP A 15 8.99 -16.82 -15.65
CA ASP A 15 10.17 -17.65 -15.44
C ASP A 15 9.79 -19.11 -15.25
N VAL A 16 8.71 -19.38 -14.50
CA VAL A 16 8.22 -20.75 -14.36
C VAL A 16 7.88 -21.33 -15.73
N ALA A 17 7.20 -20.54 -16.57
CA ALA A 17 6.92 -20.98 -17.92
C ALA A 17 8.21 -21.22 -18.68
N LEU A 18 9.14 -20.26 -18.61
CA LEU A 18 10.44 -20.42 -19.26
C LEU A 18 11.08 -21.75 -18.87
N PHE A 19 11.04 -22.10 -17.59
CA PHE A 19 11.59 -23.37 -17.14
C PHE A 19 10.87 -24.53 -17.81
N LEU A 20 9.54 -24.55 -17.70
CA LEU A 20 8.75 -25.59 -18.36
C LEU A 20 9.08 -25.68 -19.85
N ALA A 21 9.26 -24.54 -20.50
CA ALA A 21 9.60 -24.54 -21.92
C ALA A 21 10.97 -25.18 -22.13
N LEU A 22 12.03 -24.57 -21.57
CA LEU A 22 13.36 -25.16 -21.67
C LEU A 22 13.34 -26.63 -21.25
N TYR A 23 12.54 -26.95 -20.23
CA TYR A 23 12.50 -28.31 -19.71
C TYR A 23 11.91 -29.27 -20.74
N HIS A 24 10.75 -28.92 -21.31
CA HIS A 24 10.06 -29.82 -22.21
C HIS A 24 10.58 -29.77 -23.64
N PHE A 25 11.26 -28.69 -24.04
CA PHE A 25 11.60 -28.50 -25.43
C PHE A 25 13.09 -28.59 -25.75
N LEU A 26 13.97 -28.34 -24.77
CA LEU A 26 15.39 -28.45 -25.06
C LEU A 26 15.75 -29.89 -25.39
N PRO A 27 16.55 -30.12 -26.44
CA PRO A 27 16.88 -31.49 -26.82
C PRO A 27 18.30 -31.89 -26.49
N PHE A 28 18.57 -32.12 -25.21
CA PHE A 28 19.88 -32.56 -24.73
C PHE A 28 19.68 -33.68 -23.73
N GLU A 29 20.80 -34.24 -23.27
CA GLU A 29 20.74 -35.19 -22.16
C GLU A 29 19.94 -34.57 -21.02
N HIS A 30 19.03 -35.35 -20.44
CA HIS A 30 18.05 -34.79 -19.52
C HIS A 30 18.70 -33.94 -18.44
N ASN A 31 19.86 -34.39 -17.93
CA ASN A 31 20.56 -33.64 -16.91
C ASN A 31 20.90 -32.22 -17.39
N VAL A 32 21.41 -32.11 -18.62
CA VAL A 32 21.76 -30.79 -19.14
C VAL A 32 20.51 -29.93 -19.24
N VAL A 33 19.39 -30.52 -19.65
CA VAL A 33 18.13 -29.77 -19.70
C VAL A 33 17.80 -29.22 -18.31
N LEU A 34 17.93 -30.05 -17.28
CA LEU A 34 17.63 -29.61 -15.93
C LEU A 34 18.61 -28.54 -15.47
N GLY A 35 19.90 -28.82 -15.55
CA GLY A 35 20.89 -27.83 -15.14
C GLY A 35 20.78 -26.54 -15.95
N ILE A 36 20.52 -26.67 -17.25
CA ILE A 36 20.34 -25.47 -18.08
C ILE A 36 19.06 -24.75 -17.68
N SER A 37 17.94 -25.46 -17.63
CA SER A 37 16.69 -24.85 -17.22
C SER A 37 16.83 -24.17 -15.87
N MET A 38 17.43 -24.87 -14.90
CA MET A 38 17.62 -24.30 -13.58
C MET A 38 18.52 -23.07 -13.66
N LEU A 39 19.66 -23.20 -14.35
CA LEU A 39 20.59 -22.07 -14.45
C LEU A 39 19.87 -20.83 -15.00
N ALA A 40 19.02 -21.03 -16.01
CA ALA A 40 18.24 -19.91 -16.52
C ALA A 40 17.26 -19.41 -15.46
N PHE A 41 16.49 -20.32 -14.87
CA PHE A 41 15.53 -19.96 -13.83
C PHE A 41 16.20 -19.10 -12.75
N ILE A 42 17.26 -19.64 -12.15
CA ILE A 42 17.95 -18.91 -11.10
C ILE A 42 18.57 -17.63 -11.64
N ALA A 43 19.20 -17.71 -12.82
CA ALA A 43 19.83 -16.54 -13.42
C ALA A 43 18.86 -15.37 -13.52
N VAL A 44 17.62 -15.64 -13.94
CA VAL A 44 16.61 -14.59 -13.98
C VAL A 44 16.32 -14.08 -12.58
N LEU A 45 15.95 -14.98 -11.68
CA LEU A 45 15.52 -14.60 -10.34
C LEU A 45 16.57 -13.76 -9.63
N TRP A 46 17.85 -13.93 -9.97
CA TRP A 46 18.90 -13.19 -9.29
C TRP A 46 19.26 -11.87 -9.95
N LEU A 47 19.17 -11.79 -11.27
CA LEU A 47 19.47 -10.54 -11.96
C LEU A 47 18.28 -9.59 -11.94
N THR A 48 17.07 -10.10 -12.19
CA THR A 48 15.88 -9.27 -12.10
C THR A 48 15.51 -8.93 -10.66
N GLU A 49 15.78 -9.84 -9.72
CA GLU A 49 15.41 -9.66 -8.32
C GLU A 49 13.90 -9.62 -8.14
N ALA A 50 13.16 -10.33 -9.01
CA ALA A 50 11.72 -10.50 -8.78
C ALA A 50 11.46 -11.07 -7.39
N LEU A 51 12.29 -12.01 -6.96
CA LEU A 51 12.31 -12.51 -5.59
C LEU A 51 13.58 -12.04 -4.90
N HIS A 52 13.50 -11.87 -3.59
CA HIS A 52 14.68 -11.44 -2.83
C HIS A 52 15.83 -12.41 -3.06
N VAL A 53 17.01 -11.85 -3.29
CA VAL A 53 18.26 -12.60 -3.46
C VAL A 53 18.26 -13.86 -2.60
N THR A 54 17.99 -13.70 -1.30
CA THR A 54 18.05 -14.83 -0.38
C THR A 54 16.90 -15.82 -0.62
N VAL A 55 15.72 -15.33 -1.02
CA VAL A 55 14.64 -16.24 -1.34
C VAL A 55 15.01 -17.15 -2.50
N THR A 56 15.66 -16.59 -3.52
CA THR A 56 16.14 -17.41 -4.63
C THR A 56 17.23 -18.37 -4.16
N ALA A 57 18.12 -17.91 -3.28
CA ALA A 57 19.17 -18.78 -2.76
C ALA A 57 18.56 -19.99 -2.05
N ILE A 58 17.57 -19.75 -1.19
CA ILE A 58 16.86 -20.84 -0.53
C ILE A 58 16.12 -21.70 -1.55
N LEU A 59 15.78 -21.12 -2.70
CA LEU A 59 15.09 -21.88 -3.75
C LEU A 59 16.01 -22.90 -4.41
N VAL A 60 17.31 -22.62 -4.44
CA VAL A 60 18.28 -23.50 -5.09
C VAL A 60 18.21 -24.89 -4.47
N PRO A 61 18.43 -25.03 -3.16
CA PRO A 61 18.45 -26.39 -2.57
C PRO A 61 17.12 -27.10 -2.69
N VAL A 62 16.01 -26.41 -2.42
CA VAL A 62 14.69 -27.04 -2.53
C VAL A 62 14.44 -27.52 -3.95
N MET A 63 15.09 -26.90 -4.94
CA MET A 63 15.00 -27.40 -6.31
C MET A 63 15.84 -28.65 -6.48
N ALA A 64 17.16 -28.52 -6.29
CA ALA A 64 18.05 -29.67 -6.44
C ALA A 64 17.53 -30.88 -5.67
N VAL A 65 16.94 -30.65 -4.50
CA VAL A 65 16.47 -31.76 -3.67
C VAL A 65 15.25 -32.43 -4.31
N PHE A 66 14.29 -31.64 -4.80
CA PHE A 66 13.09 -32.22 -5.37
C PHE A 66 13.35 -32.85 -6.73
N PHE A 67 14.27 -32.28 -7.52
CA PHE A 67 14.63 -32.85 -8.81
C PHE A 67 15.77 -33.84 -8.72
N GLY A 68 15.93 -34.50 -7.58
CA GLY A 68 16.84 -35.61 -7.43
C GLY A 68 18.32 -35.31 -7.61
N ILE A 69 18.69 -34.04 -7.71
CA ILE A 69 20.09 -33.70 -7.88
C ILE A 69 20.87 -33.98 -6.59
N PHE A 70 20.30 -33.61 -5.44
CA PHE A 70 20.94 -33.85 -4.16
C PHE A 70 19.88 -34.32 -3.17
N GLU A 71 20.33 -34.77 -2.01
CA GLU A 71 19.45 -35.08 -0.90
C GLU A 71 19.37 -33.87 0.02
N THR A 72 18.22 -33.72 0.68
CA THR A 72 17.94 -32.51 1.44
C THR A 72 19.12 -32.09 2.30
N GLN A 73 19.61 -33.01 3.14
CA GLN A 73 20.69 -32.64 4.05
C GLN A 73 21.97 -32.34 3.29
N ALA A 74 22.24 -33.09 2.21
CA ALA A 74 23.44 -32.84 1.43
C ALA A 74 23.40 -31.46 0.79
N ALA A 75 22.23 -31.05 0.29
CA ALA A 75 22.09 -29.73 -0.30
C ALA A 75 22.25 -28.65 0.77
N LEU A 76 21.55 -28.78 1.89
CA LEU A 76 21.62 -27.79 2.96
C LEU A 76 23.03 -27.59 3.46
N ASN A 77 23.84 -28.66 3.46
CA ASN A 77 25.20 -28.58 3.99
C ASN A 77 26.03 -27.49 3.33
N ASN A 78 25.62 -27.02 2.15
CA ASN A 78 26.36 -25.93 1.50
C ASN A 78 26.34 -24.65 2.34
N PHE A 79 25.26 -24.41 3.06
CA PHE A 79 25.12 -23.16 3.81
C PHE A 79 26.04 -23.08 5.02
N ALA A 80 26.86 -24.09 5.28
CA ALA A 80 27.78 -24.08 6.42
C ALA A 80 29.24 -24.04 5.99
N ASN A 81 29.53 -23.61 4.75
CA ASN A 81 30.90 -23.55 4.28
C ASN A 81 31.75 -22.64 5.17
N SER A 82 33.04 -22.97 5.27
CA SER A 82 33.92 -22.24 6.17
C SER A 82 34.01 -20.76 5.80
N ILE A 83 33.86 -20.42 4.52
CA ILE A 83 33.92 -19.02 4.12
C ILE A 83 32.76 -18.24 4.72
N ILE A 84 31.57 -18.85 4.75
CA ILE A 84 30.43 -18.22 5.39
C ILE A 84 30.80 -17.77 6.80
N PHE A 85 31.40 -18.69 7.57
CA PHE A 85 31.79 -18.38 8.94
C PHE A 85 32.97 -17.41 8.99
N LEU A 86 33.85 -17.44 7.98
CA LEU A 86 34.90 -16.45 7.89
C LEU A 86 34.31 -15.05 7.72
N PHE A 87 33.21 -14.94 6.98
CA PHE A 87 32.54 -13.65 6.81
C PHE A 87 31.81 -13.23 8.07
N LEU A 88 31.14 -14.19 8.75
CA LEU A 88 30.47 -13.87 9.99
C LEU A 88 31.44 -13.31 11.03
N GLY A 89 32.69 -13.76 11.00
CA GLY A 89 33.69 -13.15 11.86
C GLY A 89 33.93 -11.69 11.53
N GLY A 90 33.94 -11.36 10.24
CA GLY A 90 34.06 -9.97 9.84
C GLY A 90 32.88 -9.14 10.27
N PHE A 91 31.69 -9.75 10.34
CA PHE A 91 30.51 -9.02 10.80
C PHE A 91 30.62 -8.70 12.28
N ALA A 92 30.97 -9.69 13.10
CA ALA A 92 31.20 -9.43 14.51
C ALA A 92 32.35 -8.45 14.71
N LEU A 93 33.37 -8.54 13.85
CA LEU A 93 34.48 -7.59 13.92
C LEU A 93 34.02 -6.18 13.59
N ALA A 94 33.06 -6.05 12.66
CA ALA A 94 32.50 -4.74 12.35
C ALA A 94 31.57 -4.27 13.46
N ALA A 95 30.56 -5.08 13.79
CA ALA A 95 29.64 -4.73 14.87
C ALA A 95 30.40 -4.31 16.13
N ALA A 96 31.54 -4.95 16.38
CA ALA A 96 32.33 -4.60 17.55
C ALA A 96 32.86 -3.17 17.46
N MET A 97 33.63 -2.89 16.41
CA MET A 97 34.26 -1.58 16.28
C MET A 97 33.29 -0.48 15.86
N HIS A 98 32.05 -0.82 15.51
CA HIS A 98 31.04 0.21 15.31
C HIS A 98 30.26 0.47 16.60
N HIS A 99 29.76 -0.60 17.23
CA HIS A 99 29.13 -0.45 18.53
C HIS A 99 30.09 0.17 19.54
N GLN A 100 31.39 -0.05 19.36
CA GLN A 100 32.40 0.61 20.17
C GLN A 100 32.60 2.06 19.74
N GLY A 101 32.22 2.41 18.51
CA GLY A 101 32.48 3.72 17.97
C GLY A 101 33.86 3.88 17.37
N LEU A 102 34.61 2.78 17.22
CA LEU A 102 35.96 2.85 16.70
C LEU A 102 36.02 3.30 15.25
N ASP A 103 34.89 3.25 14.52
CA ASP A 103 34.90 3.72 13.14
C ASP A 103 34.77 5.24 13.06
N LYS A 104 33.89 5.81 13.88
CA LYS A 104 33.75 7.26 13.92
C LYS A 104 35.06 7.92 14.37
N VAL A 105 35.60 7.46 15.49
CA VAL A 105 36.85 8.04 16.00
C VAL A 105 37.96 7.88 14.98
N ILE A 106 37.90 6.85 14.14
CA ILE A 106 38.90 6.71 13.08
C ILE A 106 38.70 7.78 12.02
N ALA A 107 37.46 8.24 11.83
CA ALA A 107 37.19 9.31 10.88
C ALA A 107 37.58 10.66 11.46
N ASP A 108 37.27 10.89 12.74
CA ASP A 108 37.59 12.16 13.37
C ASP A 108 39.11 12.36 13.45
N LYS A 109 39.80 11.41 14.08
CA LYS A 109 41.25 11.52 14.22
C LYS A 109 41.94 11.78 12.89
N VAL A 110 41.38 11.24 11.80
CA VAL A 110 41.95 11.46 10.47
C VAL A 110 41.43 12.74 9.85
N LEU A 111 40.14 13.03 10.01
CA LEU A 111 39.54 14.20 9.37
C LEU A 111 40.01 15.50 9.99
N ALA A 112 40.42 15.48 11.26
CA ALA A 112 40.94 16.68 11.90
C ALA A 112 42.42 16.91 11.60
N MET A 113 43.14 15.88 11.17
CA MET A 113 44.53 16.07 10.77
C MET A 113 44.68 17.11 9.69
N ALA A 114 43.67 17.26 8.82
CA ALA A 114 43.61 18.41 7.93
C ALA A 114 43.27 19.65 8.74
N GLN A 115 44.17 20.64 8.73
CA GLN A 115 44.06 21.75 9.67
C GLN A 115 42.79 22.54 9.44
N GLY A 116 42.53 22.91 8.19
CA GLY A 116 41.33 23.66 7.86
C GLY A 116 41.18 23.87 6.37
N LYS A 117 41.64 22.90 5.59
CA LYS A 117 41.76 23.05 4.14
C LYS A 117 40.77 22.12 3.44
N MET A 118 39.91 22.70 2.59
CA MET A 118 39.05 21.89 1.74
C MET A 118 39.84 21.10 0.72
N SER A 119 41.03 21.57 0.35
CA SER A 119 41.85 20.82 -0.60
C SER A 119 42.28 19.48 -0.03
N VAL A 120 42.80 19.48 1.20
CA VAL A 120 43.17 18.23 1.88
C VAL A 120 41.99 17.60 2.60
N ALA A 121 40.83 18.29 2.66
CA ALA A 121 39.67 17.73 3.33
C ALA A 121 39.02 16.61 2.53
N VAL A 122 38.53 16.92 1.33
CA VAL A 122 37.78 15.95 0.54
C VAL A 122 38.66 14.74 0.21
N PHE A 123 39.93 14.97 -0.08
CA PHE A 123 40.84 13.86 -0.37
C PHE A 123 40.99 12.91 0.82
N MET A 124 40.71 13.37 2.04
CA MET A 124 40.73 12.51 3.21
C MET A 124 39.41 11.77 3.42
N LEU A 125 38.28 12.33 2.98
CA LEU A 125 37.01 11.63 3.10
C LEU A 125 37.01 10.34 2.30
N PHE A 126 37.67 10.35 1.14
CA PHE A 126 37.70 9.16 0.29
C PHE A 126 38.51 8.04 0.94
N GLY A 127 39.71 8.36 1.43
CA GLY A 127 40.57 7.33 2.00
C GLY A 127 39.95 6.60 3.17
N VAL A 128 39.08 7.26 3.93
CA VAL A 128 38.46 6.61 5.07
C VAL A 128 37.30 5.73 4.62
N THR A 129 36.50 6.22 3.67
CA THR A 129 35.40 5.42 3.15
C THR A 129 35.91 4.08 2.63
N ALA A 130 37.05 4.11 1.92
CA ALA A 130 37.63 2.86 1.42
C ALA A 130 38.19 2.03 2.56
N LEU A 131 38.91 2.67 3.49
CA LEU A 131 39.49 1.93 4.61
C LEU A 131 38.38 1.26 5.43
N LEU A 132 37.25 1.93 5.60
CA LEU A 132 36.16 1.37 6.38
C LEU A 132 35.43 0.27 5.62
N SER A 133 35.38 0.37 4.29
CA SER A 133 34.77 -0.68 3.49
C SER A 133 35.58 -1.96 3.51
N MET A 134 36.87 -1.87 3.82
CA MET A 134 37.70 -3.07 3.90
C MET A 134 37.18 -4.05 4.94
N TRP A 135 36.54 -3.56 5.99
CA TRP A 135 36.20 -4.40 7.13
C TRP A 135 34.73 -4.34 7.50
N ILE A 136 34.09 -3.20 7.25
CA ILE A 136 32.72 -2.98 7.68
C ILE A 136 31.77 -3.50 6.61
N SER A 137 31.70 -2.78 5.50
CA SER A 137 30.78 -3.12 4.42
C SER A 137 30.97 -2.15 3.26
N ASN A 138 29.96 -2.05 2.39
CA ASN A 138 29.94 -1.01 1.37
C ASN A 138 28.71 -0.12 1.53
N THR A 139 27.51 -0.69 1.55
CA THR A 139 26.32 0.10 1.83
C THR A 139 26.43 0.76 3.20
N ALA A 140 26.97 0.04 4.18
CA ALA A 140 27.10 0.61 5.53
C ALA A 140 28.17 1.67 5.58
N THR A 141 29.29 1.44 4.89
CA THR A 141 30.37 2.44 4.88
C THR A 141 29.91 3.73 4.22
N ALA A 142 29.04 3.62 3.21
CA ALA A 142 28.51 4.81 2.57
C ALA A 142 27.57 5.56 3.51
N ALA A 143 26.57 4.86 4.04
CA ALA A 143 25.63 5.49 4.96
C ALA A 143 26.34 6.03 6.20
N MET A 144 27.40 5.35 6.65
CA MET A 144 28.13 5.84 7.81
C MET A 144 28.97 7.07 7.45
N MET A 145 29.35 7.19 6.19
CA MET A 145 30.14 8.33 5.72
C MET A 145 29.27 9.50 5.29
N LEU A 146 28.07 9.23 4.80
CA LEU A 146 27.22 10.30 4.24
C LEU A 146 27.07 11.49 5.18
N PRO A 147 26.65 11.31 6.44
CA PRO A 147 26.62 12.47 7.34
C PRO A 147 27.97 13.14 7.50
N LEU A 148 29.05 12.36 7.55
CA LEU A 148 30.38 12.94 7.67
C LEU A 148 30.80 13.65 6.39
N VAL A 149 30.25 13.24 5.24
CA VAL A 149 30.58 13.89 3.98
C VAL A 149 29.78 15.18 3.81
N LEU A 150 28.47 15.12 4.07
CA LEU A 150 27.65 16.32 4.00
C LEU A 150 28.11 17.39 4.99
N GLY A 151 28.73 16.96 6.09
CA GLY A 151 29.23 17.93 7.06
C GLY A 151 30.32 18.82 6.51
N VAL A 152 31.27 18.24 5.79
CA VAL A 152 32.36 19.05 5.22
C VAL A 152 31.83 20.00 4.17
N LEU A 153 30.87 19.55 3.36
CA LEU A 153 30.30 20.41 2.33
C LEU A 153 29.24 21.34 2.92
N SER A 154 29.60 22.08 3.96
CA SER A 154 28.72 23.09 4.53
C SER A 154 29.35 24.47 4.68
N LYS A 155 30.68 24.57 4.77
CA LYS A 155 31.32 25.87 4.79
C LYS A 155 31.12 26.61 3.47
N VAL A 156 31.51 25.98 2.36
CA VAL A 156 31.22 26.50 1.03
C VAL A 156 29.93 25.87 0.51
N ASP A 157 28.80 26.27 1.09
CA ASP A 157 27.51 25.66 0.80
C ASP A 157 26.83 26.25 -0.43
N ALA A 158 27.59 26.56 -1.47
CA ALA A 158 26.99 27.09 -2.70
C ALA A 158 26.10 26.01 -3.30
N ASP A 159 24.81 26.31 -3.42
CA ASP A 159 23.85 25.37 -3.96
C ASP A 159 24.17 24.98 -5.41
N LYS A 160 23.97 25.90 -6.35
CA LYS A 160 24.40 25.70 -7.73
C LYS A 160 25.93 25.63 -7.87
N GLN A 161 26.63 25.17 -6.83
CA GLN A 161 28.04 24.83 -6.93
C GLN A 161 28.17 23.31 -6.92
N ARG A 162 27.42 22.65 -7.81
CA ARG A 162 27.25 21.21 -7.75
C ARG A 162 28.58 20.48 -7.85
N SER A 163 29.31 20.68 -8.96
CA SER A 163 30.51 19.90 -9.19
C SER A 163 31.48 19.96 -8.02
N THR A 164 31.48 21.07 -7.27
CA THR A 164 32.23 21.13 -6.02
C THR A 164 31.58 20.27 -4.94
N TYR A 165 30.32 19.89 -5.14
CA TYR A 165 29.53 19.20 -4.13
C TYR A 165 29.01 17.87 -4.63
N VAL A 166 29.29 17.52 -5.89
CA VAL A 166 29.01 16.19 -6.40
C VAL A 166 30.26 15.33 -6.49
N PHE A 167 31.43 15.92 -6.74
CA PHE A 167 32.68 15.18 -6.76
C PHE A 167 32.95 14.51 -5.42
N VAL A 168 32.54 15.14 -4.31
CA VAL A 168 32.77 14.56 -2.99
C VAL A 168 31.70 13.52 -2.66
N LEU A 169 30.50 13.67 -3.21
CA LEU A 169 29.45 12.68 -2.99
C LEU A 169 29.68 11.43 -3.83
N LEU A 170 29.92 11.62 -5.12
CA LEU A 170 30.23 10.48 -5.99
C LEU A 170 31.58 9.85 -5.65
N GLY A 171 32.48 10.62 -5.02
CA GLY A 171 33.77 10.06 -4.66
C GLY A 171 33.67 9.02 -3.57
N VAL A 172 32.85 9.28 -2.55
CA VAL A 172 32.70 8.32 -1.45
C VAL A 172 31.84 7.14 -1.91
N ALA A 173 30.78 7.41 -2.67
CA ALA A 173 29.96 6.31 -3.17
C ALA A 173 30.79 5.31 -3.96
N TYR A 174 31.87 5.77 -4.58
CA TYR A 174 32.79 4.88 -5.29
C TYR A 174 33.86 4.32 -4.36
N SER A 175 34.34 5.13 -3.42
CA SER A 175 35.36 4.64 -2.49
C SER A 175 34.82 3.53 -1.60
N ALA A 176 33.52 3.57 -1.30
CA ALA A 176 32.91 2.48 -0.53
C ALA A 176 32.86 1.20 -1.35
N SER A 177 32.60 1.32 -2.66
CA SER A 177 32.57 0.14 -3.51
C SER A 177 33.98 -0.31 -3.88
N ILE A 178 34.88 0.63 -4.14
CA ILE A 178 36.26 0.27 -4.47
C ILE A 178 37.00 -0.23 -3.24
N GLY A 179 36.65 0.27 -2.05
CA GLY A 179 37.33 -0.17 -0.84
C GLY A 179 37.08 -1.62 -0.50
N GLY A 180 35.88 -2.12 -0.80
CA GLY A 180 35.53 -3.50 -0.52
C GLY A 180 36.28 -4.53 -1.34
N ILE A 181 37.14 -4.10 -2.26
CA ILE A 181 37.89 -5.01 -3.12
C ILE A 181 39.29 -5.31 -2.54
N ALA A 182 39.54 -4.92 -1.30
CA ALA A 182 40.86 -5.10 -0.72
C ALA A 182 41.02 -6.42 0.05
N THR A 183 39.98 -6.84 0.77
CA THR A 183 40.07 -8.00 1.65
C THR A 183 38.92 -8.96 1.39
N LEU A 184 39.09 -10.19 1.88
CA LEU A 184 38.03 -11.19 1.73
C LEU A 184 36.75 -10.74 2.42
N VAL A 185 36.88 -10.07 3.56
CA VAL A 185 35.76 -9.35 4.16
C VAL A 185 35.74 -7.95 3.58
N GLY A 186 34.54 -7.47 3.27
CA GLY A 186 34.41 -6.18 2.62
C GLY A 186 33.25 -6.15 1.64
N SER A 187 33.25 -7.07 0.69
CA SER A 187 32.14 -7.20 -0.24
C SER A 187 31.83 -8.69 -0.44
N PRO A 188 30.56 -9.05 -0.44
CA PRO A 188 30.18 -10.46 -0.60
C PRO A 188 30.83 -11.10 -1.80
N PRO A 189 30.86 -10.41 -2.96
CA PRO A 189 31.51 -11.01 -4.14
C PRO A 189 32.87 -11.62 -3.85
N ASN A 190 33.71 -10.94 -3.07
CA ASN A 190 35.02 -11.48 -2.72
C ASN A 190 34.89 -12.82 -2.02
N ALA A 191 33.99 -12.91 -1.02
CA ALA A 191 33.81 -14.15 -0.30
C ALA A 191 33.27 -15.25 -1.20
N ILE A 192 32.44 -14.90 -2.18
CA ILE A 192 31.89 -15.90 -3.10
C ILE A 192 33.02 -16.54 -3.91
N ALA A 193 33.99 -15.74 -4.34
CA ALA A 193 35.14 -16.30 -5.06
C ALA A 193 35.95 -17.22 -4.15
N ALA A 194 36.27 -16.76 -2.94
CA ALA A 194 37.06 -17.58 -2.03
C ALA A 194 36.39 -18.91 -1.75
N ALA A 195 35.06 -18.91 -1.60
CA ALA A 195 34.35 -20.16 -1.35
C ALA A 195 34.29 -21.03 -2.59
N GLU A 196 34.31 -20.43 -3.78
CA GLU A 196 34.25 -21.20 -5.02
C GLU A 196 35.57 -21.91 -5.29
N VAL A 197 36.68 -21.20 -5.19
CA VAL A 197 38.00 -21.75 -5.51
C VAL A 197 38.79 -22.15 -4.28
N GLY A 198 38.27 -21.90 -3.08
CA GLY A 198 38.98 -22.26 -1.87
C GLY A 198 40.16 -21.36 -1.61
N LEU A 199 39.90 -20.06 -1.52
CA LEU A 199 40.95 -19.08 -1.27
C LEU A 199 41.09 -18.80 0.21
N SER A 200 42.31 -18.48 0.63
CA SER A 200 42.54 -18.01 1.99
C SER A 200 42.41 -16.49 2.03
N PHE A 201 42.29 -15.97 3.25
CA PHE A 201 42.18 -14.51 3.41
C PHE A 201 43.37 -13.79 2.80
N THR A 202 44.58 -14.24 3.14
CA THR A 202 45.77 -13.60 2.61
C THR A 202 45.93 -13.84 1.11
N ASP A 203 45.32 -14.90 0.57
CA ASP A 203 45.37 -15.13 -0.86
C ASP A 203 44.57 -14.07 -1.61
N TRP A 204 43.34 -13.82 -1.18
CA TRP A 204 42.51 -12.84 -1.87
C TRP A 204 43.05 -11.42 -1.70
N MET A 205 43.77 -11.15 -0.61
CA MET A 205 44.33 -9.81 -0.43
C MET A 205 45.48 -9.55 -1.39
N LYS A 206 46.30 -10.57 -1.66
CA LYS A 206 47.37 -10.41 -2.64
C LYS A 206 46.82 -10.01 -3.99
N PHE A 207 45.59 -10.42 -4.31
CA PHE A 207 44.95 -10.07 -5.58
C PHE A 207 44.26 -8.71 -5.48
N GLY A 208 43.27 -8.61 -4.59
CA GLY A 208 42.39 -7.45 -4.60
C GLY A 208 43.06 -6.18 -4.12
N LEU A 209 43.81 -6.26 -3.02
CA LEU A 209 44.38 -5.05 -2.43
C LEU A 209 45.18 -4.22 -3.42
N PRO A 210 46.16 -4.77 -4.15
CA PRO A 210 46.81 -3.97 -5.18
C PRO A 210 45.83 -3.35 -6.16
N THR A 211 44.81 -4.10 -6.58
CA THR A 211 43.80 -3.54 -7.48
C THR A 211 43.09 -2.37 -6.83
N ALA A 212 42.73 -2.49 -5.55
CA ALA A 212 42.09 -1.38 -4.85
C ALA A 212 43.06 -0.22 -4.68
N MET A 213 44.33 -0.53 -4.44
CA MET A 213 45.35 0.52 -4.42
C MET A 213 45.34 1.31 -5.73
N MET A 214 45.17 0.61 -6.85
CA MET A 214 45.21 1.26 -8.15
C MET A 214 43.88 1.89 -8.54
N MET A 215 42.76 1.22 -8.25
CA MET A 215 41.48 1.68 -8.78
C MET A 215 40.99 2.96 -8.09
N LEU A 216 41.34 3.16 -6.82
CA LEU A 216 40.84 4.34 -6.12
C LEU A 216 41.41 5.62 -6.73
N PRO A 217 42.72 5.75 -6.95
CA PRO A 217 43.21 6.96 -7.63
C PRO A 217 42.65 7.11 -9.03
N MET A 218 42.63 6.03 -9.82
CA MET A 218 42.10 6.10 -11.17
C MET A 218 40.64 6.56 -11.16
N ALA A 219 39.91 6.31 -10.08
CA ALA A 219 38.52 6.73 -10.01
C ALA A 219 38.39 8.19 -9.61
N ILE A 220 39.23 8.66 -8.68
CA ILE A 220 39.19 10.07 -8.31
C ILE A 220 39.73 10.93 -9.44
N ALA A 221 40.80 10.48 -10.09
CA ALA A 221 41.34 11.22 -11.24
C ALA A 221 40.27 11.51 -12.28
N ILE A 222 39.42 10.53 -12.58
CA ILE A 222 38.36 10.77 -13.56
C ILE A 222 37.36 11.79 -13.02
N LEU A 223 37.02 11.70 -11.74
CA LEU A 223 36.15 12.69 -11.14
C LEU A 223 36.85 14.03 -11.02
N TYR A 224 38.13 14.02 -10.65
CA TYR A 224 38.91 15.25 -10.58
C TYR A 224 38.90 15.97 -11.94
N PHE A 225 39.41 15.30 -12.96
CA PHE A 225 39.58 15.92 -14.28
C PHE A 225 38.30 15.97 -15.10
N LEU A 226 37.14 16.20 -14.48
CA LEU A 226 35.93 16.49 -15.24
C LEU A 226 35.42 17.90 -14.95
N LEU A 227 34.99 18.19 -13.73
CA LEU A 227 34.54 19.52 -13.36
C LEU A 227 34.90 19.79 -11.90
N LYS A 228 36.14 19.50 -11.53
CA LYS A 228 36.56 19.69 -10.14
C LYS A 228 36.84 21.17 -9.87
N PRO A 229 36.11 21.81 -8.96
CA PRO A 229 36.46 23.18 -8.57
C PRO A 229 36.66 23.30 -7.07
N THR A 230 37.54 22.49 -6.51
CA THR A 230 37.70 22.42 -5.05
C THR A 230 39.08 22.90 -4.62
N ASN A 243 37.66 10.27 22.52
CA ASN A 243 38.73 9.86 23.43
C ASN A 243 38.80 8.33 23.49
N TRP A 244 40.02 7.79 23.43
CA TRP A 244 40.15 6.34 23.51
C TRP A 244 39.55 5.90 24.84
N ASP A 245 38.33 5.36 24.80
CA ASP A 245 37.61 5.03 26.02
C ASP A 245 37.77 3.56 26.40
N LYS A 246 36.75 2.98 27.03
CA LYS A 246 36.85 1.61 27.49
C LYS A 246 37.07 0.65 26.32
N GLY A 247 38.27 0.08 26.25
CA GLY A 247 38.58 -0.94 25.29
C GLY A 247 38.34 -0.62 23.82
N LYS A 248 38.30 0.66 23.45
CA LYS A 248 38.44 0.98 22.03
C LYS A 248 39.83 0.59 21.54
N VAL A 249 40.82 0.60 22.43
CA VAL A 249 42.10 -0.03 22.13
C VAL A 249 41.94 -1.53 22.12
N VAL A 250 41.06 -2.06 22.97
CA VAL A 250 40.80 -3.50 23.01
C VAL A 250 40.21 -3.95 21.68
N THR A 251 39.11 -3.32 21.26
CA THR A 251 38.56 -3.60 19.94
C THR A 251 39.63 -3.44 18.87
N LEU A 252 40.39 -2.35 18.95
CA LEU A 252 41.50 -2.16 18.03
C LEU A 252 42.54 -3.26 18.18
N GLY A 253 42.86 -3.63 19.42
CA GLY A 253 43.80 -4.70 19.67
C GLY A 253 43.34 -6.03 19.10
N ILE A 254 42.16 -6.49 19.51
CA ILE A 254 41.59 -7.72 18.97
C ILE A 254 41.60 -7.66 17.44
N PHE A 255 41.05 -6.59 16.88
CA PHE A 255 41.02 -6.42 15.42
C PHE A 255 42.40 -6.64 14.81
N GLY A 256 43.38 -5.85 15.26
CA GLY A 256 44.73 -6.00 14.76
C GLY A 256 45.24 -7.42 14.88
N LEU A 257 45.04 -8.03 16.05
CA LEU A 257 45.42 -9.43 16.23
C LEU A 257 44.79 -10.31 15.16
N THR A 258 43.49 -10.16 14.94
CA THR A 258 42.79 -10.96 13.95
C THR A 258 43.41 -10.76 12.56
N VAL A 259 43.63 -9.50 12.16
CA VAL A 259 44.17 -9.24 10.84
C VAL A 259 45.61 -9.72 10.73
N PHE A 260 46.38 -9.65 11.82
CA PHE A 260 47.75 -10.16 11.79
C PHE A 260 47.76 -11.66 11.52
N LEU A 261 46.93 -12.40 12.23
CA LEU A 261 46.83 -13.84 11.99
C LEU A 261 46.31 -14.12 10.58
N TRP A 262 45.36 -13.31 10.11
CA TRP A 262 44.83 -13.50 8.76
C TRP A 262 45.90 -13.32 7.70
N ILE A 263 46.79 -12.34 7.88
CA ILE A 263 47.86 -12.14 6.91
C ILE A 263 48.90 -13.24 7.02
N PHE A 264 49.44 -13.45 8.22
CA PHE A 264 50.45 -14.46 8.44
C PHE A 264 49.85 -15.85 8.68
N SER A 265 48.59 -16.04 8.30
CA SER A 265 47.95 -17.34 8.49
C SER A 265 48.68 -18.45 7.76
N SER A 266 49.26 -18.15 6.60
CA SER A 266 49.98 -19.18 5.85
C SER A 266 51.11 -19.80 6.68
N PRO A 267 52.07 -19.03 7.18
CA PRO A 267 53.12 -19.65 8.01
C PRO A 267 52.63 -20.02 9.39
N ILE A 268 51.79 -19.17 10.00
CA ILE A 268 51.30 -19.44 11.34
C ILE A 268 50.56 -20.78 11.38
N ASN A 269 49.65 -20.99 10.43
CA ASN A 269 48.91 -22.25 10.39
C ASN A 269 49.84 -23.42 10.09
N ALA A 270 50.67 -23.28 9.05
CA ALA A 270 51.62 -24.35 8.72
C ALA A 270 52.53 -24.67 9.89
N ALA A 271 53.03 -23.64 10.58
CA ALA A 271 53.91 -23.83 11.72
C ALA A 271 53.09 -24.12 12.98
N LEU A 272 51.94 -24.78 12.81
CA LEU A 272 51.06 -25.13 13.91
C LEU A 272 50.42 -26.50 13.75
N GLY A 273 50.57 -27.16 12.60
CA GLY A 273 49.91 -28.43 12.33
C GLY A 273 49.01 -28.40 11.12
N GLY A 274 48.91 -27.28 10.42
CA GLY A 274 48.10 -27.19 9.22
C GLY A 274 46.63 -27.46 9.46
N PHE A 275 45.95 -26.57 10.18
CA PHE A 275 44.51 -26.70 10.30
C PHE A 275 43.85 -26.35 8.97
N LYS A 276 42.60 -26.79 8.81
CA LYS A 276 41.99 -26.78 7.49
C LYS A 276 41.64 -25.36 7.04
N SER A 277 40.62 -24.76 7.65
CA SER A 277 40.19 -23.41 7.28
C SER A 277 40.65 -22.40 8.32
N PHE A 278 41.97 -22.30 8.44
CA PHE A 278 42.57 -21.46 9.48
C PHE A 278 41.94 -20.07 9.51
N ASP A 279 41.80 -19.44 8.33
CA ASP A 279 41.16 -18.13 8.29
C ASP A 279 39.78 -18.18 8.92
N THR A 280 39.02 -19.25 8.66
CA THR A 280 37.72 -19.39 9.29
C THR A 280 37.84 -19.51 10.80
N LEU A 281 38.85 -20.24 11.27
CA LEU A 281 39.10 -20.33 12.71
C LEU A 281 39.42 -18.96 13.28
N VAL A 282 40.32 -18.22 12.62
CA VAL A 282 40.64 -16.87 13.05
C VAL A 282 39.38 -16.01 13.09
N ALA A 283 38.54 -16.13 12.05
CA ALA A 283 37.29 -15.37 12.02
C ALA A 283 36.39 -15.74 13.20
N LEU A 284 36.24 -17.04 13.47
CA LEU A 284 35.43 -17.46 14.61
C LEU A 284 36.12 -17.12 15.93
N GLY A 285 37.45 -17.21 15.97
CA GLY A 285 38.16 -16.81 17.18
C GLY A 285 37.93 -15.34 17.51
N ALA A 286 37.90 -14.49 16.49
CA ALA A 286 37.57 -13.07 16.72
C ALA A 286 36.22 -12.93 17.40
N ILE A 287 35.21 -13.64 16.89
CA ILE A 287 33.89 -13.61 17.53
C ILE A 287 34.00 -14.00 19.00
N LEU A 288 34.92 -14.90 19.32
CA LEU A 288 35.10 -15.32 20.71
C LEU A 288 35.86 -14.27 21.51
N MET A 289 37.05 -13.88 21.05
CA MET A 289 37.80 -12.83 21.72
C MET A 289 36.94 -11.60 21.94
N LEU A 290 36.21 -11.17 20.91
CA LEU A 290 35.35 -10.00 21.04
C LEU A 290 34.29 -10.20 22.12
N SER A 291 33.87 -11.45 22.35
CA SER A 291 32.84 -11.72 23.35
C SER A 291 33.43 -11.93 24.74
N PHE A 292 34.56 -12.63 24.83
CA PHE A 292 35.23 -12.76 26.12
C PHE A 292 35.72 -11.40 26.62
N ALA A 293 36.30 -10.59 25.73
CA ALA A 293 36.74 -9.26 26.09
C ALA A 293 35.59 -8.31 26.38
N ARG A 294 34.35 -8.79 26.34
CA ARG A 294 33.16 -8.04 26.73
C ARG A 294 32.92 -6.81 25.86
N VAL A 295 33.69 -6.65 24.78
CA VAL A 295 33.66 -5.40 24.02
C VAL A 295 32.49 -5.30 23.05
N VAL A 296 31.81 -6.40 22.74
CA VAL A 296 30.67 -6.36 21.83
C VAL A 296 29.72 -7.50 22.19
N HIS A 297 28.45 -7.18 22.32
CA HIS A 297 27.43 -8.18 22.63
C HIS A 297 27.02 -8.91 21.36
N TRP A 298 26.37 -10.07 21.56
CA TRP A 298 25.97 -10.87 20.40
C TRP A 298 24.82 -10.21 19.65
N LYS A 299 23.85 -9.63 20.37
CA LYS A 299 22.79 -8.88 19.70
C LYS A 299 23.37 -7.85 18.74
N GLU A 300 24.53 -7.27 19.07
CA GLU A 300 25.23 -6.42 18.11
C GLU A 300 25.66 -7.23 16.90
N ILE A 301 26.36 -8.35 17.12
CA ILE A 301 26.81 -9.18 16.01
C ILE A 301 25.62 -9.67 15.20
N GLN A 302 24.53 -10.03 15.88
CA GLN A 302 23.36 -10.52 15.17
C GLN A 302 22.71 -9.42 14.33
N LYS A 303 22.83 -8.16 14.75
CA LYS A 303 22.28 -7.06 13.96
C LYS A 303 23.18 -6.74 12.77
N THR A 304 24.46 -6.46 13.04
CA THR A 304 25.38 -6.13 11.96
C THR A 304 25.45 -7.24 10.93
N ALA A 305 25.43 -8.50 11.38
CA ALA A 305 25.55 -9.62 10.46
C ALA A 305 24.39 -9.65 9.49
N ASP A 306 24.71 -9.81 8.21
CA ASP A 306 23.70 -9.91 7.15
C ASP A 306 23.43 -11.39 6.87
N TRP A 307 22.56 -11.97 7.69
CA TRP A 307 22.26 -13.40 7.56
C TRP A 307 21.67 -13.73 6.19
N GLY A 308 21.08 -12.76 5.50
CA GLY A 308 20.61 -13.02 4.15
C GLY A 308 21.75 -13.30 3.18
N VAL A 309 22.84 -12.53 3.28
CA VAL A 309 24.01 -12.80 2.44
C VAL A 309 24.66 -14.12 2.85
N LEU A 310 24.78 -14.36 4.16
CA LEU A 310 25.33 -15.63 4.62
C LEU A 310 24.54 -16.80 4.06
N LEU A 311 23.21 -16.66 3.98
CA LEU A 311 22.40 -17.67 3.33
C LEU A 311 22.64 -17.69 1.82
N LEU A 312 22.88 -16.52 1.23
CA LEU A 312 23.14 -16.47 -0.21
C LEU A 312 24.41 -17.24 -0.56
N PHE A 313 25.49 -17.02 0.20
CA PHE A 313 26.72 -17.78 0.00
C PHE A 313 26.43 -19.26 -0.20
N GLY A 314 25.64 -19.85 0.70
CA GLY A 314 25.28 -21.25 0.55
C GLY A 314 24.52 -21.52 -0.74
N GLY A 315 23.54 -20.67 -1.07
CA GLY A 315 22.78 -20.88 -2.29
C GLY A 315 23.64 -20.85 -3.53
N GLY A 316 24.66 -20.00 -3.56
CA GLY A 316 25.53 -19.93 -4.72
C GLY A 316 26.39 -21.17 -4.87
N LEU A 317 26.89 -21.72 -3.76
CA LEU A 317 27.67 -22.95 -3.82
C LEU A 317 26.80 -24.12 -4.26
N CYS A 318 25.56 -24.19 -3.78
CA CYS A 318 24.66 -25.26 -4.22
C CYS A 318 24.46 -25.21 -5.74
N LEU A 319 24.27 -24.02 -6.30
CA LEU A 319 24.15 -23.89 -7.74
C LEU A 319 25.40 -24.42 -8.43
N SER A 320 26.57 -23.94 -7.99
CA SER A 320 27.82 -24.44 -8.55
C SER A 320 27.86 -25.96 -8.56
N ASN A 321 27.41 -26.58 -7.48
CA ASN A 321 27.36 -28.04 -7.42
C ASN A 321 26.26 -28.60 -8.31
N VAL A 322 25.21 -27.82 -8.57
CA VAL A 322 24.18 -28.26 -9.50
C VAL A 322 24.73 -28.27 -10.92
N LEU A 323 25.59 -27.29 -11.25
CA LEU A 323 26.21 -27.26 -12.57
C LEU A 323 27.10 -28.47 -12.80
N LYS A 324 27.87 -28.87 -11.77
CA LYS A 324 28.77 -30.00 -11.93
C LYS A 324 28.01 -31.32 -11.92
N GLN A 325 27.19 -31.56 -10.90
CA GLN A 325 26.50 -32.82 -10.78
C GLN A 325 25.69 -33.15 -12.02
N THR A 326 25.18 -32.11 -12.71
CA THR A 326 24.42 -32.30 -13.94
C THR A 326 25.28 -32.22 -15.19
N GLY A 327 26.57 -31.91 -15.05
CA GLY A 327 27.45 -31.80 -16.21
C GLY A 327 27.31 -30.53 -17.01
N THR A 328 26.49 -29.58 -16.56
CA THR A 328 26.36 -28.32 -17.29
C THR A 328 27.69 -27.58 -17.37
N SER A 329 28.59 -27.83 -16.42
CA SER A 329 29.92 -27.23 -16.49
C SER A 329 30.70 -27.77 -17.68
N VAL A 330 30.60 -29.08 -17.94
CA VAL A 330 31.29 -29.67 -19.07
C VAL A 330 30.53 -29.43 -20.38
N PHE A 331 29.20 -29.40 -20.33
CA PHE A 331 28.43 -29.13 -21.54
C PHE A 331 28.71 -27.73 -22.07
N LEU A 332 28.78 -26.74 -21.18
CA LEU A 332 29.09 -25.38 -21.61
C LEU A 332 30.55 -25.24 -22.01
N ALA A 333 31.44 -25.96 -21.30
CA ALA A 333 32.85 -25.98 -21.70
C ALA A 333 33.00 -26.57 -23.10
N ASN A 334 32.22 -27.60 -23.42
CA ASN A 334 32.22 -28.15 -24.78
C ASN A 334 31.61 -27.16 -25.77
N ALA A 335 30.52 -26.50 -25.38
CA ALA A 335 29.87 -25.55 -26.28
C ALA A 335 30.75 -24.35 -26.57
N LEU A 336 31.48 -23.87 -25.57
CA LEU A 336 32.38 -22.73 -25.72
C LEU A 336 33.78 -23.15 -26.16
N SER A 337 33.99 -24.44 -26.42
CA SER A 337 35.32 -24.94 -26.77
C SER A 337 35.90 -24.17 -27.95
N ASP A 338 35.20 -24.17 -29.09
CA ASP A 338 35.69 -23.50 -30.28
C ASP A 338 35.79 -21.99 -30.08
N MET A 339 34.76 -21.39 -29.48
CA MET A 339 34.76 -19.95 -29.28
C MET A 339 35.98 -19.49 -28.50
N VAL A 340 36.30 -20.20 -27.41
CA VAL A 340 37.42 -19.79 -26.57
C VAL A 340 38.75 -20.15 -27.22
N SER A 341 38.80 -21.24 -27.99
CA SER A 341 40.02 -21.55 -28.72
C SER A 341 40.27 -20.54 -29.84
N HIS A 342 39.20 -20.00 -30.42
CA HIS A 342 39.34 -18.92 -31.39
C HIS A 342 39.82 -17.65 -30.73
N MET A 343 39.55 -17.50 -29.43
CA MET A 343 39.98 -16.36 -28.65
C MET A 343 41.29 -16.65 -27.94
N GLY A 344 42.08 -15.61 -27.75
CA GLY A 344 43.20 -15.72 -26.84
C GLY A 344 42.69 -15.61 -25.42
N ILE A 345 43.56 -15.92 -24.46
CA ILE A 345 43.14 -15.74 -23.08
C ILE A 345 42.89 -14.27 -22.80
N PHE A 346 43.61 -13.39 -23.51
CA PHE A 346 43.28 -11.97 -23.50
C PHE A 346 41.85 -11.74 -23.98
N VAL A 347 41.51 -12.25 -25.17
CA VAL A 347 40.17 -12.08 -25.71
C VAL A 347 39.13 -12.59 -24.73
N VAL A 348 39.40 -13.74 -24.10
CA VAL A 348 38.45 -14.32 -23.16
C VAL A 348 38.24 -13.40 -21.97
N ILE A 349 39.32 -13.10 -21.24
CA ILE A 349 39.21 -12.28 -20.04
C ILE A 349 38.76 -10.86 -20.36
N LEU A 350 38.97 -10.40 -21.59
CA LEU A 350 38.46 -9.08 -21.95
C LEU A 350 36.95 -9.12 -22.18
N VAL A 351 36.46 -10.17 -22.84
CA VAL A 351 35.01 -10.35 -22.97
C VAL A 351 34.39 -10.51 -21.60
N VAL A 352 34.99 -11.35 -20.75
CA VAL A 352 34.47 -11.56 -19.40
C VAL A 352 34.50 -10.26 -18.61
N ALA A 353 35.70 -9.70 -18.40
CA ALA A 353 35.83 -8.46 -17.64
C ALA A 353 34.85 -7.40 -18.13
N THR A 354 34.85 -7.14 -19.44
CA THR A 354 33.91 -6.17 -19.99
C THR A 354 32.47 -6.56 -19.69
N PHE A 355 32.15 -7.85 -19.84
CA PHE A 355 30.77 -8.30 -19.68
C PHE A 355 30.21 -7.95 -18.30
N VAL A 356 31.01 -8.16 -17.25
CA VAL A 356 30.51 -7.91 -15.90
C VAL A 356 30.52 -6.43 -15.57
N VAL A 357 31.63 -5.74 -15.84
CA VAL A 357 31.77 -4.34 -15.45
C VAL A 357 30.57 -3.51 -15.89
N PHE A 358 29.89 -3.91 -16.97
CA PHE A 358 28.65 -3.26 -17.36
C PHE A 358 27.42 -3.97 -16.84
N LEU A 359 27.48 -5.30 -16.68
CA LEU A 359 26.35 -6.02 -16.11
C LEU A 359 26.11 -5.58 -14.66
N THR A 360 27.18 -5.30 -13.92
CA THR A 360 27.03 -4.86 -12.54
C THR A 360 26.32 -3.52 -12.43
N GLU A 361 26.22 -2.77 -13.53
CA GLU A 361 25.47 -1.52 -13.50
C GLU A 361 23.97 -1.77 -13.44
N PHE A 362 23.52 -2.91 -13.96
CA PHE A 362 22.10 -3.21 -14.04
C PHE A 362 21.61 -4.14 -12.93
N ALA A 363 22.51 -4.84 -12.26
CA ALA A 363 22.12 -5.81 -11.24
C ALA A 363 23.00 -5.64 -10.02
N SER A 364 22.58 -6.28 -8.92
CA SER A 364 23.29 -6.19 -7.66
C SER A 364 24.74 -6.63 -7.79
N ASN A 365 25.61 -6.03 -6.97
CA ASN A 365 27.02 -6.44 -6.95
C ASN A 365 27.13 -7.93 -6.67
N THR A 366 26.56 -8.38 -5.55
CA THR A 366 26.69 -9.77 -5.16
C THR A 366 25.83 -10.67 -6.04
N ALA A 367 24.63 -10.20 -6.42
CA ALA A 367 23.76 -10.98 -7.29
C ALA A 367 24.46 -11.34 -8.60
N SER A 368 25.40 -10.50 -9.06
CA SER A 368 26.15 -10.83 -10.26
C SER A 368 27.16 -11.94 -9.99
N ALA A 369 27.90 -11.84 -8.88
CA ALA A 369 28.88 -12.85 -8.54
C ALA A 369 28.22 -14.19 -8.20
N ALA A 370 27.07 -14.16 -7.54
CA ALA A 370 26.41 -15.40 -7.15
C ALA A 370 26.07 -16.27 -8.35
N LEU A 371 25.86 -15.65 -9.52
CA LEU A 371 25.49 -16.39 -10.72
C LEU A 371 26.68 -16.64 -11.66
N LEU A 372 27.58 -15.67 -11.80
CA LEU A 372 28.65 -15.82 -12.78
C LEU A 372 29.83 -16.60 -12.22
N ILE A 373 30.15 -16.41 -10.94
CA ILE A 373 31.27 -17.15 -10.35
C ILE A 373 31.06 -18.66 -10.45
N PRO A 374 29.89 -19.21 -10.15
CA PRO A 374 29.71 -20.67 -10.36
C PRO A 374 29.86 -21.07 -11.82
N VAL A 375 29.15 -20.40 -12.74
CA VAL A 375 29.18 -20.81 -14.14
C VAL A 375 30.61 -20.77 -14.68
N PHE A 376 31.27 -19.62 -14.57
CA PHE A 376 32.59 -19.47 -15.16
C PHE A 376 33.62 -20.32 -14.43
N ALA A 377 33.54 -20.40 -13.10
CA ALA A 377 34.52 -21.18 -12.35
C ALA A 377 34.44 -22.65 -12.70
N THR A 378 33.22 -23.19 -12.77
CA THR A 378 33.06 -24.62 -13.02
C THR A 378 33.37 -24.96 -14.48
N VAL A 379 32.98 -24.09 -15.41
CA VAL A 379 33.33 -24.31 -16.82
C VAL A 379 34.84 -24.20 -17.01
N ALA A 380 35.44 -23.14 -16.46
CA ALA A 380 36.90 -23.02 -16.50
C ALA A 380 37.57 -24.26 -15.95
N GLU A 381 36.93 -24.93 -14.99
CA GLU A 381 37.50 -26.15 -14.42
C GLU A 381 37.39 -27.31 -15.39
N ALA A 382 36.26 -27.43 -16.09
CA ALA A 382 36.12 -28.46 -17.11
C ALA A 382 37.19 -28.32 -18.18
N PHE A 383 37.64 -27.09 -18.45
CA PHE A 383 38.75 -26.86 -19.35
C PHE A 383 40.10 -27.23 -18.74
N GLY A 384 40.12 -27.76 -17.52
CA GLY A 384 41.38 -28.04 -16.85
C GLY A 384 42.17 -26.79 -16.54
N MET A 385 41.49 -25.66 -16.34
CA MET A 385 42.12 -24.39 -16.04
C MET A 385 41.87 -24.02 -14.59
N SER A 386 42.83 -23.33 -13.98
CA SER A 386 42.64 -22.87 -12.61
C SER A 386 41.48 -21.89 -12.57
N PRO A 387 40.38 -22.24 -11.88
CA PRO A 387 39.22 -21.35 -11.84
C PRO A 387 39.43 -20.10 -11.00
N VAL A 388 40.62 -19.88 -10.47
CA VAL A 388 40.88 -18.69 -9.65
C VAL A 388 40.74 -17.42 -10.49
N LEU A 389 41.44 -17.37 -11.63
CA LEU A 389 41.49 -16.14 -12.43
C LEU A 389 40.09 -15.64 -12.78
N LEU A 390 39.33 -16.44 -13.51
CA LEU A 390 37.98 -16.01 -13.90
C LEU A 390 37.13 -15.69 -12.67
N SER A 391 37.23 -16.51 -11.63
CA SER A 391 36.41 -16.28 -10.43
C SER A 391 36.83 -14.99 -9.73
N VAL A 392 38.10 -14.86 -9.38
CA VAL A 392 38.59 -13.62 -8.77
C VAL A 392 38.31 -12.44 -9.68
N LEU A 393 38.55 -12.61 -10.98
CA LEU A 393 38.24 -11.55 -11.95
C LEU A 393 36.77 -11.15 -11.86
N ILE A 394 35.87 -12.12 -12.04
CA ILE A 394 34.43 -11.82 -12.00
C ILE A 394 34.06 -11.14 -10.69
N ALA A 395 34.57 -11.66 -9.57
CA ALA A 395 34.21 -11.10 -8.28
C ALA A 395 34.68 -9.65 -8.14
N VAL A 396 35.79 -9.30 -8.78
CA VAL A 396 36.28 -7.92 -8.71
C VAL A 396 35.47 -7.01 -9.61
N ALA A 397 35.36 -7.37 -10.89
CA ALA A 397 34.59 -6.54 -11.82
C ALA A 397 33.13 -6.42 -11.40
N ALA A 398 32.64 -7.33 -10.56
CA ALA A 398 31.27 -7.23 -10.08
C ALA A 398 31.08 -5.98 -9.22
N SER A 399 32.11 -5.56 -8.49
CA SER A 399 32.05 -4.39 -7.64
C SER A 399 32.39 -3.11 -8.37
N CYS A 400 32.32 -3.12 -9.70
CA CYS A 400 32.63 -1.92 -10.50
C CYS A 400 31.36 -1.29 -11.04
N ALA A 401 30.45 -0.92 -10.16
CA ALA A 401 29.20 -0.24 -10.51
C ALA A 401 29.38 1.24 -10.22
N PHE A 402 29.53 2.03 -11.27
CA PHE A 402 29.83 3.46 -11.13
C PHE A 402 28.95 4.37 -11.97
N MET A 403 28.09 3.82 -12.83
CA MET A 403 27.26 4.64 -13.70
C MET A 403 25.97 5.04 -12.99
N LEU A 404 24.83 4.73 -13.59
CA LEU A 404 23.54 5.13 -13.04
C LEU A 404 23.44 4.72 -11.57
N PRO A 405 22.48 5.25 -10.82
CA PRO A 405 22.27 4.74 -9.47
C PRO A 405 21.75 3.31 -9.53
N VAL A 406 21.18 2.82 -8.44
CA VAL A 406 20.64 1.45 -8.34
C VAL A 406 21.69 0.41 -8.73
N ALA A 407 22.91 0.85 -9.06
CA ALA A 407 24.00 -0.10 -9.27
C ALA A 407 24.51 -0.66 -7.94
N THR A 408 24.81 0.23 -7.00
CA THR A 408 25.22 -0.12 -5.66
C THR A 408 24.56 0.85 -4.69
N PRO A 409 24.24 0.41 -3.48
CA PRO A 409 23.60 1.31 -2.52
C PRO A 409 24.41 2.56 -2.31
N PRO A 410 25.73 2.46 -2.14
CA PRO A 410 26.55 3.68 -2.06
C PRO A 410 26.27 4.64 -3.21
N ASN A 411 26.02 4.12 -4.41
CA ASN A 411 25.60 4.98 -5.51
C ASN A 411 24.25 5.61 -5.21
N ALA A 412 23.25 4.78 -4.86
CA ALA A 412 21.93 5.28 -4.52
C ALA A 412 21.92 6.05 -3.21
N ILE A 413 22.96 5.92 -2.39
CA ILE A 413 23.01 6.67 -1.14
C ILE A 413 23.34 8.13 -1.41
N VAL A 414 24.46 8.38 -2.09
CA VAL A 414 24.81 9.75 -2.48
C VAL A 414 23.90 10.28 -3.56
N PHE A 415 23.11 9.42 -4.20
CA PHE A 415 22.17 9.87 -5.22
C PHE A 415 20.87 10.36 -4.58
N ALA A 416 20.44 9.73 -3.50
CA ALA A 416 19.25 10.17 -2.78
C ALA A 416 19.39 11.57 -2.21
N SER A 417 20.57 12.18 -2.30
CA SER A 417 20.77 13.56 -1.87
C SER A 417 19.95 14.53 -2.71
N GLY A 418 19.24 14.02 -3.71
CA GLY A 418 18.38 14.86 -4.52
C GLY A 418 19.13 15.99 -5.19
N HIS A 419 20.32 15.71 -5.72
CA HIS A 419 21.13 16.74 -6.35
C HIS A 419 21.88 16.19 -7.56
N ILE A 420 22.50 15.02 -7.42
CA ILE A 420 23.31 14.47 -8.50
C ILE A 420 22.38 13.96 -9.60
N LYS A 421 22.64 14.42 -10.82
CA LYS A 421 21.76 14.09 -11.94
C LYS A 421 22.05 12.68 -12.45
N GLN A 422 20.99 12.01 -12.89
CA GLN A 422 21.14 10.69 -13.51
C GLN A 422 22.22 10.71 -14.58
N SER A 423 22.12 11.68 -15.50
CA SER A 423 23.07 11.76 -16.60
C SER A 423 24.49 12.02 -16.10
N GLU A 424 24.64 12.89 -15.10
CA GLU A 424 25.97 13.21 -14.59
C GLU A 424 26.69 11.95 -14.14
N MET A 425 26.03 11.12 -13.34
CA MET A 425 26.66 9.90 -12.86
C MET A 425 26.83 8.90 -13.99
N MET A 426 25.83 8.80 -14.87
CA MET A 426 25.85 7.80 -15.93
C MET A 426 27.04 7.97 -16.87
N ARG A 427 27.64 9.16 -16.96
CA ARG A 427 28.75 9.35 -17.88
C ARG A 427 30.10 9.41 -17.18
N VAL A 428 30.13 9.75 -15.90
CA VAL A 428 31.37 9.57 -15.14
C VAL A 428 31.62 8.08 -14.92
N GLY A 429 30.55 7.32 -14.66
CA GLY A 429 30.70 5.88 -14.54
C GLY A 429 30.99 5.22 -15.87
N LEU A 430 30.41 5.76 -16.96
CA LEU A 430 30.74 5.24 -18.29
C LEU A 430 32.21 5.41 -18.59
N TYR A 431 32.86 6.41 -17.98
CA TYR A 431 34.30 6.56 -18.11
C TYR A 431 35.03 5.60 -17.17
N LEU A 432 34.56 5.48 -15.93
CA LEU A 432 35.20 4.59 -14.98
C LEU A 432 35.06 3.12 -15.42
N ASN A 433 33.89 2.75 -15.94
CA ASN A 433 33.70 1.37 -16.40
C ASN A 433 34.73 0.99 -17.46
N ILE A 434 34.83 1.77 -18.52
CA ILE A 434 35.85 1.52 -19.54
C ILE A 434 37.23 1.55 -18.91
N ALA A 435 37.46 2.51 -18.00
CA ALA A 435 38.74 2.59 -17.31
C ALA A 435 39.05 1.30 -16.56
N CYS A 436 38.04 0.71 -15.93
CA CYS A 436 38.27 -0.51 -15.15
C CYS A 436 38.47 -1.72 -16.05
N ILE A 437 37.67 -1.85 -17.11
CA ILE A 437 37.85 -2.97 -18.04
C ILE A 437 39.30 -3.08 -18.49
N GLY A 438 39.96 -1.93 -18.67
CA GLY A 438 41.38 -1.93 -18.95
C GLY A 438 42.22 -2.39 -17.77
N LEU A 439 42.09 -1.69 -16.65
CA LEU A 439 42.88 -2.02 -15.46
C LEU A 439 42.72 -3.48 -15.07
N LEU A 440 41.48 -3.98 -15.06
CA LEU A 440 41.23 -5.36 -14.69
C LEU A 440 41.93 -6.31 -15.66
N THR A 441 41.59 -6.22 -16.94
CA THR A 441 42.25 -7.06 -17.94
C THR A 441 43.75 -6.88 -17.90
N ALA A 442 44.22 -5.65 -17.66
CA ALA A 442 45.65 -5.41 -17.50
C ALA A 442 46.23 -6.26 -16.37
N ILE A 443 45.74 -6.07 -15.15
CA ILE A 443 46.25 -6.83 -14.01
C ILE A 443 45.97 -8.31 -14.19
N ALA A 444 44.77 -8.64 -14.69
CA ALA A 444 44.43 -10.05 -14.89
C ALA A 444 45.42 -10.75 -15.82
N MET A 445 45.93 -10.03 -16.82
CA MET A 445 46.94 -10.62 -17.71
C MET A 445 48.28 -10.77 -17.01
N LEU A 446 48.68 -9.76 -16.21
CA LEU A 446 49.95 -9.85 -15.50
C LEU A 446 49.96 -11.00 -14.51
N PHE A 447 48.89 -11.15 -13.73
CA PHE A 447 48.75 -12.27 -12.81
C PHE A 447 48.53 -13.59 -13.56
N TRP A 448 49.52 -14.02 -14.34
CA TRP A 448 49.42 -15.30 -15.03
C TRP A 448 50.66 -16.14 -14.82
N GLN A 449 51.82 -15.59 -15.16
CA GLN A 449 53.09 -16.27 -14.92
C GLN A 449 54.19 -15.25 -14.56
N HIS B 6 34.36 -8.39 36.51
CA HIS B 6 32.94 -8.70 36.49
C HIS B 6 32.69 -10.15 36.91
N ARG B 7 31.46 -10.45 37.32
CA ARG B 7 31.11 -11.81 37.72
C ARG B 7 31.38 -12.80 36.59
N ASN B 8 30.76 -12.57 35.43
CA ASN B 8 30.83 -13.56 34.35
C ASN B 8 32.26 -13.73 33.85
N SER B 9 33.03 -12.63 33.79
CA SER B 9 34.42 -12.77 33.41
C SER B 9 35.16 -13.69 34.38
N LEU B 10 34.68 -13.77 35.62
CA LEU B 10 35.27 -14.68 36.61
C LEU B 10 34.76 -16.09 36.42
N ILE B 11 33.43 -16.26 36.29
CA ILE B 11 32.87 -17.58 36.00
C ILE B 11 33.61 -18.22 34.84
N VAL B 12 33.92 -17.44 33.81
CA VAL B 12 34.72 -17.94 32.70
C VAL B 12 36.10 -18.34 33.20
N LEU B 13 36.74 -17.46 33.97
CA LEU B 13 38.07 -17.77 34.49
C LEU B 13 38.03 -18.98 35.42
N ALA B 14 37.04 -19.04 36.31
CA ALA B 14 36.88 -20.22 37.15
C ALA B 14 36.61 -21.46 36.30
N ASP B 15 35.86 -21.29 35.22
CA ASP B 15 35.59 -22.42 34.33
C ASP B 15 36.83 -22.81 33.54
N VAL B 16 37.61 -21.82 33.08
CA VAL B 16 38.86 -22.10 32.38
C VAL B 16 39.78 -22.92 33.28
N ALA B 17 39.90 -22.54 34.55
CA ALA B 17 40.72 -23.31 35.48
C ALA B 17 40.18 -24.73 35.63
N LEU B 18 38.87 -24.86 35.84
CA LEU B 18 38.26 -26.19 35.96
C LEU B 18 38.66 -27.09 34.80
N PHE B 19 38.62 -26.57 33.57
CA PHE B 19 39.01 -27.37 32.42
C PHE B 19 40.48 -27.79 32.51
N LEU B 20 41.38 -26.82 32.69
CA LEU B 20 42.79 -27.13 32.83
C LEU B 20 43.03 -28.16 33.93
N ALA B 21 42.32 -28.02 35.06
CA ALA B 21 42.46 -29.00 36.14
C ALA B 21 42.02 -30.37 35.69
N LEU B 22 40.75 -30.51 35.29
CA LEU B 22 40.25 -31.79 34.78
C LEU B 22 41.16 -32.34 33.69
N TYR B 23 41.72 -31.47 32.86
CA TYR B 23 42.49 -31.91 31.70
C TYR B 23 43.76 -32.65 32.12
N HIS B 24 44.54 -32.05 33.03
CA HIS B 24 45.83 -32.62 33.40
C HIS B 24 45.73 -33.71 34.46
N PHE B 25 44.61 -33.79 35.19
CA PHE B 25 44.52 -34.63 36.38
C PHE B 25 43.65 -35.86 36.22
N LEU B 26 42.71 -35.88 35.29
CA LEU B 26 41.87 -37.05 35.12
C LEU B 26 42.72 -38.25 34.70
N PRO B 27 42.49 -39.42 35.28
CA PRO B 27 43.33 -40.58 34.97
C PRO B 27 42.64 -41.58 34.04
N PHE B 28 42.35 -41.17 32.81
CA PHE B 28 41.73 -42.06 31.84
C PHE B 28 42.39 -41.90 30.49
N GLU B 29 41.99 -42.76 29.55
CA GLU B 29 42.42 -42.64 28.17
C GLU B 29 42.18 -41.23 27.65
N HIS B 30 43.17 -40.69 26.93
CA HIS B 30 43.17 -39.28 26.58
C HIS B 30 41.86 -38.82 25.94
N ASN B 31 41.26 -39.66 25.10
CA ASN B 31 39.99 -39.28 24.47
C ASN B 31 38.94 -38.95 25.51
N VAL B 32 38.82 -39.79 26.54
CA VAL B 32 37.85 -39.54 27.59
C VAL B 32 38.21 -38.28 28.37
N VAL B 33 39.50 -38.07 28.64
CA VAL B 33 39.91 -36.87 29.35
C VAL B 33 39.46 -35.61 28.60
N LEU B 34 39.67 -35.60 27.28
CA LEU B 34 39.28 -34.44 26.48
C LEU B 34 37.77 -34.23 26.52
N GLY B 35 37.02 -35.29 26.18
CA GLY B 35 35.57 -35.18 26.19
C GLY B 35 35.01 -34.79 27.55
N ILE B 36 35.61 -35.32 28.62
CA ILE B 36 35.15 -34.98 29.97
C ILE B 36 35.41 -33.51 30.26
N SER B 37 36.66 -33.06 30.08
CA SER B 37 37.00 -31.67 30.33
C SER B 37 36.09 -30.73 29.55
N MET B 38 35.91 -31.00 28.25
CA MET B 38 35.06 -30.13 27.43
C MET B 38 33.62 -30.09 27.94
N LEU B 39 33.02 -31.26 28.17
CA LEU B 39 31.63 -31.31 28.60
C LEU B 39 31.42 -30.47 29.85
N ALA B 40 32.35 -30.53 30.80
CA ALA B 40 32.26 -29.68 31.99
C ALA B 40 32.35 -28.21 31.62
N PHE B 41 33.39 -27.84 30.87
CA PHE B 41 33.57 -26.46 30.45
C PHE B 41 32.30 -25.88 29.84
N ILE B 42 31.77 -26.55 28.81
CA ILE B 42 30.57 -26.05 28.13
C ILE B 42 29.37 -26.00 29.08
N ALA B 43 29.21 -27.04 29.90
CA ALA B 43 28.07 -27.09 30.81
C ALA B 43 28.00 -25.83 31.68
N VAL B 44 29.15 -25.38 32.19
CA VAL B 44 29.18 -24.15 32.99
C VAL B 44 28.77 -22.96 32.13
N LEU B 45 29.49 -22.73 31.03
CA LEU B 45 29.24 -21.55 30.20
C LEU B 45 27.79 -21.48 29.74
N TRP B 46 27.10 -22.62 29.63
CA TRP B 46 25.72 -22.61 29.18
C TRP B 46 24.73 -22.49 30.33
N LEU B 47 25.05 -23.07 31.48
CA LEU B 47 24.15 -22.96 32.62
C LEU B 47 24.36 -21.63 33.35
N THR B 48 25.61 -21.24 33.57
CA THR B 48 25.86 -19.92 34.16
C THR B 48 25.56 -18.81 33.17
N GLU B 49 25.79 -19.06 31.88
CA GLU B 49 25.56 -18.08 30.82
C GLU B 49 26.46 -16.86 30.99
N ALA B 50 27.65 -17.06 31.59
CA ALA B 50 28.65 -16.01 31.62
C ALA B 50 28.93 -15.49 30.21
N LEU B 51 28.95 -16.39 29.23
CA LEU B 51 29.00 -16.04 27.83
C LEU B 51 27.67 -16.37 27.17
N HIS B 52 27.33 -15.59 26.14
CA HIS B 52 26.07 -15.81 25.44
C HIS B 52 25.98 -17.24 24.94
N VAL B 53 24.82 -17.86 25.17
CA VAL B 53 24.50 -19.20 24.67
C VAL B 53 25.12 -19.41 23.31
N THR B 54 24.87 -18.48 22.38
CA THR B 54 25.38 -18.64 21.01
C THR B 54 26.88 -18.48 20.96
N VAL B 55 27.45 -17.59 21.77
CA VAL B 55 28.90 -17.45 21.81
C VAL B 55 29.52 -18.77 22.28
N THR B 56 28.91 -19.39 23.29
CA THR B 56 29.37 -20.71 23.71
C THR B 56 29.15 -21.74 22.60
N ALA B 57 28.05 -21.62 21.88
CA ALA B 57 27.78 -22.53 20.77
C ALA B 57 28.88 -22.44 19.72
N ILE B 58 29.26 -21.21 19.33
CA ILE B 58 30.36 -21.04 18.40
C ILE B 58 31.67 -21.53 18.98
N LEU B 59 31.79 -21.55 20.31
CA LEU B 59 33.02 -22.02 20.95
C LEU B 59 33.18 -23.53 20.83
N VAL B 60 32.08 -24.27 20.74
CA VAL B 60 32.13 -25.72 20.67
C VAL B 60 32.97 -26.15 19.46
N PRO B 61 32.61 -25.73 18.24
CA PRO B 61 33.36 -26.19 17.08
C PRO B 61 34.80 -25.72 17.08
N VAL B 62 35.04 -24.45 17.42
CA VAL B 62 36.40 -23.92 17.45
C VAL B 62 37.28 -24.69 18.43
N MET B 63 36.69 -25.33 19.43
CA MET B 63 37.45 -26.21 20.32
C MET B 63 37.78 -27.54 19.64
N ALA B 64 36.73 -28.30 19.28
CA ALA B 64 36.94 -29.59 18.65
C ALA B 64 37.95 -29.53 17.51
N VAL B 65 37.95 -28.41 16.77
CA VAL B 65 38.84 -28.29 15.62
C VAL B 65 40.29 -28.15 16.08
N PHE B 66 40.54 -27.32 17.09
CA PHE B 66 41.91 -27.11 17.53
C PHE B 66 42.46 -28.30 18.30
N PHE B 67 41.60 -29.01 19.05
CA PHE B 67 42.02 -30.20 19.77
C PHE B 67 41.86 -31.48 18.95
N GLY B 68 41.94 -31.38 17.62
CA GLY B 68 42.03 -32.56 16.77
C GLY B 68 40.86 -33.52 16.77
N ILE B 69 39.75 -33.15 17.40
CA ILE B 69 38.59 -34.04 17.40
C ILE B 69 37.96 -34.12 16.02
N PHE B 70 37.81 -32.98 15.34
CA PHE B 70 37.23 -32.93 14.00
C PHE B 70 38.03 -31.94 13.16
N GLU B 71 37.74 -31.94 11.86
CA GLU B 71 38.28 -30.93 10.96
C GLU B 71 37.30 -29.76 10.81
N THR B 72 37.85 -28.58 10.57
CA THR B 72 37.06 -27.35 10.62
C THR B 72 35.74 -27.49 9.87
N GLN B 73 35.80 -27.90 8.60
CA GLN B 73 34.59 -27.95 7.80
C GLN B 73 33.63 -29.01 8.33
N ALA B 74 34.15 -30.14 8.81
CA ALA B 74 33.29 -31.18 9.36
C ALA B 74 32.55 -30.68 10.59
N ALA B 75 33.23 -29.90 11.44
CA ALA B 75 32.59 -29.36 12.63
C ALA B 75 31.48 -28.38 12.26
N LEU B 76 31.79 -27.42 11.39
CA LEU B 76 30.82 -26.41 11.00
C LEU B 76 29.58 -27.04 10.35
N ASN B 77 29.75 -28.14 9.62
CA ASN B 77 28.63 -28.74 8.91
C ASN B 77 27.45 -29.06 9.82
N ASN B 78 27.68 -29.13 11.14
CA ASN B 78 26.57 -29.33 12.07
C ASN B 78 25.60 -28.15 12.03
N PHE B 79 26.10 -26.95 11.79
CA PHE B 79 25.28 -25.75 11.80
C PHE B 79 24.33 -25.67 10.61
N ALA B 80 24.35 -26.66 9.71
CA ALA B 80 23.46 -26.69 8.56
C ALA B 80 22.48 -27.87 8.63
N ASN B 81 22.28 -28.43 9.82
CA ASN B 81 21.36 -29.56 9.94
C ASN B 81 19.97 -29.15 9.49
N SER B 82 19.23 -30.12 8.94
CA SER B 82 17.92 -29.80 8.35
C SER B 82 16.96 -29.20 9.36
N ILE B 83 17.10 -29.55 10.65
CA ILE B 83 16.19 -28.99 11.65
C ILE B 83 16.39 -27.50 11.79
N ILE B 84 17.66 -27.05 11.75
CA ILE B 84 17.92 -25.60 11.80
C ILE B 84 17.08 -24.88 10.76
N PHE B 85 17.08 -25.39 9.52
CA PHE B 85 16.29 -24.76 8.48
C PHE B 85 14.80 -24.99 8.68
N LEU B 86 14.42 -26.14 9.24
CA LEU B 86 13.03 -26.35 9.61
C LEU B 86 12.59 -25.36 10.69
N PHE B 87 13.50 -25.04 11.61
CA PHE B 87 13.20 -24.03 12.62
C PHE B 87 13.21 -22.63 12.01
N LEU B 88 14.19 -22.35 11.15
CA LEU B 88 14.20 -21.08 10.44
C LEU B 88 12.97 -20.92 9.59
N GLY B 89 12.44 -22.02 9.04
CA GLY B 89 11.18 -21.94 8.33
C GLY B 89 10.04 -21.57 9.27
N GLY B 90 10.06 -22.09 10.49
CA GLY B 90 9.07 -21.68 11.48
C GLY B 90 9.20 -20.23 11.87
N PHE B 91 10.42 -19.69 11.82
CA PHE B 91 10.61 -18.27 12.14
C PHE B 91 9.97 -17.38 11.10
N ALA B 92 10.23 -17.65 9.82
CA ALA B 92 9.61 -16.88 8.76
C ALA B 92 8.09 -17.06 8.76
N LEU B 93 7.62 -18.25 9.09
CA LEU B 93 6.17 -18.46 9.18
C LEU B 93 5.57 -17.64 10.32
N ALA B 94 6.30 -17.47 11.41
CA ALA B 94 5.84 -16.61 12.49
C ALA B 94 5.95 -15.14 12.11
N ALA B 95 7.15 -14.72 11.71
CA ALA B 95 7.35 -13.33 11.27
C ALA B 95 6.29 -12.87 10.29
N ALA B 96 5.80 -13.78 9.45
CA ALA B 96 4.77 -13.41 8.47
C ALA B 96 3.48 -12.97 9.16
N MET B 97 2.90 -13.85 9.97
CA MET B 97 1.60 -13.54 10.58
C MET B 97 1.69 -12.51 11.70
N HIS B 98 2.87 -12.05 12.08
CA HIS B 98 2.94 -10.92 13.00
C HIS B 98 2.96 -9.59 12.26
N HIS B 99 3.86 -9.42 11.28
CA HIS B 99 3.85 -8.22 10.46
C HIS B 99 2.52 -8.07 9.72
N GLN B 100 1.88 -9.19 9.38
CA GLN B 100 0.55 -9.14 8.77
C GLN B 100 -0.55 -8.84 9.77
N GLY B 101 -0.32 -9.09 11.06
CA GLY B 101 -1.35 -8.94 12.05
C GLY B 101 -2.29 -10.11 12.21
N LEU B 102 -2.00 -11.26 11.59
CA LEU B 102 -2.89 -12.40 11.73
C LEU B 102 -2.97 -12.90 13.17
N ASP B 103 -2.03 -12.47 14.02
CA ASP B 103 -2.09 -12.80 15.43
C ASP B 103 -3.05 -11.86 16.15
N LYS B 104 -3.04 -10.58 15.78
CA LYS B 104 -3.97 -9.62 16.39
C LYS B 104 -5.41 -10.00 16.11
N VAL B 105 -5.75 -10.21 14.83
CA VAL B 105 -7.12 -10.53 14.46
C VAL B 105 -7.57 -11.85 15.10
N ILE B 106 -6.63 -12.76 15.35
CA ILE B 106 -6.99 -14.00 16.01
C ILE B 106 -7.34 -13.76 17.47
N ALA B 107 -6.75 -12.72 18.09
CA ALA B 107 -7.08 -12.44 19.49
C ALA B 107 -8.42 -11.72 19.62
N ASP B 108 -8.69 -10.73 18.77
CA ASP B 108 -9.94 -10.00 18.87
C ASP B 108 -11.13 -10.88 18.52
N LYS B 109 -11.14 -11.46 17.32
CA LYS B 109 -12.27 -12.27 16.89
C LYS B 109 -12.60 -13.35 17.91
N VAL B 110 -11.60 -13.88 18.59
CA VAL B 110 -11.84 -14.89 19.63
C VAL B 110 -12.14 -14.23 20.97
N LEU B 111 -11.41 -13.17 21.33
CA LEU B 111 -11.64 -12.52 22.61
C LEU B 111 -12.96 -11.78 22.64
N ALA B 112 -13.47 -11.38 21.46
CA ALA B 112 -14.79 -10.78 21.39
C ALA B 112 -15.89 -11.83 21.38
N MET B 113 -15.54 -13.08 21.08
CA MET B 113 -16.51 -14.16 21.20
C MET B 113 -17.08 -14.19 22.60
N ALA B 114 -16.26 -13.89 23.60
CA ALA B 114 -16.73 -13.56 24.93
C ALA B 114 -17.29 -12.14 24.91
N GLN B 115 -18.58 -12.00 25.19
CA GLN B 115 -19.24 -10.71 24.98
C GLN B 115 -18.66 -9.63 25.89
N GLY B 116 -18.49 -9.94 27.17
CA GLY B 116 -17.95 -8.98 28.10
C GLY B 116 -17.67 -9.52 29.48
N LYS B 117 -17.30 -10.79 29.58
CA LYS B 117 -17.15 -11.47 30.86
C LYS B 117 -15.67 -11.74 31.12
N MET B 118 -15.20 -11.28 32.28
CA MET B 118 -13.84 -11.61 32.69
C MET B 118 -13.68 -13.11 32.91
N SER B 119 -14.78 -13.80 33.22
CA SER B 119 -14.72 -15.25 33.41
C SER B 119 -14.40 -15.97 32.11
N VAL B 120 -15.15 -15.67 31.04
CA VAL B 120 -14.86 -16.27 29.74
C VAL B 120 -13.80 -15.50 28.97
N ALA B 121 -13.39 -14.33 29.45
CA ALA B 121 -12.32 -13.58 28.80
C ALA B 121 -10.97 -14.22 29.09
N VAL B 122 -10.59 -14.27 30.37
CA VAL B 122 -9.28 -14.79 30.76
C VAL B 122 -9.13 -16.24 30.31
N PHE B 123 -10.19 -17.03 30.43
CA PHE B 123 -10.14 -18.41 29.94
C PHE B 123 -9.89 -18.45 28.43
N MET B 124 -10.25 -17.37 27.73
CA MET B 124 -9.92 -17.22 26.32
C MET B 124 -8.54 -16.62 26.12
N LEU B 125 -8.07 -15.80 27.05
CA LEU B 125 -6.71 -15.27 26.95
C LEU B 125 -5.68 -16.38 27.05
N PHE B 126 -5.92 -17.37 27.91
CA PHE B 126 -4.99 -18.49 28.04
C PHE B 126 -5.00 -19.36 26.79
N GLY B 127 -6.19 -19.76 26.35
CA GLY B 127 -6.29 -20.64 25.19
C GLY B 127 -5.67 -20.04 23.95
N VAL B 128 -5.68 -18.71 23.83
CA VAL B 128 -5.10 -18.06 22.67
C VAL B 128 -3.58 -17.95 22.82
N THR B 129 -3.10 -17.58 24.01
CA THR B 129 -1.66 -17.50 24.23
C THR B 129 -1.00 -18.85 23.95
N ALA B 130 -1.61 -19.94 24.39
CA ALA B 130 -1.04 -21.26 24.13
C ALA B 130 -1.14 -21.62 22.65
N LEU B 131 -2.30 -21.37 22.04
CA LEU B 131 -2.47 -21.67 20.63
C LEU B 131 -1.46 -20.90 19.78
N LEU B 132 -1.16 -19.66 20.17
CA LEU B 132 -0.22 -18.85 19.40
C LEU B 132 1.21 -19.29 19.61
N SER B 133 1.55 -19.84 20.79
CA SER B 133 2.90 -20.32 21.02
C SER B 133 3.22 -21.57 20.20
N MET B 134 2.20 -22.30 19.74
CA MET B 134 2.43 -23.49 18.94
C MET B 134 3.26 -23.19 17.69
N TRP B 135 3.19 -21.96 17.18
CA TRP B 135 3.77 -21.68 15.87
C TRP B 135 4.72 -20.49 15.90
N ILE B 136 4.47 -19.53 16.79
CA ILE B 136 5.22 -18.29 16.80
C ILE B 136 6.47 -18.44 17.67
N SER B 137 6.26 -18.51 18.98
CA SER B 137 7.39 -18.57 19.91
C SER B 137 6.88 -18.72 21.34
N ASN B 138 7.74 -18.41 22.31
CA ASN B 138 7.31 -18.29 23.69
C ASN B 138 7.60 -16.89 24.24
N THR B 139 8.84 -16.43 24.17
CA THR B 139 9.15 -15.06 24.56
C THR B 139 8.36 -14.05 23.72
N ALA B 140 8.21 -14.33 22.43
CA ALA B 140 7.52 -13.38 21.55
C ALA B 140 6.03 -13.34 21.82
N THR B 141 5.41 -14.50 22.05
CA THR B 141 3.97 -14.54 22.30
C THR B 141 3.61 -13.82 23.59
N ALA B 142 4.50 -13.82 24.58
CA ALA B 142 4.22 -13.15 25.84
C ALA B 142 4.12 -11.64 25.66
N ALA B 143 5.15 -11.04 25.06
CA ALA B 143 5.13 -9.59 24.87
C ALA B 143 3.93 -9.15 24.05
N MET B 144 3.47 -9.98 23.11
CA MET B 144 2.30 -9.62 22.31
C MET B 144 1.02 -9.71 23.12
N MET B 145 0.98 -10.55 24.15
CA MET B 145 -0.22 -10.71 24.96
C MET B 145 -0.33 -9.71 26.10
N LEU B 146 0.80 -9.26 26.64
CA LEU B 146 0.78 -8.40 27.84
C LEU B 146 -0.13 -7.19 27.68
N PRO B 147 0.00 -6.35 26.64
CA PRO B 147 -0.94 -5.24 26.50
C PRO B 147 -2.39 -5.68 26.41
N LEU B 148 -2.66 -6.81 25.77
CA LEU B 148 -4.04 -7.28 25.68
C LEU B 148 -4.57 -7.75 27.02
N VAL B 149 -3.69 -8.19 27.92
CA VAL B 149 -4.13 -8.57 29.26
C VAL B 149 -4.28 -7.34 30.14
N LEU B 150 -3.27 -6.45 30.12
CA LEU B 150 -3.37 -5.22 30.88
C LEU B 150 -4.55 -4.38 30.42
N GLY B 151 -4.92 -4.47 29.15
CA GLY B 151 -6.10 -3.76 28.68
C GLY B 151 -7.36 -4.30 29.32
N VAL B 152 -7.49 -5.63 29.36
CA VAL B 152 -8.66 -6.24 29.99
C VAL B 152 -8.62 -6.03 31.50
N LEU B 153 -7.45 -6.17 32.11
CA LEU B 153 -7.31 -5.99 33.55
C LEU B 153 -7.17 -4.52 33.92
N SER B 154 -8.10 -3.70 33.46
CA SER B 154 -8.19 -2.30 33.86
C SER B 154 -9.56 -1.91 34.39
N LYS B 155 -10.62 -2.65 34.04
CA LYS B 155 -11.93 -2.40 34.65
C LYS B 155 -11.86 -2.66 36.15
N VAL B 156 -11.32 -3.81 36.54
CA VAL B 156 -11.03 -4.07 37.94
C VAL B 156 -9.62 -3.56 38.19
N ASP B 157 -9.47 -2.24 38.19
CA ASP B 157 -8.17 -1.59 38.25
C ASP B 157 -7.65 -1.40 39.67
N ALA B 158 -8.39 -1.86 40.68
CA ALA B 158 -7.91 -1.72 42.06
C ALA B 158 -6.73 -2.67 42.26
N ASP B 159 -5.55 -2.11 42.52
CA ASP B 159 -4.39 -2.94 42.82
C ASP B 159 -4.63 -3.73 44.10
N LYS B 160 -5.24 -3.11 45.11
CA LYS B 160 -5.66 -3.80 46.32
C LYS B 160 -6.61 -4.95 45.99
N GLN B 161 -6.98 -5.09 44.71
CA GLN B 161 -7.65 -6.28 44.21
C GLN B 161 -6.66 -7.09 43.36
N ARG B 162 -5.49 -7.37 43.93
CA ARG B 162 -4.38 -7.97 43.18
C ARG B 162 -4.76 -9.31 42.59
N SER B 163 -5.09 -10.27 43.45
CA SER B 163 -5.26 -11.67 43.03
C SER B 163 -6.20 -11.81 41.83
N THR B 164 -7.15 -10.89 41.67
CA THR B 164 -7.98 -10.87 40.48
C THR B 164 -7.17 -10.50 39.24
N TYR B 165 -6.00 -9.92 39.43
CA TYR B 165 -5.21 -9.34 38.35
C TYR B 165 -3.82 -9.95 38.24
N VAL B 166 -3.49 -10.93 39.10
CA VAL B 166 -2.26 -11.70 38.98
C VAL B 166 -2.55 -13.08 38.40
N PHE B 167 -3.74 -13.61 38.68
CA PHE B 167 -4.13 -14.89 38.09
C PHE B 167 -4.13 -14.84 36.56
N VAL B 168 -4.48 -13.69 35.99
CA VAL B 168 -4.50 -13.58 34.53
C VAL B 168 -3.11 -13.29 33.98
N LEU B 169 -2.24 -12.65 34.78
CA LEU B 169 -0.89 -12.38 34.33
C LEU B 169 -0.03 -13.65 34.36
N LEU B 170 -0.05 -14.35 35.49
CA LEU B 170 0.68 -15.61 35.59
C LEU B 170 0.07 -16.71 34.73
N GLY B 171 -1.23 -16.62 34.43
CA GLY B 171 -1.86 -17.65 33.63
C GLY B 171 -1.37 -17.69 32.20
N VAL B 172 -1.22 -16.52 31.57
CA VAL B 172 -0.77 -16.49 30.18
C VAL B 172 0.72 -16.79 30.10
N ALA B 173 1.50 -16.26 31.05
CA ALA B 173 2.94 -16.53 31.05
C ALA B 173 3.23 -18.02 31.08
N TYR B 174 2.32 -18.82 31.64
CA TYR B 174 2.47 -20.27 31.63
C TYR B 174 1.89 -20.89 30.37
N SER B 175 0.78 -20.35 29.86
CA SER B 175 0.20 -20.89 28.63
C SER B 175 1.11 -20.68 27.43
N ALA B 176 1.93 -19.63 27.45
CA ALA B 176 2.91 -19.44 26.39
C ALA B 176 3.98 -20.51 26.44
N SER B 177 4.36 -20.95 27.65
CA SER B 177 5.35 -22.01 27.80
C SER B 177 4.74 -23.38 27.53
N ILE B 178 3.48 -23.58 27.92
CA ILE B 178 2.83 -24.86 27.62
C ILE B 178 2.55 -24.95 26.13
N GLY B 179 2.30 -23.83 25.47
CA GLY B 179 2.06 -23.85 24.03
C GLY B 179 3.27 -24.26 23.24
N GLY B 180 4.47 -23.88 23.69
CA GLY B 180 5.68 -24.25 22.99
C GLY B 180 6.01 -25.72 23.05
N ILE B 181 5.23 -26.50 23.80
CA ILE B 181 5.42 -27.94 23.91
C ILE B 181 4.50 -28.71 22.99
N ALA B 182 3.81 -28.02 22.07
CA ALA B 182 2.84 -28.67 21.20
C ALA B 182 3.43 -29.09 19.86
N THR B 183 4.32 -28.28 19.28
CA THR B 183 4.83 -28.55 17.94
C THR B 183 6.35 -28.46 17.93
N LEU B 184 6.94 -29.00 16.85
CA LEU B 184 8.40 -28.94 16.71
C LEU B 184 8.88 -27.50 16.65
N VAL B 185 8.10 -26.61 16.06
CA VAL B 185 8.31 -25.17 16.17
C VAL B 185 7.57 -24.67 17.40
N GLY B 186 8.20 -23.76 18.13
CA GLY B 186 7.63 -23.26 19.37
C GLY B 186 8.68 -22.92 20.40
N SER B 187 9.53 -23.90 20.73
CA SER B 187 10.64 -23.68 21.63
C SER B 187 11.86 -24.42 21.11
N PRO B 188 13.03 -23.80 21.16
CA PRO B 188 14.25 -24.43 20.65
C PRO B 188 14.43 -25.83 21.21
N PRO B 189 14.17 -26.05 22.51
CA PRO B 189 14.33 -27.40 23.07
C PRO B 189 13.70 -28.49 22.21
N ASN B 190 12.50 -28.24 21.68
CA ASN B 190 11.87 -29.22 20.80
C ASN B 190 12.76 -29.50 19.59
N ALA B 191 13.28 -28.44 18.96
CA ALA B 191 14.16 -28.62 17.82
C ALA B 191 15.46 -29.30 18.23
N ILE B 192 15.95 -29.03 19.43
CA ILE B 192 17.19 -29.67 19.90
C ILE B 192 16.98 -31.17 20.03
N ALA B 193 15.83 -31.58 20.58
CA ALA B 193 15.50 -33.00 20.65
C ALA B 193 15.32 -33.59 19.26
N ALA B 194 14.50 -32.94 18.42
CA ALA B 194 14.25 -33.46 17.08
C ALA B 194 15.53 -33.57 16.28
N ALA B 195 16.43 -32.59 16.39
CA ALA B 195 17.69 -32.65 15.65
C ALA B 195 18.64 -33.68 16.25
N GLU B 196 18.52 -33.93 17.56
CA GLU B 196 19.40 -34.89 18.23
C GLU B 196 19.02 -36.32 17.85
N VAL B 197 17.73 -36.65 17.95
CA VAL B 197 17.24 -38.00 17.70
C VAL B 197 16.61 -38.14 16.33
N GLY B 198 16.55 -37.07 15.55
CA GLY B 198 15.97 -37.13 14.22
C GLY B 198 14.46 -37.23 14.21
N LEU B 199 13.80 -36.27 14.82
CA LEU B 199 12.34 -36.25 14.88
C LEU B 199 11.76 -35.42 13.74
N SER B 200 10.59 -35.84 13.26
CA SER B 200 9.81 -35.07 12.30
C SER B 200 8.86 -34.14 13.04
N PHE B 201 8.28 -33.19 12.29
CA PHE B 201 7.32 -32.27 12.90
C PHE B 201 6.15 -33.04 13.51
N THR B 202 5.54 -33.94 12.73
CA THR B 202 4.42 -34.72 13.22
C THR B 202 4.85 -35.73 14.28
N ASP B 203 6.12 -36.11 14.31
CA ASP B 203 6.60 -37.01 15.35
C ASP B 203 6.62 -36.31 16.72
N TRP B 204 7.21 -35.13 16.78
CA TRP B 204 7.26 -34.41 18.05
C TRP B 204 5.88 -33.93 18.48
N MET B 205 4.97 -33.71 17.53
CA MET B 205 3.62 -33.29 17.90
C MET B 205 2.85 -34.42 18.58
N LYS B 206 3.06 -35.66 18.13
CA LYS B 206 2.44 -36.79 18.80
C LYS B 206 2.84 -36.85 20.27
N PHE B 207 4.04 -36.36 20.60
CA PHE B 207 4.49 -36.34 21.98
C PHE B 207 3.98 -35.10 22.71
N GLY B 208 4.39 -33.92 22.23
CA GLY B 208 4.17 -32.71 23.01
C GLY B 208 2.72 -32.28 23.08
N LEU B 209 2.03 -32.28 21.93
CA LEU B 209 0.65 -31.76 21.90
C LEU B 209 -0.25 -32.43 22.92
N PRO B 210 -0.36 -33.76 22.98
CA PRO B 210 -1.14 -34.38 24.06
C PRO B 210 -0.70 -33.92 25.44
N THR B 211 0.61 -33.82 25.67
CA THR B 211 1.11 -33.35 26.95
C THR B 211 0.62 -31.93 27.25
N ALA B 212 0.65 -31.06 26.24
CA ALA B 212 0.15 -29.70 26.43
C ALA B 212 -1.35 -29.69 26.64
N MET B 213 -2.07 -30.59 25.95
CA MET B 213 -3.50 -30.73 26.20
C MET B 213 -3.79 -30.99 27.67
N MET B 214 -2.94 -31.79 28.32
CA MET B 214 -3.14 -32.13 29.72
C MET B 214 -2.60 -31.03 30.62
N MET B 215 -1.46 -30.42 30.26
CA MET B 215 -0.80 -29.47 31.14
C MET B 215 -1.57 -28.16 31.25
N LEU B 216 -2.25 -27.75 30.17
CA LEU B 216 -2.98 -26.48 30.23
C LEU B 216 -4.13 -26.54 31.22
N PRO B 217 -5.02 -27.52 31.17
CA PRO B 217 -6.05 -27.64 32.22
C PRO B 217 -5.45 -27.87 33.59
N MET B 218 -4.49 -28.80 33.69
CA MET B 218 -3.85 -29.07 34.97
C MET B 218 -3.16 -27.83 35.53
N ALA B 219 -2.72 -26.92 34.67
CA ALA B 219 -2.05 -25.71 35.13
C ALA B 219 -3.07 -24.64 35.55
N ILE B 220 -4.16 -24.50 34.81
CA ILE B 220 -5.18 -23.52 35.19
C ILE B 220 -5.90 -23.97 36.46
N ALA B 221 -6.21 -25.26 36.58
CA ALA B 221 -6.82 -25.77 37.80
C ALA B 221 -5.98 -25.37 39.01
N ILE B 222 -4.67 -25.51 38.91
CA ILE B 222 -3.79 -25.11 40.01
C ILE B 222 -3.83 -23.61 40.20
N LEU B 223 -3.85 -22.84 39.11
CA LEU B 223 -3.98 -21.39 39.23
C LEU B 223 -5.36 -21.01 39.72
N TYR B 224 -6.39 -21.69 39.21
CA TYR B 224 -7.76 -21.44 39.66
C TYR B 224 -7.89 -21.63 41.16
N PHE B 225 -7.61 -22.84 41.64
CA PHE B 225 -7.85 -23.19 43.03
C PHE B 225 -6.75 -22.71 43.97
N LEU B 226 -6.12 -21.57 43.67
CA LEU B 226 -5.24 -20.92 44.62
C LEU B 226 -5.68 -19.52 45.01
N LEU B 227 -6.50 -18.84 44.21
CA LEU B 227 -6.96 -17.50 44.55
C LEU B 227 -7.74 -16.86 43.41
N LYS B 228 -8.66 -17.60 42.79
CA LYS B 228 -9.41 -17.05 41.68
C LYS B 228 -10.51 -16.13 42.21
N PRO B 229 -10.49 -14.83 41.90
CA PRO B 229 -11.58 -13.95 42.31
C PRO B 229 -12.13 -13.10 41.17
N THR B 230 -12.26 -13.66 39.97
CA THR B 230 -12.57 -12.88 38.79
C THR B 230 -13.92 -13.22 38.18
N LEU B 231 -14.76 -14.00 38.86
CA LEU B 231 -16.04 -14.40 38.30
C LEU B 231 -16.81 -13.21 37.76
N ASN B 232 -16.97 -12.16 38.58
CA ASN B 232 -17.68 -10.96 38.18
C ASN B 232 -16.72 -9.94 37.60
N GLY B 233 -17.14 -9.27 36.54
CA GLY B 233 -16.33 -8.27 35.88
C GLY B 233 -16.89 -7.87 34.52
N MET B 234 -16.45 -6.74 34.00
CA MET B 234 -16.93 -6.25 32.71
C MET B 234 -15.77 -5.88 31.80
N PHE B 235 -16.07 -5.86 30.50
CA PHE B 235 -15.07 -5.71 29.46
C PHE B 235 -14.99 -4.27 28.99
N GLU B 236 -13.77 -3.82 28.67
CA GLU B 236 -13.53 -2.48 28.13
C GLU B 236 -12.65 -2.60 26.89
N LEU B 237 -13.21 -3.15 25.82
CA LEU B 237 -12.49 -3.26 24.56
C LEU B 237 -12.35 -1.87 23.93
N ASP B 238 -11.45 -1.06 24.48
CA ASP B 238 -11.27 0.34 24.06
C ASP B 238 -10.10 0.41 23.08
N ARG B 239 -10.42 0.53 21.80
CA ARG B 239 -9.45 0.68 20.73
C ARG B 239 -10.08 0.31 19.40
N ALA B 240 -9.46 0.69 18.30
CA ALA B 240 -9.96 0.32 16.98
C ALA B 240 -9.96 -1.19 16.82
N PRO B 241 -11.11 -1.81 16.52
CA PRO B 241 -11.11 -3.25 16.25
C PRO B 241 -10.24 -3.60 15.05
N VAL B 242 -9.99 -4.89 14.90
CA VAL B 242 -9.23 -5.39 13.78
C VAL B 242 -10.20 -5.89 12.71
N ASN B 243 -9.67 -6.37 11.59
CA ASN B 243 -10.50 -6.80 10.48
C ASN B 243 -9.60 -7.41 9.40
N TRP B 244 -10.03 -8.54 8.86
CA TRP B 244 -9.27 -9.29 7.87
C TRP B 244 -8.94 -8.46 6.64
N ASP B 245 -7.67 -8.03 6.53
CA ASP B 245 -7.25 -7.17 5.44
C ASP B 245 -6.58 -7.98 4.33
N LYS B 246 -5.62 -7.37 3.63
CA LYS B 246 -4.99 -8.01 2.48
C LYS B 246 -4.28 -9.30 2.86
N GLY B 247 -4.79 -10.42 2.36
CA GLY B 247 -4.14 -11.71 2.52
C GLY B 247 -3.86 -12.12 3.95
N LYS B 248 -4.58 -11.57 4.93
CA LYS B 248 -4.61 -12.24 6.23
C LYS B 248 -5.26 -13.60 6.12
N VAL B 249 -6.19 -13.74 5.17
CA VAL B 249 -6.67 -15.06 4.78
C VAL B 249 -5.59 -15.81 4.01
N VAL B 250 -4.77 -15.10 3.24
CA VAL B 250 -3.69 -15.75 2.51
C VAL B 250 -2.66 -16.35 3.48
N THR B 251 -2.16 -15.52 4.41
CA THR B 251 -1.26 -16.04 5.44
C THR B 251 -1.86 -17.24 6.15
N LEU B 252 -3.13 -17.15 6.53
CA LEU B 252 -3.81 -18.28 7.14
C LEU B 252 -3.84 -19.48 6.20
N GLY B 253 -4.12 -19.24 4.92
CA GLY B 253 -4.11 -20.32 3.94
C GLY B 253 -2.76 -21.00 3.84
N ILE B 254 -1.72 -20.22 3.54
CA ILE B 254 -0.37 -20.76 3.52
C ILE B 254 -0.09 -21.51 4.83
N PHE B 255 -0.32 -20.83 5.95
CA PHE B 255 -0.13 -21.43 7.27
C PHE B 255 -0.87 -22.76 7.36
N GLY B 256 -2.19 -22.73 7.15
CA GLY B 256 -2.95 -23.97 7.17
C GLY B 256 -2.41 -24.98 6.19
N LEU B 257 -2.15 -24.55 4.95
CA LEU B 257 -1.54 -25.43 3.96
C LEU B 257 -0.24 -26.03 4.48
N THR B 258 0.65 -25.18 4.99
CA THR B 258 1.93 -25.66 5.52
C THR B 258 1.70 -26.67 6.63
N VAL B 259 0.83 -26.34 7.58
CA VAL B 259 0.59 -27.25 8.69
C VAL B 259 -0.07 -28.53 8.21
N PHE B 260 -0.90 -28.43 7.16
CA PHE B 260 -1.48 -29.64 6.58
C PHE B 260 -0.40 -30.56 6.04
N LEU B 261 0.52 -30.01 5.27
CA LEU B 261 1.64 -30.81 4.77
C LEU B 261 2.51 -31.31 5.92
N TRP B 262 2.72 -30.46 6.93
CA TRP B 262 3.51 -30.89 8.08
C TRP B 262 2.84 -32.06 8.81
N ILE B 263 1.51 -32.02 8.92
CA ILE B 263 0.79 -33.11 9.57
C ILE B 263 0.76 -34.34 8.66
N PHE B 264 0.28 -34.16 7.43
CA PHE B 264 0.19 -35.25 6.47
C PHE B 264 1.49 -35.48 5.70
N SER B 265 2.63 -35.00 6.22
CA SER B 265 3.89 -35.20 5.53
C SER B 265 4.20 -36.69 5.33
N SER B 266 3.81 -37.53 6.29
CA SER B 266 4.08 -38.96 6.17
C SER B 266 3.46 -39.55 4.91
N PRO B 267 2.16 -39.45 4.68
CA PRO B 267 1.60 -40.02 3.44
C PRO B 267 1.94 -39.18 2.21
N ILE B 268 1.93 -37.85 2.35
CA ILE B 268 2.25 -36.98 1.22
C ILE B 268 3.64 -37.31 0.68
N ASN B 269 4.62 -37.38 1.58
CA ASN B 269 5.98 -37.70 1.16
C ASN B 269 6.07 -39.12 0.60
N ALA B 270 5.51 -40.09 1.33
CA ALA B 270 5.53 -41.46 0.85
C ALA B 270 4.89 -41.59 -0.54
N ALA B 271 3.76 -40.90 -0.74
CA ALA B 271 3.10 -40.91 -2.04
C ALA B 271 3.71 -39.88 -2.98
N LEU B 272 5.01 -39.62 -2.82
CA LEU B 272 5.70 -38.63 -3.66
C LEU B 272 7.12 -39.01 -4.05
N GLY B 273 7.70 -40.07 -3.48
CA GLY B 273 9.07 -40.44 -3.76
C GLY B 273 9.99 -40.47 -2.56
N GLY B 274 9.51 -40.19 -1.36
CA GLY B 274 10.33 -40.28 -0.16
C GLY B 274 11.55 -39.38 -0.13
N PHE B 275 11.34 -38.07 -0.09
CA PHE B 275 12.44 -37.13 0.09
C PHE B 275 12.94 -37.18 1.54
N LYS B 276 14.15 -36.65 1.75
CA LYS B 276 14.86 -36.88 3.00
C LYS B 276 14.25 -36.11 4.17
N SER B 277 14.42 -34.80 4.21
CA SER B 277 13.90 -33.99 5.30
C SER B 277 12.65 -33.22 4.86
N PHE B 278 11.61 -34.01 4.53
CA PHE B 278 10.39 -33.44 3.95
C PHE B 278 9.89 -32.27 4.78
N ASP B 279 9.80 -32.44 6.10
CA ASP B 279 9.37 -31.35 6.96
C ASP B 279 10.28 -30.13 6.80
N THR B 280 11.58 -30.36 6.69
CA THR B 280 12.51 -29.24 6.46
C THR B 280 12.22 -28.57 5.12
N LEU B 281 11.92 -29.37 4.10
CA LEU B 281 11.54 -28.80 2.80
C LEU B 281 10.27 -27.98 2.92
N VAL B 282 9.26 -28.52 3.59
CA VAL B 282 8.00 -27.80 3.77
C VAL B 282 8.26 -26.46 4.47
N ALA B 283 9.10 -26.46 5.50
CA ALA B 283 9.46 -25.22 6.15
C ALA B 283 10.13 -24.27 5.16
N LEU B 284 11.03 -24.80 4.33
CA LEU B 284 11.65 -23.98 3.30
C LEU B 284 10.65 -23.62 2.22
N GLY B 285 9.76 -24.54 1.88
CA GLY B 285 8.71 -24.24 0.92
C GLY B 285 7.79 -23.13 1.40
N ALA B 286 7.45 -23.16 2.69
CA ALA B 286 6.65 -22.08 3.27
C ALA B 286 7.36 -20.74 3.10
N ILE B 287 8.66 -20.70 3.40
CA ILE B 287 9.42 -19.47 3.22
C ILE B 287 9.26 -18.95 1.80
N LEU B 288 9.13 -19.85 0.83
CA LEU B 288 9.00 -19.45 -0.57
C LEU B 288 7.59 -18.93 -0.87
N MET B 289 6.56 -19.75 -0.59
CA MET B 289 5.19 -19.32 -0.82
C MET B 289 4.92 -17.95 -0.20
N LEU B 290 5.33 -17.76 1.06
CA LEU B 290 5.12 -16.48 1.72
C LEU B 290 5.82 -15.34 0.98
N SER B 291 6.91 -15.64 0.28
CA SER B 291 7.63 -14.61 -0.45
C SER B 291 7.06 -14.38 -1.84
N PHE B 292 6.63 -15.44 -2.52
CA PHE B 292 5.95 -15.27 -3.80
C PHE B 292 4.64 -14.53 -3.62
N ALA B 293 3.87 -14.89 -2.60
CA ALA B 293 2.61 -14.22 -2.29
C ALA B 293 2.81 -12.80 -1.76
N ARG B 294 4.04 -12.30 -1.71
CA ARG B 294 4.34 -10.91 -1.36
C ARG B 294 3.92 -10.55 0.06
N VAL B 295 3.52 -11.53 0.87
CA VAL B 295 2.90 -11.22 2.16
C VAL B 295 3.91 -10.85 3.24
N VAL B 296 5.19 -11.14 3.04
CA VAL B 296 6.21 -10.80 4.05
C VAL B 296 7.55 -10.59 3.35
N HIS B 297 8.20 -9.47 3.68
CA HIS B 297 9.51 -9.17 3.15
C HIS B 297 10.58 -9.91 3.95
N TRP B 298 11.78 -10.02 3.37
CA TRP B 298 12.85 -10.76 4.04
C TRP B 298 13.37 -10.01 5.25
N LYS B 299 13.46 -8.67 5.17
CA LYS B 299 13.86 -7.89 6.34
C LYS B 299 13.07 -8.30 7.58
N GLU B 300 11.82 -8.70 7.40
CA GLU B 300 11.01 -9.18 8.52
C GLU B 300 11.60 -10.45 9.13
N ILE B 301 11.84 -11.46 8.29
CA ILE B 301 12.35 -12.73 8.78
C ILE B 301 13.71 -12.55 9.47
N GLN B 302 14.54 -11.66 8.93
CA GLN B 302 15.87 -11.48 9.50
C GLN B 302 15.79 -10.92 10.92
N LYS B 303 14.75 -10.14 11.23
CA LYS B 303 14.55 -9.66 12.59
C LYS B 303 13.95 -10.76 13.47
N THR B 304 12.82 -11.33 13.05
CA THR B 304 12.16 -12.37 13.83
C THR B 304 13.08 -13.55 14.09
N ALA B 305 13.86 -13.96 13.09
CA ALA B 305 14.69 -15.14 13.23
C ALA B 305 15.72 -14.95 14.33
N ASP B 306 15.83 -15.95 15.22
CA ASP B 306 16.84 -15.96 16.27
C ASP B 306 18.01 -16.80 15.77
N TRP B 307 18.87 -16.16 14.97
CA TRP B 307 20.01 -16.87 14.41
C TRP B 307 20.94 -17.40 15.48
N GLY B 308 20.91 -16.80 16.68
CA GLY B 308 21.69 -17.33 17.79
C GLY B 308 21.23 -18.71 18.21
N VAL B 309 19.91 -18.92 18.25
CA VAL B 309 19.39 -20.26 18.53
C VAL B 309 19.71 -21.19 17.36
N LEU B 310 19.56 -20.70 16.13
CA LEU B 310 19.95 -21.49 14.97
C LEU B 310 21.43 -21.88 15.04
N LEU B 311 22.27 -20.95 15.48
CA LEU B 311 23.68 -21.29 15.71
C LEU B 311 23.81 -22.22 16.90
N LEU B 312 22.97 -22.03 17.92
CA LEU B 312 23.01 -22.93 19.07
C LEU B 312 22.69 -24.35 18.67
N PHE B 313 21.63 -24.53 17.87
CA PHE B 313 21.30 -25.85 17.32
C PHE B 313 22.55 -26.56 16.81
N GLY B 314 23.33 -25.89 15.96
CA GLY B 314 24.55 -26.48 15.45
C GLY B 314 25.53 -26.80 16.56
N GLY B 315 25.73 -25.86 17.49
CA GLY B 315 26.64 -26.10 18.60
C GLY B 315 26.23 -27.30 19.43
N GLY B 316 24.92 -27.49 19.61
CA GLY B 316 24.46 -28.64 20.38
C GLY B 316 24.69 -29.95 19.66
N LEU B 317 24.49 -29.96 18.34
CA LEU B 317 24.77 -31.16 17.56
C LEU B 317 26.27 -31.44 17.53
N CYS B 318 27.09 -30.40 17.43
CA CYS B 318 28.53 -30.58 17.49
C CYS B 318 28.96 -31.24 18.81
N LEU B 319 28.38 -30.78 19.92
CA LEU B 319 28.68 -31.41 21.20
C LEU B 319 28.30 -32.89 21.19
N SER B 320 27.07 -33.20 20.78
CA SER B 320 26.64 -34.59 20.70
C SER B 320 27.64 -35.44 19.94
N ASN B 321 28.15 -34.94 18.81
CA ASN B 321 29.14 -35.71 18.06
C ASN B 321 30.50 -35.72 18.74
N VAL B 322 30.80 -34.71 19.54
CA VAL B 322 32.07 -34.72 20.27
C VAL B 322 32.04 -35.77 21.37
N LEU B 323 30.89 -35.96 22.00
CA LEU B 323 30.77 -36.99 23.03
C LEU B 323 31.00 -38.38 22.45
N LYS B 324 30.51 -38.63 21.24
CA LYS B 324 30.65 -39.94 20.63
C LYS B 324 32.09 -40.18 20.17
N GLN B 325 32.63 -39.27 19.37
CA GLN B 325 33.96 -39.49 18.78
C GLN B 325 35.01 -39.74 19.85
N THR B 326 34.86 -39.16 21.03
CA THR B 326 35.80 -39.36 22.13
C THR B 326 35.40 -40.52 23.04
N GLY B 327 34.25 -41.13 22.81
CA GLY B 327 33.79 -42.22 23.62
C GLY B 327 33.22 -41.83 24.97
N THR B 328 33.10 -40.53 25.26
CA THR B 328 32.55 -40.11 26.53
C THR B 328 31.13 -40.62 26.72
N SER B 329 30.41 -40.86 25.63
CA SER B 329 29.07 -41.43 25.75
C SER B 329 29.12 -42.86 26.28
N VAL B 330 30.06 -43.66 25.80
CA VAL B 330 30.17 -45.04 26.29
C VAL B 330 30.91 -45.08 27.63
N PHE B 331 31.87 -44.18 27.85
CA PHE B 331 32.59 -44.14 29.11
C PHE B 331 31.65 -43.83 30.27
N LEU B 332 30.72 -42.90 30.07
CA LEU B 332 29.76 -42.57 31.12
C LEU B 332 28.75 -43.68 31.32
N ALA B 333 28.35 -44.36 30.24
CA ALA B 333 27.47 -45.52 30.38
C ALA B 333 28.12 -46.61 31.21
N ASN B 334 29.43 -46.80 31.04
CA ASN B 334 30.16 -47.75 31.88
C ASN B 334 30.21 -47.26 33.33
N ALA B 335 30.39 -45.95 33.53
CA ALA B 335 30.47 -45.41 34.88
C ALA B 335 29.13 -45.55 35.60
N LEU B 336 28.02 -45.38 34.89
CA LEU B 336 26.70 -45.51 35.47
C LEU B 336 26.16 -46.92 35.42
N SER B 337 26.96 -47.90 35.00
CA SER B 337 26.48 -49.27 34.85
C SER B 337 25.78 -49.76 36.12
N ASP B 338 26.51 -49.77 37.24
CA ASP B 338 25.92 -50.22 38.50
C ASP B 338 24.84 -49.25 38.97
N MET B 339 25.12 -47.96 38.92
CA MET B 339 24.16 -46.96 39.40
C MET B 339 22.83 -47.06 38.65
N VAL B 340 22.89 -47.15 37.32
CA VAL B 340 21.66 -47.16 36.54
C VAL B 340 20.97 -48.52 36.64
N SER B 341 21.75 -49.60 36.78
CA SER B 341 21.13 -50.92 36.97
C SER B 341 20.42 -50.99 38.31
N HIS B 342 20.94 -50.30 39.33
CA HIS B 342 20.25 -50.22 40.61
C HIS B 342 19.00 -49.35 40.53
N MET B 343 18.93 -48.44 39.57
CA MET B 343 17.76 -47.59 39.40
C MET B 343 16.79 -48.18 38.38
N GLY B 344 15.49 -47.96 38.62
CA GLY B 344 14.50 -48.23 37.61
C GLY B 344 14.39 -47.11 36.59
N ILE B 345 13.72 -47.41 35.48
CA ILE B 345 13.48 -46.37 34.48
C ILE B 345 12.51 -45.34 35.04
N PHE B 346 11.59 -45.76 35.91
CA PHE B 346 10.76 -44.80 36.64
C PHE B 346 11.63 -43.80 37.39
N VAL B 347 12.56 -44.31 38.22
CA VAL B 347 13.47 -43.43 38.95
C VAL B 347 14.24 -42.55 37.97
N VAL B 348 14.66 -43.13 36.84
CA VAL B 348 15.44 -42.38 35.86
C VAL B 348 14.62 -41.22 35.31
N ILE B 349 13.48 -41.54 34.68
CA ILE B 349 12.67 -40.47 34.10
C ILE B 349 12.10 -39.59 35.19
N LEU B 350 12.00 -40.08 36.42
CA LEU B 350 11.60 -39.24 37.53
C LEU B 350 12.76 -38.39 38.02
N VAL B 351 13.96 -38.98 38.14
CA VAL B 351 15.14 -38.20 38.48
C VAL B 351 15.43 -37.17 37.41
N VAL B 352 15.39 -37.58 36.14
CA VAL B 352 15.62 -36.65 35.03
C VAL B 352 14.57 -35.56 35.04
N ALA B 353 13.30 -35.94 34.89
CA ALA B 353 12.21 -34.97 34.91
C ALA B 353 12.35 -34.03 36.10
N THR B 354 12.51 -34.61 37.29
CA THR B 354 12.70 -33.78 38.48
C THR B 354 13.92 -32.88 38.34
N PHE B 355 15.04 -33.43 37.88
CA PHE B 355 16.27 -32.66 37.79
C PHE B 355 16.10 -31.45 36.87
N VAL B 356 15.48 -31.66 35.71
CA VAL B 356 15.36 -30.57 34.73
C VAL B 356 14.25 -29.61 35.13
N VAL B 357 13.08 -30.15 35.47
CA VAL B 357 11.94 -29.29 35.81
C VAL B 357 12.33 -28.27 36.86
N PHE B 358 13.32 -28.60 37.70
CA PHE B 358 13.89 -27.66 38.64
C PHE B 358 15.18 -27.01 38.13
N LEU B 359 15.95 -27.74 37.32
CA LEU B 359 17.16 -27.15 36.73
C LEU B 359 16.81 -25.98 35.83
N THR B 360 15.71 -26.10 35.07
CA THR B 360 15.29 -25.04 34.17
C THR B 360 14.88 -23.77 34.92
N GLU B 361 14.69 -23.85 36.23
CA GLU B 361 14.35 -22.65 37.00
C GLU B 361 15.54 -21.71 37.14
N PHE B 362 16.75 -22.25 37.10
CA PHE B 362 17.95 -21.45 37.32
C PHE B 362 18.68 -21.06 36.03
N ALA B 363 18.42 -21.75 34.92
CA ALA B 363 19.13 -21.51 33.68
C ALA B 363 18.14 -21.45 32.53
N SER B 364 18.63 -21.00 31.37
CA SER B 364 17.77 -20.86 30.20
C SER B 364 17.10 -22.18 29.84
N ASN B 365 15.88 -22.08 29.32
CA ASN B 365 15.17 -23.28 28.85
C ASN B 365 15.99 -24.02 27.81
N THR B 366 16.35 -23.33 26.72
CA THR B 366 17.07 -23.99 25.64
C THR B 366 18.50 -24.29 26.03
N ALA B 367 19.14 -23.40 26.80
CA ALA B 367 20.49 -23.67 27.27
C ALA B 367 20.55 -24.95 28.09
N SER B 368 19.45 -25.30 28.76
CA SER B 368 19.41 -26.55 29.51
C SER B 368 19.30 -27.75 28.58
N ALA B 369 18.40 -27.67 27.61
CA ALA B 369 18.28 -28.75 26.63
C ALA B 369 19.52 -28.86 25.78
N ALA B 370 20.15 -27.73 25.45
CA ALA B 370 21.36 -27.74 24.65
C ALA B 370 22.46 -28.56 25.29
N LEU B 371 22.44 -28.68 26.62
CA LEU B 371 23.46 -29.43 27.35
C LEU B 371 23.03 -30.84 27.70
N LEU B 372 21.78 -31.04 28.11
CA LEU B 372 21.33 -32.34 28.57
C LEU B 372 20.87 -33.25 27.42
N ILE B 373 20.23 -32.69 26.40
CA ILE B 373 19.77 -33.51 25.28
C ILE B 373 20.92 -34.28 24.65
N PRO B 374 22.08 -33.67 24.36
CA PRO B 374 23.21 -34.49 23.86
C PRO B 374 23.69 -35.51 24.87
N VAL B 375 23.96 -35.09 26.10
CA VAL B 375 24.54 -36.00 27.09
C VAL B 375 23.64 -37.22 27.30
N PHE B 376 22.37 -36.97 27.61
CA PHE B 376 21.48 -38.09 27.90
C PHE B 376 21.21 -38.91 26.65
N ALA B 377 21.07 -38.26 25.50
CA ALA B 377 20.82 -39.00 24.27
C ALA B 377 22.00 -39.88 23.91
N THR B 378 23.22 -39.33 23.98
CA THR B 378 24.39 -40.11 23.59
C THR B 378 24.74 -41.16 24.64
N VAL B 379 24.59 -40.82 25.92
CA VAL B 379 24.80 -41.81 26.98
C VAL B 379 23.73 -42.90 26.90
N ALA B 380 22.46 -42.48 26.74
CA ALA B 380 21.41 -43.45 26.50
C ALA B 380 21.75 -44.33 25.31
N GLU B 381 22.48 -43.78 24.33
CA GLU B 381 22.88 -44.56 23.17
C GLU B 381 23.99 -45.55 23.53
N ALA B 382 24.97 -45.11 24.34
CA ALA B 382 26.00 -46.03 24.79
C ALA B 382 25.41 -47.21 25.54
N PHE B 383 24.30 -46.98 26.26
CA PHE B 383 23.53 -48.04 26.88
C PHE B 383 22.69 -48.81 25.87
N GLY B 384 22.79 -48.50 24.58
CA GLY B 384 21.93 -49.11 23.60
C GLY B 384 20.47 -48.74 23.76
N MET B 385 20.19 -47.55 24.28
CA MET B 385 18.83 -47.09 24.49
C MET B 385 18.50 -46.00 23.47
N SER B 386 17.24 -45.99 23.02
CA SER B 386 16.77 -44.97 22.10
C SER B 386 16.81 -43.60 22.78
N PRO B 387 17.63 -42.65 22.27
CA PRO B 387 17.70 -41.33 22.91
C PRO B 387 16.45 -40.49 22.72
N VAL B 388 15.41 -41.01 22.07
CA VAL B 388 14.18 -40.24 21.86
C VAL B 388 13.52 -39.93 23.20
N LEU B 389 13.27 -40.97 24.01
CA LEU B 389 12.52 -40.79 25.24
C LEU B 389 13.14 -39.71 26.13
N LEU B 390 14.40 -39.92 26.54
CA LEU B 390 15.05 -38.94 27.39
C LEU B 390 15.08 -37.56 26.72
N SER B 391 15.33 -37.52 25.41
CA SER B 391 15.42 -36.24 24.72
C SER B 391 14.08 -35.53 24.72
N VAL B 392 13.03 -36.20 24.21
CA VAL B 392 11.70 -35.60 24.26
C VAL B 392 11.32 -35.26 25.69
N LEU B 393 11.59 -36.18 26.62
CA LEU B 393 11.34 -35.91 28.03
C LEU B 393 12.11 -34.68 28.49
N ILE B 394 13.43 -34.71 28.34
CA ILE B 394 14.26 -33.57 28.74
C ILE B 394 13.77 -32.30 28.04
N ALA B 395 13.52 -32.40 26.73
CA ALA B 395 13.11 -31.22 25.96
C ALA B 395 11.77 -30.68 26.46
N VAL B 396 10.88 -31.54 26.93
CA VAL B 396 9.58 -31.08 27.42
C VAL B 396 9.74 -30.45 28.80
N ALA B 397 10.34 -31.17 29.73
CA ALA B 397 10.55 -30.62 31.07
C ALA B 397 11.40 -29.36 31.03
N ALA B 398 12.17 -29.15 29.96
CA ALA B 398 12.95 -27.92 29.86
C ALA B 398 12.04 -26.70 29.76
N SER B 399 10.87 -26.85 29.13
CA SER B 399 9.91 -25.76 29.00
C SER B 399 8.95 -25.70 30.18
N CYS B 400 9.28 -26.34 31.29
CA CYS B 400 8.44 -26.31 32.49
C CYS B 400 9.05 -25.40 33.54
N ALA B 401 9.24 -24.13 33.19
CA ALA B 401 9.78 -23.13 34.12
C ALA B 401 8.61 -22.32 34.67
N PHE B 402 8.29 -22.54 35.94
CA PHE B 402 7.11 -21.93 36.54
C PHE B 402 7.36 -21.24 37.88
N MET B 403 8.56 -21.35 38.46
CA MET B 403 8.82 -20.71 39.73
C MET B 403 9.32 -19.30 39.50
N LEU B 404 10.47 -18.94 40.10
CA LEU B 404 10.99 -17.60 39.97
C LEU B 404 11.16 -17.24 38.49
N PRO B 405 11.34 -15.96 38.18
CA PRO B 405 11.69 -15.59 36.80
C PRO B 405 13.07 -16.06 36.45
N VAL B 406 13.65 -15.55 35.37
CA VAL B 406 14.99 -15.90 34.89
C VAL B 406 14.98 -17.33 34.35
N ALA B 407 13.91 -18.06 34.63
CA ALA B 407 13.75 -19.39 34.04
C ALA B 407 13.38 -19.27 32.56
N THR B 408 12.37 -18.46 32.25
CA THR B 408 11.94 -18.19 30.90
C THR B 408 11.61 -16.70 30.78
N PRO B 409 11.84 -16.09 29.63
CA PRO B 409 11.54 -14.66 29.46
C PRO B 409 10.09 -14.35 29.81
N PRO B 410 9.15 -15.17 29.32
CA PRO B 410 7.73 -14.95 29.71
C PRO B 410 7.51 -14.77 31.21
N ASN B 411 8.29 -15.46 32.05
CA ASN B 411 8.18 -15.23 33.49
C ASN B 411 8.54 -13.80 33.84
N ALA B 412 9.70 -13.33 33.40
CA ALA B 412 10.15 -11.97 33.69
C ALA B 412 9.33 -10.92 32.95
N ILE B 413 8.53 -11.30 31.95
CA ILE B 413 7.72 -10.32 31.24
C ILE B 413 6.52 -9.90 32.07
N VAL B 414 5.71 -10.87 32.51
CA VAL B 414 4.58 -10.56 33.38
C VAL B 414 5.01 -10.14 34.77
N PHE B 415 6.29 -10.34 35.12
CA PHE B 415 6.76 -9.91 36.43
C PHE B 415 7.12 -8.42 36.43
N ALA B 416 7.66 -7.92 35.32
CA ALA B 416 7.95 -6.50 35.19
C ALA B 416 6.69 -5.64 35.25
N SER B 417 5.51 -6.26 35.25
CA SER B 417 4.25 -5.52 35.40
C SER B 417 4.19 -4.82 36.75
N GLY B 418 5.20 -5.05 37.59
CA GLY B 418 5.30 -4.36 38.87
C GLY B 418 4.12 -4.57 39.81
N HIS B 419 3.61 -5.80 39.92
CA HIS B 419 2.47 -6.05 40.79
C HIS B 419 2.57 -7.41 41.46
N ILE B 420 2.89 -8.45 40.70
CA ILE B 420 2.95 -9.80 41.24
C ILE B 420 4.23 -9.95 42.04
N LYS B 421 4.11 -10.42 43.28
CA LYS B 421 5.26 -10.53 44.17
C LYS B 421 6.10 -11.75 43.85
N GLN B 422 7.41 -11.60 44.04
CA GLN B 422 8.34 -12.72 43.85
C GLN B 422 7.85 -13.97 44.58
N SER B 423 7.47 -13.81 45.85
CA SER B 423 7.04 -14.96 46.63
C SER B 423 5.81 -15.61 46.00
N GLU B 424 4.92 -14.80 45.45
CA GLU B 424 3.72 -15.34 44.82
C GLU B 424 4.08 -16.33 43.71
N MET B 425 4.99 -15.92 42.82
CA MET B 425 5.39 -16.78 41.71
C MET B 425 6.22 -17.96 42.20
N MET B 426 7.13 -17.73 43.14
CA MET B 426 8.08 -18.75 43.57
C MET B 426 7.39 -20.01 44.09
N ARG B 427 6.14 -19.89 44.56
CA ARG B 427 5.43 -21.01 45.16
C ARG B 427 4.35 -21.61 44.29
N VAL B 428 3.81 -20.87 43.32
CA VAL B 428 2.91 -21.50 42.35
C VAL B 428 3.69 -22.43 41.44
N GLY B 429 4.89 -22.04 41.03
CA GLY B 429 5.73 -22.92 40.24
C GLY B 429 6.25 -24.10 41.02
N LEU B 430 6.53 -23.90 42.32
CA LEU B 430 6.94 -25.01 43.16
C LEU B 430 5.86 -26.08 43.25
N TYR B 431 4.59 -25.68 43.11
CA TYR B 431 3.51 -26.66 43.04
C TYR B 431 3.33 -27.21 41.63
N LEU B 432 3.36 -26.32 40.62
CA LEU B 432 3.22 -26.79 39.24
C LEU B 432 4.37 -27.69 38.84
N ASN B 433 5.58 -27.37 39.30
CA ASN B 433 6.74 -28.21 39.01
C ASN B 433 6.45 -29.65 39.42
N ILE B 434 6.05 -29.84 40.68
CA ILE B 434 5.67 -31.17 41.16
C ILE B 434 4.56 -31.74 40.30
N ALA B 435 3.58 -30.90 39.94
CA ALA B 435 2.47 -31.38 39.11
C ALA B 435 2.96 -31.94 37.79
N CYS B 436 3.94 -31.28 37.17
CA CYS B 436 4.45 -31.74 35.88
C CYS B 436 5.31 -32.97 36.04
N ILE B 437 6.18 -32.99 37.05
CA ILE B 437 7.01 -34.16 37.30
C ILE B 437 6.14 -35.42 37.35
N GLY B 438 4.94 -35.30 37.91
CA GLY B 438 3.98 -36.38 37.87
C GLY B 438 3.42 -36.59 36.47
N LEU B 439 2.79 -35.56 35.91
CA LEU B 439 2.19 -35.67 34.60
C LEU B 439 3.21 -36.16 33.57
N LEU B 440 4.41 -35.58 33.58
CA LEU B 440 5.44 -36.00 32.65
C LEU B 440 5.79 -37.48 32.85
N THR B 441 6.24 -37.82 34.06
CA THR B 441 6.53 -39.21 34.36
C THR B 441 5.32 -40.09 34.09
N ALA B 442 4.12 -39.57 34.40
CA ALA B 442 2.89 -40.26 34.00
C ALA B 442 2.86 -40.44 32.49
N ILE B 443 2.89 -39.32 31.75
CA ILE B 443 2.85 -39.39 30.29
C ILE B 443 4.11 -40.08 29.76
N ALA B 444 5.27 -39.78 30.34
CA ALA B 444 6.50 -40.42 29.91
C ALA B 444 6.41 -41.93 30.05
N MET B 445 5.73 -42.41 31.09
CA MET B 445 5.52 -43.84 31.25
C MET B 445 4.49 -44.35 30.24
N LEU B 446 3.42 -43.58 30.02
CA LEU B 446 2.39 -43.98 29.06
C LEU B 446 2.95 -44.05 27.65
N PHE B 447 3.70 -43.03 27.24
CA PHE B 447 4.38 -43.07 25.95
C PHE B 447 5.51 -44.09 26.00
N TRP B 448 5.17 -45.36 26.19
CA TRP B 448 6.18 -46.42 26.22
C TRP B 448 5.76 -47.58 25.33
N GLN B 449 4.57 -48.12 25.56
CA GLN B 449 4.04 -49.18 24.72
C GLN B 449 2.53 -49.07 24.55
N HIS C 6 1.81 18.58 -29.75
CA HIS C 6 0.82 17.52 -29.94
C HIS C 6 -0.26 17.95 -30.94
N ARG C 7 -0.98 16.97 -31.49
CA ARG C 7 -2.04 17.28 -32.44
C ARG C 7 -3.10 18.19 -31.82
N ASN C 8 -3.68 17.76 -30.70
CA ASN C 8 -4.80 18.51 -30.12
C ASN C 8 -4.38 19.89 -29.65
N SER C 9 -3.18 20.00 -29.08
CA SER C 9 -2.68 21.32 -28.67
C SER C 9 -2.62 22.28 -29.84
N LEU C 10 -2.45 21.76 -31.06
CA LEU C 10 -2.39 22.60 -32.24
C LEU C 10 -3.78 23.01 -32.70
N ILE C 11 -4.70 22.04 -32.80
CA ILE C 11 -6.09 22.37 -33.15
C ILE C 11 -6.61 23.50 -32.29
N VAL C 12 -6.29 23.47 -30.99
CA VAL C 12 -6.70 24.56 -30.11
C VAL C 12 -6.07 25.87 -30.55
N LEU C 13 -4.75 25.87 -30.78
CA LEU C 13 -4.08 27.09 -31.23
C LEU C 13 -4.61 27.53 -32.58
N ALA C 14 -4.80 26.59 -33.51
CA ALA C 14 -5.41 26.94 -34.79
C ALA C 14 -6.81 27.49 -34.58
N ASP C 15 -7.54 26.96 -33.60
CA ASP C 15 -8.87 27.48 -33.31
C ASP C 15 -8.79 28.85 -32.65
N VAL C 16 -7.82 29.04 -31.74
CA VAL C 16 -7.62 30.36 -31.14
C VAL C 16 -7.32 31.38 -32.22
N ALA C 17 -6.44 31.03 -33.17
CA ALA C 17 -6.15 31.92 -34.29
C ALA C 17 -7.39 32.15 -35.14
N LEU C 18 -8.09 31.08 -35.50
CA LEU C 18 -9.32 31.20 -36.28
C LEU C 18 -10.28 32.18 -35.65
N PHE C 19 -10.47 32.08 -34.33
CA PHE C 19 -11.34 33.01 -33.63
C PHE C 19 -10.81 34.44 -33.74
N LEU C 20 -9.54 34.63 -33.36
CA LEU C 20 -8.93 35.95 -33.46
C LEU C 20 -9.10 36.53 -34.86
N ALA C 21 -8.92 35.70 -35.89
CA ALA C 21 -9.13 36.16 -37.26
C ALA C 21 -10.58 36.58 -37.48
N LEU C 22 -11.52 35.65 -37.28
CA LEU C 22 -12.94 35.97 -37.42
C LEU C 22 -13.31 37.21 -36.61
N TYR C 23 -12.71 37.37 -35.43
CA TYR C 23 -13.06 38.49 -34.57
C TYR C 23 -12.67 39.82 -35.19
N HIS C 24 -11.42 39.93 -35.65
CA HIS C 24 -10.93 41.19 -36.18
C HIS C 24 -11.34 41.43 -37.63
N PHE C 25 -11.73 40.40 -38.36
CA PHE C 25 -11.92 40.50 -39.79
C PHE C 25 -13.37 40.41 -40.24
N LEU C 26 -14.24 39.76 -39.47
CA LEU C 26 -15.64 39.65 -39.87
C LEU C 26 -16.31 41.02 -39.86
N PRO C 27 -17.10 41.32 -40.90
CA PRO C 27 -17.75 42.64 -40.97
C PRO C 27 -19.26 42.55 -40.78
N PHE C 28 -19.70 42.31 -39.55
CA PHE C 28 -21.12 42.23 -39.22
C PHE C 28 -21.35 43.02 -37.92
N GLU C 29 -22.61 43.11 -37.51
CA GLU C 29 -22.92 43.66 -36.21
C GLU C 29 -22.08 42.96 -35.16
N HIS C 30 -21.46 43.74 -34.27
CA HIS C 30 -20.43 43.19 -33.39
C HIS C 30 -20.92 41.95 -32.67
N ASN C 31 -22.19 41.96 -32.24
CA ASN C 31 -22.76 40.78 -31.59
C ASN C 31 -22.73 39.56 -32.51
N VAL C 32 -23.13 39.76 -33.78
CA VAL C 32 -23.14 38.65 -34.73
C VAL C 32 -21.73 38.14 -34.97
N VAL C 33 -20.76 39.05 -35.07
CA VAL C 33 -19.36 38.64 -35.22
C VAL C 33 -18.96 37.79 -34.03
N LEU C 34 -19.32 38.22 -32.82
CA LEU C 34 -18.96 37.48 -31.62
C LEU C 34 -19.58 36.09 -31.62
N GLY C 35 -20.90 36.02 -31.78
CA GLY C 35 -21.56 34.72 -31.82
C GLY C 35 -21.02 33.83 -32.91
N ILE C 36 -20.72 34.41 -34.08
CA ILE C 36 -20.14 33.64 -35.17
C ILE C 36 -18.76 33.14 -34.79
N SER C 37 -17.88 34.05 -34.37
CA SER C 37 -16.54 33.66 -33.94
C SER C 37 -16.61 32.60 -32.85
N MET C 38 -17.43 32.84 -31.83
CA MET C 38 -17.57 31.87 -30.75
C MET C 38 -18.10 30.54 -31.27
N LEU C 39 -19.20 30.58 -32.03
CA LEU C 39 -19.78 29.35 -32.55
C LEU C 39 -18.75 28.53 -33.30
N ALA C 40 -17.91 29.19 -34.09
CA ALA C 40 -16.82 28.49 -34.78
C ALA C 40 -15.83 27.94 -33.77
N PHE C 41 -15.36 28.77 -32.84
CA PHE C 41 -14.41 28.33 -31.82
C PHE C 41 -14.90 27.06 -31.15
N ILE C 42 -16.12 27.10 -30.59
CA ILE C 42 -16.66 25.92 -29.91
C ILE C 42 -16.81 24.77 -30.90
N ALA C 43 -17.29 25.06 -32.11
CA ALA C 43 -17.48 24.01 -33.11
C ALA C 43 -16.21 23.21 -33.34
N VAL C 44 -15.07 23.88 -33.45
CA VAL C 44 -13.80 23.18 -33.60
C VAL C 44 -13.49 22.37 -32.35
N LEU C 45 -13.44 23.05 -31.19
CA LEU C 45 -13.04 22.40 -29.96
C LEU C 45 -13.91 21.18 -29.65
N TRP C 46 -15.15 21.16 -30.14
CA TRP C 46 -16.05 20.05 -29.87
C TRP C 46 -15.98 18.97 -30.94
N LEU C 47 -15.74 19.35 -32.19
CA LEU C 47 -15.67 18.36 -33.26
C LEU C 47 -14.29 17.72 -33.34
N THR C 48 -13.22 18.53 -33.23
CA THR C 48 -11.89 17.97 -33.15
C THR C 48 -11.63 17.31 -31.80
N GLU C 49 -12.24 17.83 -30.74
CA GLU C 49 -12.04 17.34 -29.38
C GLU C 49 -10.61 17.54 -28.91
N ALA C 50 -9.94 18.59 -29.41
CA ALA C 50 -8.65 18.96 -28.85
C ALA C 50 -8.73 19.12 -27.35
N LEU C 51 -9.83 19.68 -26.86
CA LEU C 51 -10.16 19.74 -25.45
C LEU C 51 -11.33 18.80 -25.17
N HIS C 52 -11.38 18.28 -23.95
CA HIS C 52 -12.47 17.38 -23.58
C HIS C 52 -13.81 18.08 -23.78
N VAL C 53 -14.77 17.37 -24.38
CA VAL C 53 -16.13 17.84 -24.58
C VAL C 53 -16.57 18.70 -23.41
N THR C 54 -16.42 18.19 -22.19
CA THR C 54 -16.86 18.93 -21.01
C THR C 54 -15.99 20.15 -20.74
N VAL C 55 -14.69 20.07 -21.04
CA VAL C 55 -13.83 21.24 -20.87
C VAL C 55 -14.31 22.38 -21.76
N THR C 56 -14.67 22.07 -23.01
CA THR C 56 -15.23 23.08 -23.89
C THR C 56 -16.57 23.59 -23.38
N ALA C 57 -17.39 22.69 -22.82
CA ALA C 57 -18.67 23.11 -22.25
C ALA C 57 -18.46 24.16 -21.17
N ILE C 58 -17.52 23.91 -20.26
CA ILE C 58 -17.18 24.90 -19.24
C ILE C 58 -16.59 26.15 -19.89
N LEU C 59 -16.01 26.00 -21.09
CA LEU C 59 -15.45 27.15 -21.79
C LEU C 59 -16.54 28.09 -22.31
N VAL C 60 -17.72 27.55 -22.60
CA VAL C 60 -18.82 28.35 -23.15
C VAL C 60 -19.15 29.47 -22.18
N PRO C 61 -19.52 29.17 -20.94
CA PRO C 61 -19.92 30.27 -20.02
C PRO C 61 -18.78 31.21 -19.69
N VAL C 62 -17.58 30.69 -19.44
CA VAL C 62 -16.46 31.56 -19.11
C VAL C 62 -16.19 32.53 -20.26
N MET C 63 -16.56 32.15 -21.48
CA MET C 63 -16.49 33.07 -22.61
C MET C 63 -17.61 34.11 -22.54
N ALA C 64 -18.87 33.64 -22.59
CA ALA C 64 -20.01 34.55 -22.55
C ALA C 64 -19.89 35.57 -21.43
N VAL C 65 -19.34 35.16 -20.29
CA VAL C 65 -19.24 36.07 -19.15
C VAL C 65 -18.22 37.16 -19.40
N PHE C 66 -17.05 36.80 -19.94
CA PHE C 66 -16.00 37.79 -20.14
C PHE C 66 -16.31 38.71 -21.31
N PHE C 67 -17.00 38.23 -22.33
CA PHE C 67 -17.37 39.04 -23.48
C PHE C 67 -18.72 39.74 -23.30
N GLY C 68 -19.11 40.02 -22.05
CA GLY C 68 -20.27 40.84 -21.77
C GLY C 68 -21.59 40.29 -22.28
N ILE C 69 -21.60 39.04 -22.74
CA ILE C 69 -22.83 38.45 -23.24
C ILE C 69 -23.80 38.18 -22.10
N PHE C 70 -23.31 37.64 -20.99
CA PHE C 70 -24.12 37.37 -19.83
C PHE C 70 -23.33 37.72 -18.57
N GLU C 71 -24.02 37.71 -17.45
CA GLU C 71 -23.38 37.83 -16.15
C GLU C 71 -23.10 36.44 -15.60
N THR C 72 -22.04 36.34 -14.79
CA THR C 72 -21.55 35.03 -14.36
C THR C 72 -22.67 34.13 -13.86
N GLN C 73 -23.45 34.61 -12.90
CA GLN C 73 -24.48 33.75 -12.30
C GLN C 73 -25.56 33.39 -13.30
N ALA C 74 -25.92 34.32 -14.18
CA ALA C 74 -26.92 34.02 -15.20
C ALA C 74 -26.44 32.94 -16.16
N ALA C 75 -25.16 32.99 -16.53
CA ALA C 75 -24.61 31.97 -17.42
C ALA C 75 -24.58 30.60 -16.75
N LEU C 76 -24.05 30.53 -15.52
CA LEU C 76 -23.95 29.25 -14.83
C LEU C 76 -25.31 28.59 -14.65
N ASN C 77 -26.38 29.37 -14.51
CA ASN C 77 -27.69 28.81 -14.26
C ASN C 77 -28.12 27.81 -15.32
N ASN C 78 -27.49 27.82 -16.49
CA ASN C 78 -27.83 26.85 -17.53
C ASN C 78 -27.53 25.43 -17.08
N PHE C 79 -26.47 25.25 -16.30
CA PHE C 79 -26.02 23.92 -15.90
C PHE C 79 -26.94 23.24 -14.92
N ALA C 80 -28.04 23.88 -14.51
CA ALA C 80 -29.00 23.30 -13.57
C ALA C 80 -30.36 23.04 -14.22
N ASN C 81 -30.41 22.95 -15.54
CA ASN C 81 -31.67 22.72 -16.23
C ASN C 81 -32.30 21.41 -15.77
N SER C 82 -33.64 21.38 -15.80
CA SER C 82 -34.37 20.24 -15.27
C SER C 82 -34.01 18.95 -16.00
N ILE C 83 -33.62 19.03 -17.27
CA ILE C 83 -33.28 17.82 -18.01
C ILE C 83 -32.05 17.15 -17.41
N ILE C 84 -31.05 17.96 -17.02
CA ILE C 84 -29.87 17.41 -16.36
C ILE C 84 -30.26 16.51 -15.20
N PHE C 85 -31.16 17.01 -14.34
CA PHE C 85 -31.58 16.23 -13.18
C PHE C 85 -32.44 15.04 -13.57
N LEU C 86 -33.20 15.15 -14.66
CA LEU C 86 -33.90 13.98 -15.19
C LEU C 86 -32.91 12.91 -15.63
N PHE C 87 -31.79 13.33 -16.20
CA PHE C 87 -30.77 12.36 -16.63
C PHE C 87 -30.03 11.78 -15.43
N LEU C 88 -29.69 12.62 -14.45
CA LEU C 88 -29.07 12.11 -13.23
C LEU C 88 -29.98 11.12 -12.51
N GLY C 89 -31.30 11.30 -12.62
CA GLY C 89 -32.21 10.30 -12.07
C GLY C 89 -32.08 8.97 -12.77
N GLY C 90 -31.90 8.99 -14.09
CA GLY C 90 -31.66 7.76 -14.82
C GLY C 90 -30.36 7.09 -14.43
N PHE C 91 -29.35 7.87 -14.04
CA PHE C 91 -28.09 7.30 -13.63
C PHE C 91 -28.24 6.53 -12.32
N ALA C 92 -28.90 7.13 -11.33
CA ALA C 92 -29.15 6.41 -10.09
C ALA C 92 -29.99 5.17 -10.32
N LEU C 93 -30.91 5.23 -11.29
CA LEU C 93 -31.69 4.04 -11.62
C LEU C 93 -30.81 2.95 -12.22
N ALA C 94 -29.80 3.34 -12.98
CA ALA C 94 -28.84 2.36 -13.49
C ALA C 94 -27.91 1.89 -12.39
N ALA C 95 -27.21 2.82 -11.74
CA ALA C 95 -26.35 2.46 -10.62
C ALA C 95 -27.08 1.58 -9.63
N ALA C 96 -28.38 1.82 -9.43
CA ALA C 96 -29.17 0.99 -8.53
C ALA C 96 -29.25 -0.44 -9.04
N MET C 97 -29.80 -0.62 -10.25
CA MET C 97 -29.99 -1.96 -10.79
C MET C 97 -28.70 -2.60 -11.30
N HIS C 98 -27.58 -1.87 -11.31
CA HIS C 98 -26.29 -2.48 -11.57
C HIS C 98 -25.65 -2.99 -10.27
N HIS C 99 -25.56 -2.11 -9.26
CA HIS C 99 -25.13 -2.56 -7.94
C HIS C 99 -26.04 -3.66 -7.43
N GLN C 100 -27.31 -3.66 -7.86
CA GLN C 100 -28.23 -4.73 -7.53
C GLN C 100 -28.00 -6.00 -8.34
N GLY C 101 -27.35 -5.89 -9.50
CA GLY C 101 -27.19 -7.03 -10.38
C GLY C 101 -28.37 -7.30 -11.29
N LEU C 102 -29.33 -6.38 -11.37
CA LEU C 102 -30.54 -6.57 -12.17
C LEU C 102 -30.27 -6.65 -13.66
N ASP C 103 -29.08 -6.28 -14.13
CA ASP C 103 -28.81 -6.32 -15.56
C ASP C 103 -28.44 -7.72 -16.05
N LYS C 104 -27.61 -8.44 -15.31
CA LYS C 104 -27.21 -9.78 -15.73
C LYS C 104 -28.40 -10.72 -15.81
N VAL C 105 -29.22 -10.77 -14.75
CA VAL C 105 -30.36 -11.68 -14.72
C VAL C 105 -31.32 -11.43 -15.89
N ILE C 106 -31.35 -10.20 -16.40
CA ILE C 106 -32.21 -9.92 -17.55
C ILE C 106 -31.71 -10.63 -18.79
N ALA C 107 -30.40 -10.87 -18.89
CA ALA C 107 -29.85 -11.58 -20.04
C ALA C 107 -30.08 -13.09 -19.93
N ASP C 108 -29.89 -13.65 -18.73
CA ASP C 108 -30.01 -15.10 -18.55
C ASP C 108 -31.45 -15.58 -18.78
N LYS C 109 -32.41 -15.06 -18.01
CA LYS C 109 -33.78 -15.54 -18.13
C LYS C 109 -34.27 -15.47 -19.57
N VAL C 110 -33.80 -14.50 -20.34
CA VAL C 110 -34.19 -14.42 -21.74
C VAL C 110 -33.32 -15.35 -22.59
N LEU C 111 -32.02 -15.42 -22.27
CA LEU C 111 -31.10 -16.21 -23.05
C LEU C 111 -31.35 -17.71 -22.90
N ALA C 112 -31.91 -18.14 -21.77
CA ALA C 112 -32.24 -19.55 -21.57
C ALA C 112 -33.59 -19.96 -22.13
N MET C 113 -34.51 -19.02 -22.37
CA MET C 113 -35.77 -19.38 -23.00
C MET C 113 -35.56 -20.05 -24.35
N ALA C 114 -34.53 -19.65 -25.07
CA ALA C 114 -34.04 -20.44 -26.20
C ALA C 114 -33.27 -21.63 -25.63
N GLN C 115 -33.70 -22.83 -26.00
CA GLN C 115 -33.26 -24.02 -25.29
C GLN C 115 -31.73 -24.19 -25.32
N GLY C 116 -31.12 -24.07 -26.50
CA GLY C 116 -29.68 -24.23 -26.56
C GLY C 116 -29.02 -23.99 -27.91
N LYS C 117 -29.55 -23.07 -28.70
CA LYS C 117 -29.18 -22.93 -30.10
C LYS C 117 -28.41 -21.64 -30.36
N MET C 118 -27.23 -21.78 -30.99
CA MET C 118 -26.45 -20.62 -31.41
C MET C 118 -27.18 -19.77 -32.44
N SER C 119 -28.13 -20.33 -33.18
CA SER C 119 -28.90 -19.53 -34.12
C SER C 119 -29.67 -18.44 -33.41
N VAL C 120 -30.31 -18.78 -32.28
CA VAL C 120 -31.03 -17.81 -31.46
C VAL C 120 -30.11 -17.01 -30.55
N ALA C 121 -28.80 -17.29 -30.58
CA ALA C 121 -27.88 -16.56 -29.72
C ALA C 121 -27.73 -15.10 -30.15
N VAL C 122 -27.23 -14.86 -31.37
CA VAL C 122 -26.97 -13.49 -31.78
C VAL C 122 -28.26 -12.69 -31.80
N PHE C 123 -29.35 -13.29 -32.29
CA PHE C 123 -30.65 -12.63 -32.23
C PHE C 123 -31.14 -12.44 -30.81
N MET C 124 -30.61 -13.23 -29.86
CA MET C 124 -30.88 -12.98 -28.45
C MET C 124 -29.95 -11.94 -27.88
N LEU C 125 -28.71 -11.86 -28.39
CA LEU C 125 -27.80 -10.81 -27.97
C LEU C 125 -28.31 -9.44 -28.39
N PHE C 126 -28.93 -9.37 -29.57
CA PHE C 126 -29.43 -8.09 -30.08
C PHE C 126 -30.58 -7.57 -29.23
N GLY C 127 -31.59 -8.40 -29.00
CA GLY C 127 -32.74 -7.95 -28.23
C GLY C 127 -32.40 -7.48 -26.85
N VAL C 128 -31.36 -8.06 -26.24
CA VAL C 128 -30.96 -7.64 -24.90
C VAL C 128 -30.04 -6.43 -24.96
N THR C 129 -29.08 -6.43 -25.89
CA THR C 129 -28.17 -5.29 -26.00
C THR C 129 -28.94 -3.99 -26.26
N ALA C 130 -29.92 -4.04 -27.17
CA ALA C 130 -30.71 -2.84 -27.46
C ALA C 130 -31.66 -2.51 -26.32
N LEU C 131 -32.37 -3.53 -25.81
CA LEU C 131 -33.34 -3.30 -24.74
C LEU C 131 -32.68 -2.69 -23.51
N LEU C 132 -31.47 -3.14 -23.18
CA LEU C 132 -30.78 -2.63 -21.99
C LEU C 132 -30.23 -1.22 -22.22
N SER C 133 -29.87 -0.88 -23.47
CA SER C 133 -29.40 0.46 -23.76
C SER C 133 -30.51 1.50 -23.63
N MET C 134 -31.78 1.07 -23.68
CA MET C 134 -32.89 2.00 -23.57
C MET C 134 -32.81 2.82 -22.29
N TRP C 135 -32.17 2.31 -21.25
CA TRP C 135 -32.19 2.93 -19.94
C TRP C 135 -30.81 3.21 -19.37
N ILE C 136 -29.80 2.44 -19.73
CA ILE C 136 -28.48 2.57 -19.11
C ILE C 136 -27.64 3.60 -19.86
N SER C 137 -27.20 3.24 -21.07
CA SER C 137 -26.30 4.11 -21.82
C SER C 137 -26.01 3.54 -23.21
N ASN C 138 -24.90 3.98 -23.82
CA ASN C 138 -24.43 3.39 -25.06
C ASN C 138 -23.03 2.80 -24.91
N THR C 139 -22.05 3.60 -24.49
CA THR C 139 -20.71 3.07 -24.24
C THR C 139 -20.73 1.94 -23.23
N ALA C 140 -21.57 2.05 -22.21
CA ALA C 140 -21.60 1.03 -21.16
C ALA C 140 -22.20 -0.28 -21.68
N THR C 141 -23.25 -0.19 -22.51
CA THR C 141 -23.88 -1.41 -23.01
C THR C 141 -22.94 -2.23 -23.88
N ALA C 142 -22.05 -1.57 -24.62
CA ALA C 142 -21.12 -2.31 -25.47
C ALA C 142 -20.09 -3.06 -24.63
N ALA C 143 -19.38 -2.34 -23.75
CA ALA C 143 -18.37 -2.97 -22.92
C ALA C 143 -18.96 -4.05 -22.03
N MET C 144 -20.20 -3.86 -21.57
CA MET C 144 -20.84 -4.86 -20.72
C MET C 144 -21.25 -6.09 -21.52
N MET C 145 -21.51 -5.92 -22.82
CA MET C 145 -21.93 -7.03 -23.67
C MET C 145 -20.76 -7.79 -24.27
N LEU C 146 -19.63 -7.12 -24.51
CA LEU C 146 -18.50 -7.73 -25.20
C LEU C 146 -18.07 -9.06 -24.57
N PRO C 147 -17.80 -9.14 -23.27
CA PRO C 147 -17.49 -10.45 -22.68
C PRO C 147 -18.59 -11.48 -22.88
N LEU C 148 -19.85 -11.06 -22.81
CA LEU C 148 -20.95 -12.00 -23.05
C LEU C 148 -21.01 -12.43 -24.50
N VAL C 149 -20.52 -11.60 -25.42
CA VAL C 149 -20.45 -11.99 -26.82
C VAL C 149 -19.25 -12.87 -27.07
N LEU C 150 -18.08 -12.46 -26.56
CA LEU C 150 -16.88 -13.29 -26.70
C LEU C 150 -17.06 -14.64 -26.00
N GLY C 151 -17.85 -14.68 -24.94
CA GLY C 151 -18.10 -15.94 -24.26
C GLY C 151 -18.91 -16.91 -25.12
N VAL C 152 -19.98 -16.43 -25.72
CA VAL C 152 -20.82 -17.27 -26.58
C VAL C 152 -20.06 -17.65 -27.84
N LEU C 153 -19.28 -16.71 -28.38
CA LEU C 153 -18.54 -16.93 -29.62
C LEU C 153 -17.25 -17.69 -29.35
N SER C 154 -17.42 -18.87 -28.75
CA SER C 154 -16.32 -19.80 -28.51
C SER C 154 -16.55 -21.18 -29.07
N LYS C 155 -17.80 -21.57 -29.34
CA LYS C 155 -18.05 -22.84 -30.01
C LYS C 155 -17.45 -22.82 -31.41
N VAL C 156 -17.86 -21.85 -32.23
CA VAL C 156 -17.21 -21.62 -33.51
C VAL C 156 -16.21 -20.48 -33.36
N ASP C 157 -15.14 -20.72 -32.60
CA ASP C 157 -14.15 -19.69 -32.32
C ASP C 157 -13.08 -19.61 -33.41
N ALA C 158 -13.30 -20.28 -34.53
CA ALA C 158 -12.34 -20.28 -35.63
C ALA C 158 -12.25 -18.90 -36.27
N ASP C 159 -11.05 -18.30 -36.25
CA ASP C 159 -10.86 -17.04 -36.94
C ASP C 159 -11.12 -17.20 -38.43
N LYS C 160 -10.62 -18.28 -39.04
CA LYS C 160 -11.01 -18.59 -40.41
C LYS C 160 -12.52 -18.82 -40.56
N GLN C 161 -13.26 -18.86 -39.45
CA GLN C 161 -14.71 -18.81 -39.52
C GLN C 161 -15.18 -17.44 -39.04
N ARG C 162 -14.58 -16.39 -39.61
CA ARG C 162 -14.77 -15.03 -39.12
C ARG C 162 -16.24 -14.59 -39.21
N SER C 163 -16.80 -14.62 -40.43
CA SER C 163 -18.10 -14.00 -40.65
C SER C 163 -19.15 -14.46 -39.65
N THR C 164 -19.02 -15.66 -39.11
CA THR C 164 -19.86 -16.05 -37.97
C THR C 164 -19.48 -15.30 -36.71
N TYR C 165 -18.29 -14.68 -36.69
CA TYR C 165 -17.72 -14.09 -35.50
C TYR C 165 -17.46 -12.60 -35.67
N VAL C 166 -17.76 -12.03 -36.85
CA VAL C 166 -17.75 -10.59 -37.04
C VAL C 166 -19.17 -10.03 -37.12
N PHE C 167 -20.12 -10.78 -37.68
CA PHE C 167 -21.52 -10.33 -37.70
C PHE C 167 -22.07 -10.17 -36.30
N VAL C 168 -21.64 -11.01 -35.36
CA VAL C 168 -22.15 -10.92 -33.99
C VAL C 168 -21.43 -9.83 -33.21
N LEU C 169 -20.18 -9.51 -33.56
CA LEU C 169 -19.48 -8.44 -32.88
C LEU C 169 -19.98 -7.08 -33.34
N LEU C 170 -20.07 -6.87 -34.66
CA LEU C 170 -20.62 -5.64 -35.19
C LEU C 170 -22.11 -5.51 -34.92
N GLY C 171 -22.81 -6.61 -34.70
CA GLY C 171 -24.24 -6.54 -34.45
C GLY C 171 -24.58 -5.85 -33.15
N VAL C 172 -23.83 -6.16 -32.08
CA VAL C 172 -24.09 -5.52 -30.79
C VAL C 172 -23.61 -4.08 -30.80
N ALA C 173 -22.46 -3.83 -31.42
CA ALA C 173 -21.95 -2.45 -31.49
C ALA C 173 -22.97 -1.52 -32.12
N TYR C 174 -23.84 -2.05 -32.99
CA TYR C 174 -24.92 -1.26 -33.57
C TYR C 174 -26.17 -1.27 -32.69
N SER C 175 -26.47 -2.40 -32.05
CA SER C 175 -27.64 -2.48 -31.20
C SER C 175 -27.49 -1.59 -29.96
N ALA C 176 -26.27 -1.36 -29.50
CA ALA C 176 -26.05 -0.46 -28.38
C ALA C 176 -26.38 0.98 -28.76
N SER C 177 -26.08 1.37 -29.99
CA SER C 177 -26.38 2.72 -30.44
C SER C 177 -27.86 2.88 -30.82
N ILE C 178 -28.45 1.85 -31.43
CA ILE C 178 -29.86 1.93 -31.80
C ILE C 178 -30.76 1.87 -30.57
N GLY C 179 -30.35 1.14 -29.53
CA GLY C 179 -31.19 1.03 -28.35
C GLY C 179 -31.34 2.33 -27.59
N GLY C 180 -30.28 3.14 -27.55
CA GLY C 180 -30.31 4.40 -26.84
C GLY C 180 -31.20 5.47 -27.44
N ILE C 181 -31.81 5.23 -28.59
CA ILE C 181 -32.66 6.20 -29.26
C ILE C 181 -34.14 5.95 -28.95
N ALA C 182 -34.44 5.10 -27.98
CA ALA C 182 -35.82 4.74 -27.66
C ALA C 182 -36.43 5.65 -26.60
N THR C 183 -35.63 6.08 -25.62
CA THR C 183 -36.13 6.86 -24.50
C THR C 183 -35.28 8.11 -24.32
N LEU C 184 -35.83 9.05 -23.55
CA LEU C 184 -35.11 10.31 -23.33
C LEU C 184 -33.77 10.07 -22.65
N VAL C 185 -33.72 9.12 -21.73
CA VAL C 185 -32.46 8.64 -21.18
C VAL C 185 -31.96 7.50 -22.06
N GLY C 186 -30.66 7.48 -22.31
CA GLY C 186 -30.09 6.51 -23.23
C GLY C 186 -28.89 7.04 -23.97
N SER C 187 -29.04 8.19 -24.63
CA SER C 187 -27.93 8.84 -25.30
C SER C 187 -28.03 10.34 -25.02
N PRO C 188 -26.92 10.99 -24.69
CA PRO C 188 -26.95 12.42 -24.35
C PRO C 188 -27.66 13.25 -25.42
N PRO C 189 -27.38 12.98 -26.71
CA PRO C 189 -28.08 13.75 -27.75
C PRO C 189 -29.57 13.85 -27.54
N ASN C 190 -30.22 12.76 -27.14
CA ASN C 190 -31.66 12.79 -26.88
C ASN C 190 -31.99 13.82 -25.82
N ALA C 191 -31.24 13.81 -24.71
CA ALA C 191 -31.48 14.77 -23.64
C ALA C 191 -31.22 16.20 -24.11
N ILE C 192 -30.23 16.39 -24.98
CA ILE C 192 -29.93 17.72 -25.49
C ILE C 192 -31.09 18.25 -26.32
N ALA C 193 -31.72 17.39 -27.12
CA ALA C 193 -32.88 17.81 -27.89
C ALA C 193 -34.04 18.18 -26.97
N ALA C 194 -34.37 17.31 -26.01
CA ALA C 194 -35.47 17.59 -25.10
C ALA C 194 -35.26 18.89 -24.36
N ALA C 195 -34.01 19.17 -23.94
CA ALA C 195 -33.73 20.40 -23.21
C ALA C 195 -33.82 21.63 -24.11
N GLU C 196 -33.55 21.48 -25.41
CA GLU C 196 -33.60 22.62 -26.31
C GLU C 196 -35.04 23.05 -26.57
N VAL C 197 -35.90 22.09 -26.90
CA VAL C 197 -37.29 22.39 -27.24
C VAL C 197 -38.26 22.09 -26.10
N GLY C 198 -37.76 21.55 -24.98
CA GLY C 198 -38.63 21.27 -23.86
C GLY C 198 -39.54 20.07 -24.08
N LEU C 199 -38.95 18.91 -24.35
CA LEU C 199 -39.72 17.69 -24.58
C LEU C 199 -39.89 16.93 -23.27
N SER C 200 -41.02 16.23 -23.16
CA SER C 200 -41.24 15.31 -22.05
C SER C 200 -40.74 13.93 -22.42
N PHE C 201 -40.59 13.08 -21.39
CA PHE C 201 -40.14 11.72 -21.62
C PHE C 201 -41.08 10.97 -22.56
N THR C 202 -42.38 11.01 -22.26
CA THR C 202 -43.35 10.30 -23.10
C THR C 202 -43.49 10.92 -24.48
N ASP C 203 -43.15 12.20 -24.64
CA ASP C 203 -43.16 12.82 -25.96
C ASP C 203 -42.02 12.28 -26.83
N TRP C 204 -40.81 12.24 -26.28
CA TRP C 204 -39.66 11.75 -27.03
C TRP C 204 -39.78 10.27 -27.35
N MET C 205 -40.54 9.52 -26.54
CA MET C 205 -40.74 8.10 -26.83
C MET C 205 -41.63 7.91 -28.05
N LYS C 206 -42.63 8.78 -28.22
CA LYS C 206 -43.47 8.72 -29.41
C LYS C 206 -42.65 8.83 -30.69
N PHE C 207 -41.53 9.56 -30.64
CA PHE C 207 -40.65 9.68 -31.81
C PHE C 207 -39.64 8.53 -31.88
N GLY C 208 -38.80 8.40 -30.86
CA GLY C 208 -37.65 7.50 -30.98
C GLY C 208 -38.03 6.04 -30.94
N LEU C 209 -38.89 5.65 -30.00
CA LEU C 209 -39.20 4.23 -29.82
C LEU C 209 -39.71 3.59 -31.11
N PRO C 210 -40.74 4.12 -31.78
CA PRO C 210 -41.12 3.54 -33.08
C PRO C 210 -39.96 3.45 -34.06
N THR C 211 -39.10 4.47 -34.09
CA THR C 211 -37.94 4.44 -34.99
C THR C 211 -37.03 3.28 -34.65
N ALA C 212 -36.78 3.04 -33.36
CA ALA C 212 -35.91 1.93 -32.97
C ALA C 212 -36.56 0.58 -33.27
N MET C 213 -37.88 0.48 -33.09
CA MET C 213 -38.58 -0.74 -33.45
C MET C 213 -38.34 -1.11 -34.91
N MET C 214 -38.34 -0.12 -35.80
CA MET C 214 -38.17 -0.38 -37.22
C MET C 214 -36.70 -0.51 -37.60
N MET C 215 -35.83 0.31 -37.01
CA MET C 215 -34.44 0.35 -37.46
C MET C 215 -33.65 -0.88 -37.06
N LEU C 216 -33.99 -1.50 -35.93
CA LEU C 216 -33.20 -2.65 -35.48
C LEU C 216 -33.28 -3.81 -36.47
N PRO C 217 -34.46 -4.25 -36.92
CA PRO C 217 -34.48 -5.26 -37.99
C PRO C 217 -33.79 -4.79 -39.25
N MET C 218 -34.05 -3.54 -39.67
CA MET C 218 -33.40 -2.99 -40.86
C MET C 218 -31.88 -2.98 -40.71
N ALA C 219 -31.38 -2.88 -39.48
CA ALA C 219 -29.93 -2.87 -39.27
C ALA C 219 -29.35 -4.27 -39.28
N ILE C 220 -30.04 -5.23 -38.67
CA ILE C 220 -29.58 -6.61 -38.69
C ILE C 220 -29.74 -7.19 -40.09
N ALA C 221 -30.86 -6.87 -40.75
CA ALA C 221 -31.08 -7.34 -42.13
C ALA C 221 -29.89 -7.01 -43.02
N ILE C 222 -29.35 -5.79 -42.90
CA ILE C 222 -28.19 -5.42 -43.71
C ILE C 222 -26.99 -6.26 -43.30
N LEU C 223 -26.81 -6.48 -41.99
CA LEU C 223 -25.74 -7.36 -41.53
C LEU C 223 -26.03 -8.82 -41.90
N TYR C 224 -27.29 -9.23 -41.79
CA TYR C 224 -27.69 -10.59 -42.17
C TYR C 224 -27.30 -10.89 -43.62
N PHE C 225 -27.85 -10.12 -44.55
CA PHE C 225 -27.69 -10.41 -45.98
C PHE C 225 -26.36 -9.93 -46.56
N LEU C 226 -25.26 -10.01 -45.79
CA LEU C 226 -23.94 -9.76 -46.35
C LEU C 226 -23.03 -10.98 -46.24
N LEU C 227 -22.56 -11.35 -45.05
CA LEU C 227 -21.70 -12.51 -44.89
C LEU C 227 -22.05 -13.25 -43.61
N LYS C 228 -23.33 -13.38 -43.34
CA LYS C 228 -23.79 -14.06 -42.13
C LYS C 228 -23.81 -15.57 -42.33
N PRO C 229 -23.04 -16.34 -41.57
CA PRO C 229 -23.19 -17.80 -41.62
C PRO C 229 -23.63 -18.36 -40.28
N THR C 230 -24.73 -17.83 -39.75
CA THR C 230 -25.15 -18.17 -38.40
C THR C 230 -26.49 -18.91 -38.41
N ASN C 243 -30.77 -15.54 -9.32
CA ASN C 243 -31.90 -15.73 -8.41
C ASN C 243 -32.33 -14.42 -7.79
N TRP C 244 -33.64 -14.18 -7.76
CA TRP C 244 -34.19 -12.94 -7.22
C TRP C 244 -33.79 -12.74 -5.76
N ASP C 245 -32.82 -11.86 -5.52
CA ASP C 245 -32.30 -11.64 -4.17
C ASP C 245 -32.90 -10.41 -3.51
N LYS C 246 -32.11 -9.73 -2.69
CA LYS C 246 -32.55 -8.57 -1.91
C LYS C 246 -33.08 -7.44 -2.78
N GLY C 247 -34.40 -7.20 -2.70
CA GLY C 247 -35.00 -6.05 -3.35
C GLY C 247 -34.72 -5.88 -4.82
N LYS C 248 -34.35 -6.95 -5.52
CA LYS C 248 -34.39 -6.89 -6.98
C LYS C 248 -35.82 -6.73 -7.48
N VAL C 249 -36.80 -7.21 -6.70
CA VAL C 249 -38.18 -6.84 -6.97
C VAL C 249 -38.40 -5.37 -6.63
N VAL C 250 -37.70 -4.88 -5.61
CA VAL C 250 -37.79 -3.46 -5.26
C VAL C 250 -37.22 -2.61 -6.38
N THR C 251 -35.97 -2.89 -6.76
CA THR C 251 -35.39 -2.20 -7.91
C THR C 251 -36.29 -2.35 -9.13
N LEU C 252 -36.74 -3.58 -9.40
CA LEU C 252 -37.70 -3.79 -10.48
C LEU C 252 -38.99 -3.04 -10.19
N GLY C 253 -39.46 -3.10 -8.96
CA GLY C 253 -40.64 -2.36 -8.55
C GLY C 253 -40.41 -0.87 -8.72
N ILE C 254 -39.36 -0.35 -8.07
CA ILE C 254 -39.00 1.05 -8.24
C ILE C 254 -38.90 1.39 -9.73
N PHE C 255 -38.10 0.62 -10.46
CA PHE C 255 -37.96 0.81 -11.89
C PHE C 255 -39.32 0.81 -12.59
N GLY C 256 -40.06 -0.29 -12.44
CA GLY C 256 -41.38 -0.36 -13.05
C GLY C 256 -42.28 0.80 -12.66
N LEU C 257 -42.33 1.10 -11.36
CA LEU C 257 -43.12 2.25 -10.90
C LEU C 257 -42.68 3.52 -11.61
N THR C 258 -41.37 3.78 -11.64
CA THR C 258 -40.87 4.98 -12.30
C THR C 258 -41.27 5.03 -13.77
N VAL C 259 -41.08 3.92 -14.49
CA VAL C 259 -41.40 3.91 -15.91
C VAL C 259 -42.91 4.04 -16.13
N PHE C 260 -43.71 3.50 -15.21
CA PHE C 260 -45.17 3.63 -15.33
C PHE C 260 -45.57 5.10 -15.25
N LEU C 261 -45.05 5.82 -14.27
CA LEU C 261 -45.35 7.25 -14.14
C LEU C 261 -44.80 8.03 -15.33
N TRP C 262 -43.62 7.65 -15.82
CA TRP C 262 -43.03 8.36 -16.96
C TRP C 262 -43.93 8.28 -18.19
N ILE C 263 -44.56 7.13 -18.41
CA ILE C 263 -45.46 6.99 -19.55
C ILE C 263 -46.75 7.78 -19.31
N PHE C 264 -47.40 7.52 -18.17
CA PHE C 264 -48.66 8.18 -17.82
C PHE C 264 -48.46 9.54 -17.18
N SER C 265 -47.28 10.17 -17.35
CA SER C 265 -47.05 11.48 -16.76
C SER C 265 -48.06 12.50 -17.27
N SER C 266 -48.48 12.38 -18.52
CA SER C 266 -49.46 13.33 -19.08
C SER C 266 -50.74 13.34 -18.26
N PRO C 267 -51.45 12.23 -18.09
CA PRO C 267 -52.67 12.27 -17.27
C PRO C 267 -52.38 12.37 -15.79
N ILE C 268 -51.34 11.66 -15.32
CA ILE C 268 -51.01 11.67 -13.89
C ILE C 268 -50.72 13.09 -13.42
N ASN C 269 -49.84 13.79 -14.14
CA ASN C 269 -49.50 15.16 -13.75
C ASN C 269 -50.70 16.09 -13.90
N ALA C 270 -51.38 16.03 -15.05
CA ALA C 270 -52.56 16.87 -15.25
C ALA C 270 -53.59 16.63 -14.16
N ALA C 271 -53.80 15.35 -13.80
CA ALA C 271 -54.73 15.00 -12.73
C ALA C 271 -54.05 15.14 -11.38
N LEU C 272 -53.13 16.08 -11.25
CA LEU C 272 -52.40 16.31 -10.01
C LEU C 272 -52.15 17.76 -9.67
N GLY C 273 -52.42 18.70 -10.57
CA GLY C 273 -52.13 20.11 -10.32
C GLY C 273 -51.18 20.74 -11.32
N GLY C 274 -50.73 20.01 -12.34
CA GLY C 274 -49.86 20.56 -13.35
C GLY C 274 -48.54 21.06 -12.82
N PHE C 275 -47.70 20.15 -12.34
CA PHE C 275 -46.35 20.53 -11.95
C PHE C 275 -45.50 20.79 -13.19
N LYS C 276 -44.39 21.50 -12.99
CA LYS C 276 -43.63 22.04 -14.12
C LYS C 276 -42.89 20.93 -14.87
N SER C 277 -41.83 20.40 -14.27
CA SER C 277 -41.04 19.37 -14.92
C SER C 277 -41.31 18.00 -14.30
N PHE C 278 -42.55 17.51 -14.44
CA PHE C 278 -42.94 16.27 -13.78
C PHE C 278 -41.93 15.16 -14.04
N ASP C 279 -41.53 14.97 -15.29
CA ASP C 279 -40.53 13.95 -15.60
C ASP C 279 -39.27 14.15 -14.78
N THR C 280 -38.84 15.40 -14.62
CA THR C 280 -37.66 15.67 -13.79
C THR C 280 -37.90 15.28 -12.35
N LEU C 281 -39.10 15.54 -11.82
CA LEU C 281 -39.42 15.13 -10.45
C LEU C 281 -39.38 13.61 -10.32
N VAL C 282 -39.99 12.90 -11.26
CA VAL C 282 -39.99 11.44 -11.23
C VAL C 282 -38.56 10.90 -11.21
N ALA C 283 -37.68 11.50 -12.02
CA ALA C 283 -36.28 11.07 -12.03
C ALA C 283 -35.65 11.22 -10.65
N LEU C 284 -35.90 12.36 -9.99
CA LEU C 284 -35.36 12.55 -8.64
C LEU C 284 -36.05 11.65 -7.63
N GLY C 285 -37.34 11.39 -7.81
CA GLY C 285 -38.03 10.46 -6.92
C GLY C 285 -37.42 9.07 -6.96
N ALA C 286 -37.02 8.61 -8.15
CA ALA C 286 -36.31 7.34 -8.24
C ALA C 286 -35.04 7.36 -7.40
N ILE C 287 -34.25 8.44 -7.52
CA ILE C 287 -33.05 8.58 -6.69
C ILE C 287 -33.39 8.46 -5.22
N LEU C 288 -34.57 8.94 -4.82
CA LEU C 288 -34.99 8.85 -3.43
C LEU C 288 -35.44 7.44 -3.07
N MET C 289 -36.42 6.93 -3.81
CA MET C 289 -36.86 5.55 -3.60
C MET C 289 -35.67 4.59 -3.61
N LEU C 290 -34.78 4.74 -4.58
CA LEU C 290 -33.61 3.88 -4.64
C LEU C 290 -32.75 4.03 -3.39
N SER C 291 -32.74 5.22 -2.79
CA SER C 291 -31.95 5.45 -1.59
C SER C 291 -32.72 5.11 -0.32
N PHE C 292 -34.02 5.41 -0.29
CA PHE C 292 -34.84 5.00 0.85
C PHE C 292 -34.90 3.48 0.94
N ALA C 293 -35.11 2.80 -0.18
CA ALA C 293 -35.11 1.35 -0.20
C ALA C 293 -33.72 0.77 0.01
N ARG C 294 -32.71 1.60 0.24
CA ARG C 294 -31.35 1.15 0.56
C ARG C 294 -30.74 0.34 -0.57
N VAL C 295 -31.39 0.31 -1.73
CA VAL C 295 -31.01 -0.62 -2.79
C VAL C 295 -29.77 -0.16 -3.55
N VAL C 296 -29.38 1.10 -3.40
CA VAL C 296 -28.18 1.63 -4.04
C VAL C 296 -27.66 2.77 -3.20
N HIS C 297 -26.37 2.73 -2.88
CA HIS C 297 -25.76 3.80 -2.12
C HIS C 297 -25.43 4.97 -3.04
N TRP C 298 -25.18 6.13 -2.45
CA TRP C 298 -24.89 7.29 -3.29
C TRP C 298 -23.53 7.16 -3.95
N LYS C 299 -22.54 6.62 -3.22
CA LYS C 299 -21.27 6.30 -3.87
C LYS C 299 -21.52 5.47 -5.11
N GLU C 300 -22.55 4.64 -5.10
CA GLU C 300 -22.94 3.89 -6.29
C GLU C 300 -23.40 4.85 -7.39
N ILE C 301 -24.37 5.72 -7.07
CA ILE C 301 -24.88 6.66 -8.06
C ILE C 301 -23.78 7.60 -8.51
N GLN C 302 -22.91 8.03 -7.60
CA GLN C 302 -21.87 8.98 -7.95
C GLN C 302 -20.86 8.36 -8.93
N LYS C 303 -20.67 7.05 -8.88
CA LYS C 303 -19.79 6.38 -9.82
C LYS C 303 -20.45 6.23 -11.19
N THR C 304 -21.64 5.63 -11.22
CA THR C 304 -22.36 5.45 -12.49
C THR C 304 -22.59 6.77 -13.20
N ALA C 305 -22.93 7.82 -12.46
CA ALA C 305 -23.27 9.11 -13.05
C ALA C 305 -22.11 9.68 -13.86
N ASP C 306 -22.41 10.16 -15.07
CA ASP C 306 -21.44 10.83 -15.93
C ASP C 306 -21.58 12.33 -15.73
N TRP C 307 -20.95 12.83 -14.67
CA TRP C 307 -21.03 14.25 -14.34
C TRP C 307 -20.43 15.13 -15.43
N GLY C 308 -19.52 14.60 -16.25
CA GLY C 308 -19.00 15.37 -17.36
C GLY C 308 -20.07 15.66 -18.41
N VAL C 309 -20.91 14.68 -18.71
CA VAL C 309 -22.00 14.88 -19.66
C VAL C 309 -23.03 15.86 -19.10
N LEU C 310 -23.37 15.71 -17.81
CA LEU C 310 -24.31 16.64 -17.19
C LEU C 310 -23.84 18.08 -17.33
N LEU C 311 -22.54 18.32 -17.17
CA LEU C 311 -22.01 19.66 -17.40
C LEU C 311 -22.10 20.05 -18.87
N LEU C 312 -21.93 19.10 -19.79
CA LEU C 312 -22.03 19.42 -21.21
C LEU C 312 -23.43 19.95 -21.52
N PHE C 313 -24.46 19.28 -21.02
CA PHE C 313 -25.83 19.78 -21.15
C PHE C 313 -25.88 21.28 -20.89
N GLY C 314 -25.33 21.70 -19.75
CA GLY C 314 -25.29 23.12 -19.44
C GLY C 314 -24.54 23.93 -20.48
N GLY C 315 -23.37 23.44 -20.89
CA GLY C 315 -22.59 24.15 -21.90
C GLY C 315 -23.33 24.30 -23.21
N GLY C 316 -24.11 23.28 -23.60
CA GLY C 316 -24.86 23.37 -24.83
C GLY C 316 -26.00 24.36 -24.75
N LEU C 317 -26.68 24.41 -23.60
CA LEU C 317 -27.76 25.39 -23.43
C LEU C 317 -27.22 26.81 -23.38
N CYS C 318 -26.08 27.03 -22.72
CA CYS C 318 -25.49 28.36 -22.71
C CYS C 318 -25.18 28.82 -24.14
N LEU C 319 -24.63 27.92 -24.96
CA LEU C 319 -24.36 28.27 -26.35
C LEU C 319 -25.64 28.70 -27.05
N SER C 320 -26.69 27.88 -26.94
CA SER C 320 -27.98 28.25 -27.52
C SER C 320 -28.40 29.66 -27.13
N ASN C 321 -28.19 30.01 -25.85
CA ASN C 321 -28.53 31.35 -25.39
C ASN C 321 -27.54 32.38 -25.93
N VAL C 322 -26.31 31.97 -26.24
CA VAL C 322 -25.35 32.91 -26.82
C VAL C 322 -25.74 33.23 -28.26
N LEU C 323 -26.28 32.25 -28.98
CA LEU C 323 -26.71 32.50 -30.35
C LEU C 323 -27.86 33.51 -30.40
N LYS C 324 -28.80 33.42 -29.45
CA LYS C 324 -29.95 34.32 -29.45
C LYS C 324 -29.56 35.71 -28.98
N GLN C 325 -28.93 35.82 -27.80
CA GLN C 325 -28.61 37.13 -27.25
C GLN C 325 -27.82 37.99 -28.23
N THR C 326 -27.01 37.36 -29.08
CA THR C 326 -26.24 38.08 -30.09
C THR C 326 -26.95 38.17 -31.43
N GLY C 327 -28.10 37.51 -31.59
CA GLY C 327 -28.82 37.51 -32.85
C GLY C 327 -28.26 36.63 -33.93
N THR C 328 -27.22 35.85 -33.64
CA THR C 328 -26.66 34.96 -34.66
C THR C 328 -27.68 33.94 -35.13
N SER C 329 -28.67 33.62 -34.30
CA SER C 329 -29.72 32.70 -34.73
C SER C 329 -30.56 33.32 -35.84
N VAL C 330 -30.89 34.60 -35.70
CA VAL C 330 -31.66 35.29 -36.73
C VAL C 330 -30.78 35.71 -37.90
N PHE C 331 -29.51 36.01 -37.64
CA PHE C 331 -28.59 36.40 -38.71
C PHE C 331 -28.41 35.25 -39.71
N LEU C 332 -28.27 34.02 -39.21
CA LEU C 332 -28.14 32.87 -40.09
C LEU C 332 -29.46 32.55 -40.78
N ALA C 333 -30.58 32.75 -40.08
CA ALA C 333 -31.89 32.58 -40.72
C ALA C 333 -32.05 33.56 -41.88
N ASN C 334 -31.54 34.78 -41.73
CA ASN C 334 -31.54 35.72 -42.84
C ASN C 334 -30.65 35.24 -43.97
N ALA C 335 -29.48 34.69 -43.63
CA ALA C 335 -28.57 34.19 -44.66
C ALA C 335 -29.16 33.00 -45.39
N LEU C 336 -29.88 32.14 -44.68
CA LEU C 336 -30.52 30.98 -45.29
C LEU C 336 -31.93 31.28 -45.78
N SER C 337 -32.39 32.54 -45.67
CA SER C 337 -33.75 32.87 -46.05
C SER C 337 -34.04 32.42 -47.49
N ASP C 338 -33.27 32.95 -48.44
CA ASP C 338 -33.46 32.56 -49.84
C ASP C 338 -33.11 31.09 -50.04
N MET C 339 -32.01 30.62 -49.44
CA MET C 339 -31.61 29.23 -49.62
C MET C 339 -32.74 28.30 -49.20
N VAL C 340 -33.31 28.54 -48.02
CA VAL C 340 -34.36 27.65 -47.53
C VAL C 340 -35.69 27.93 -48.22
N SER C 341 -35.95 29.18 -48.60
CA SER C 341 -37.17 29.48 -49.36
C SER C 341 -37.12 28.86 -50.75
N HIS C 342 -35.94 28.81 -51.36
CA HIS C 342 -35.78 28.10 -52.62
C HIS C 342 -35.87 26.59 -52.42
N MET C 343 -35.59 26.11 -51.21
CA MET C 343 -35.69 24.70 -50.88
C MET C 343 -37.06 24.40 -50.29
N GLY C 344 -37.53 23.18 -50.54
CA GLY C 344 -38.71 22.71 -49.85
C GLY C 344 -38.38 22.27 -48.43
N ILE C 345 -39.43 22.07 -47.64
CA ILE C 345 -39.20 21.56 -46.29
C ILE C 345 -38.66 20.15 -46.37
N PHE C 346 -39.04 19.40 -47.41
CA PHE C 346 -38.36 18.13 -47.70
C PHE C 346 -36.87 18.37 -47.91
N VAL C 347 -36.53 19.28 -48.82
CA VAL C 347 -35.12 19.60 -49.09
C VAL C 347 -34.42 20.00 -47.80
N VAL C 348 -35.10 20.80 -46.96
CA VAL C 348 -34.48 21.26 -45.72
C VAL C 348 -34.20 20.08 -44.80
N ILE C 349 -35.24 19.34 -44.41
CA ILE C 349 -35.06 18.24 -43.47
C ILE C 349 -34.26 17.09 -44.06
N LEU C 350 -34.23 16.95 -45.38
CA LEU C 350 -33.39 15.91 -45.98
C LEU C 350 -31.92 16.31 -46.00
N VAL C 351 -31.63 17.57 -46.35
CA VAL C 351 -30.26 18.05 -46.28
C VAL C 351 -29.75 17.95 -44.85
N VAL C 352 -30.57 18.35 -43.87
CA VAL C 352 -30.18 18.27 -42.47
C VAL C 352 -29.89 16.82 -42.08
N ALA C 353 -30.91 15.96 -42.21
CA ALA C 353 -30.76 14.55 -41.83
C ALA C 353 -29.48 13.95 -42.39
N THR C 354 -29.26 14.07 -43.70
CA THR C 354 -28.04 13.55 -44.30
C THR C 354 -26.80 14.16 -43.66
N PHE C 355 -26.82 15.47 -43.40
CA PHE C 355 -25.64 16.17 -42.89
C PHE C 355 -25.12 15.54 -41.61
N VAL C 356 -26.01 15.18 -40.69
CA VAL C 356 -25.58 14.66 -39.40
C VAL C 356 -25.16 13.19 -39.50
N VAL C 357 -25.99 12.36 -40.15
CA VAL C 357 -25.75 10.92 -40.18
C VAL C 357 -24.33 10.58 -40.61
N PHE C 358 -23.72 11.44 -41.42
CA PHE C 358 -22.31 11.26 -41.80
C PHE C 358 -21.35 12.07 -40.93
N LEU C 359 -21.80 13.23 -40.43
CA LEU C 359 -20.95 14.02 -39.54
C LEU C 359 -20.62 13.26 -38.25
N THR C 360 -21.56 12.47 -37.75
CA THR C 360 -21.33 11.70 -36.53
C THR C 360 -20.22 10.67 -36.68
N GLU C 361 -19.79 10.37 -37.90
CA GLU C 361 -18.69 9.43 -38.08
C GLU C 361 -17.35 10.02 -37.67
N PHE C 362 -17.22 11.34 -37.74
CA PHE C 362 -15.93 11.99 -37.49
C PHE C 362 -15.81 12.60 -36.10
N ALA C 363 -16.91 12.83 -35.39
CA ALA C 363 -16.87 13.47 -34.09
C ALA C 363 -17.78 12.72 -33.12
N SER C 364 -17.65 13.05 -31.84
CA SER C 364 -18.42 12.39 -30.81
C SER C 364 -19.92 12.51 -31.09
N ASN C 365 -20.67 11.49 -30.68
CA ASN C 365 -22.12 11.52 -30.81
C ASN C 365 -22.70 12.78 -30.17
N THR C 366 -22.44 12.96 -28.88
CA THR C 366 -23.03 14.10 -28.16
C THR C 366 -22.36 15.40 -28.56
N ALA C 367 -21.05 15.38 -28.79
CA ALA C 367 -20.34 16.58 -29.23
C ALA C 367 -20.92 17.11 -30.53
N SER C 368 -21.49 16.24 -31.36
CA SER C 368 -22.13 16.69 -32.59
C SER C 368 -23.45 17.37 -32.31
N ALA C 369 -24.28 16.76 -31.46
CA ALA C 369 -25.56 17.37 -31.09
C ALA C 369 -25.35 18.66 -30.30
N ALA C 370 -24.30 18.70 -29.46
CA ALA C 370 -24.05 19.88 -28.66
C ALA C 370 -23.85 21.13 -29.52
N LEU C 371 -23.43 20.95 -30.76
CA LEU C 371 -23.18 22.08 -31.67
C LEU C 371 -24.34 22.34 -32.62
N LEU C 372 -24.97 21.30 -33.17
CA LEU C 372 -25.99 21.52 -34.18
C LEU C 372 -27.36 21.80 -33.58
N ILE C 373 -27.70 21.15 -32.47
CA ILE C 373 -29.01 21.40 -31.85
C ILE C 373 -29.21 22.87 -31.53
N PRO C 374 -28.25 23.59 -30.94
CA PRO C 374 -28.44 25.04 -30.76
C PRO C 374 -28.61 25.79 -32.07
N VAL C 375 -27.70 25.59 -33.02
CA VAL C 375 -27.75 26.34 -34.27
C VAL C 375 -29.07 26.10 -35.00
N PHE C 376 -29.40 24.83 -35.24
CA PHE C 376 -30.57 24.52 -36.06
C PHE C 376 -31.87 24.90 -35.35
N ALA C 377 -31.95 24.66 -34.04
CA ALA C 377 -33.18 24.99 -33.31
C ALA C 377 -33.43 26.49 -33.31
N THR C 378 -32.41 27.30 -33.03
CA THR C 378 -32.60 28.74 -32.92
C THR C 378 -32.80 29.39 -34.28
N VAL C 379 -32.07 28.93 -35.30
CA VAL C 379 -32.28 29.46 -36.64
C VAL C 379 -33.66 29.08 -37.15
N ALA C 380 -34.03 27.81 -37.00
CA ALA C 380 -35.39 27.38 -37.34
C ALA C 380 -36.43 28.22 -36.62
N GLU C 381 -36.10 28.71 -35.42
CA GLU C 381 -37.06 29.52 -34.66
C GLU C 381 -37.23 30.90 -35.27
N ALA C 382 -36.13 31.52 -35.71
CA ALA C 382 -36.23 32.82 -36.38
C ALA C 382 -37.14 32.74 -37.60
N PHE C 383 -37.16 31.59 -38.27
CA PHE C 383 -38.09 31.36 -39.38
C PHE C 383 -39.53 31.16 -38.91
N GLY C 384 -39.80 31.26 -37.62
CA GLY C 384 -41.13 30.97 -37.12
C GLY C 384 -41.53 29.52 -37.25
N MET C 385 -40.57 28.60 -37.21
CA MET C 385 -40.81 27.17 -37.32
C MET C 385 -40.61 26.51 -35.96
N SER C 386 -41.41 25.49 -35.69
CA SER C 386 -41.25 24.72 -34.47
C SER C 386 -39.90 24.01 -34.48
N PRO C 387 -38.99 24.34 -33.56
CA PRO C 387 -37.67 23.70 -33.56
C PRO C 387 -37.68 22.25 -33.13
N VAL C 388 -38.84 21.66 -32.86
CA VAL C 388 -38.90 20.26 -32.45
C VAL C 388 -38.42 19.35 -33.57
N LEU C 389 -39.00 19.50 -34.77
CA LEU C 389 -38.69 18.61 -35.87
C LEU C 389 -37.19 18.55 -36.14
N LEU C 390 -36.60 19.69 -36.46
CA LEU C 390 -35.16 19.72 -36.73
C LEU C 390 -34.37 19.22 -35.54
N SER C 391 -34.76 19.61 -34.32
CA SER C 391 -34.02 19.21 -33.13
C SER C 391 -34.11 17.71 -32.89
N VAL C 392 -35.32 17.17 -32.81
CA VAL C 392 -35.48 15.73 -32.63
C VAL C 392 -34.79 14.97 -33.75
N LEU C 393 -34.93 15.46 -34.99
CA LEU C 393 -34.24 14.84 -36.12
C LEU C 393 -32.74 14.80 -35.90
N ILE C 394 -32.13 15.97 -35.67
CA ILE C 394 -30.69 16.04 -35.48
C ILE C 394 -30.25 15.10 -34.36
N ALA C 395 -30.96 15.15 -33.23
CA ALA C 395 -30.58 14.32 -32.09
C ALA C 395 -30.67 12.84 -32.40
N VAL C 396 -31.62 12.44 -33.26
CA VAL C 396 -31.77 11.03 -33.59
C VAL C 396 -30.68 10.59 -34.57
N ALA C 397 -30.56 11.29 -35.70
CA ALA C 397 -29.57 10.94 -36.69
C ALA C 397 -28.14 11.02 -36.15
N ALA C 398 -27.93 11.75 -35.06
CA ALA C 398 -26.59 11.85 -34.48
C ALA C 398 -26.09 10.51 -33.94
N SER C 399 -26.99 9.67 -33.43
CA SER C 399 -26.60 8.38 -32.86
C SER C 399 -26.57 7.26 -33.90
N CYS C 400 -26.48 7.60 -35.20
CA CYS C 400 -26.43 6.60 -36.26
C CYS C 400 -25.02 6.47 -36.83
N ALA C 401 -24.06 6.12 -35.97
CA ALA C 401 -22.66 5.93 -36.37
C ALA C 401 -22.39 4.43 -36.50
N PHE C 402 -22.21 3.97 -37.74
CA PHE C 402 -22.06 2.56 -38.03
C PHE C 402 -20.85 2.20 -38.88
N MET C 403 -20.10 3.18 -39.38
CA MET C 403 -18.96 2.89 -40.24
C MET C 403 -17.71 2.68 -39.41
N LEU C 404 -16.63 3.41 -39.74
CA LEU C 404 -15.35 3.21 -39.07
C LEU C 404 -15.50 3.35 -37.56
N PRO C 405 -14.51 2.91 -36.80
CA PRO C 405 -14.50 3.17 -35.35
C PRO C 405 -14.31 4.64 -35.05
N VAL C 406 -13.96 4.96 -33.80
CA VAL C 406 -13.73 6.33 -33.32
C VAL C 406 -14.95 7.21 -33.54
N ALA C 407 -15.96 6.68 -34.24
CA ALA C 407 -17.24 7.38 -34.35
C ALA C 407 -18.03 7.29 -33.06
N THR C 408 -18.17 6.09 -32.52
CA THR C 408 -18.84 5.84 -31.25
C THR C 408 -18.05 4.80 -30.46
N PRO C 409 -18.05 4.90 -29.14
CA PRO C 409 -17.30 3.94 -28.32
C PRO C 409 -17.74 2.51 -28.60
N PRO C 410 -19.04 2.24 -28.65
CA PRO C 410 -19.49 0.88 -28.99
C PRO C 410 -18.83 0.33 -30.26
N ASN C 411 -18.59 1.18 -31.25
CA ASN C 411 -17.85 0.73 -32.43
C ASN C 411 -16.44 0.31 -32.07
N ALA C 412 -15.69 1.17 -31.37
CA ALA C 412 -14.34 0.85 -30.97
C ALA C 412 -14.27 -0.25 -29.92
N ILE C 413 -15.40 -0.59 -29.28
CA ILE C 413 -15.40 -1.64 -28.28
C ILE C 413 -15.32 -3.01 -28.94
N VAL C 414 -16.27 -3.30 -29.84
CA VAL C 414 -16.25 -4.56 -30.59
C VAL C 414 -15.12 -4.59 -31.62
N PHE C 415 -14.52 -3.45 -31.92
CA PHE C 415 -13.41 -3.41 -32.86
C PHE C 415 -12.09 -3.77 -32.19
N ALA C 416 -11.90 -3.35 -30.93
CA ALA C 416 -10.70 -3.71 -30.18
C ALA C 416 -10.57 -5.21 -29.94
N SER C 417 -11.60 -5.99 -30.30
CA SER C 417 -11.52 -7.45 -30.20
C SER C 417 -10.42 -7.99 -31.11
N GLY C 418 -9.76 -7.12 -31.85
CA GLY C 418 -8.67 -7.54 -32.72
C GLY C 418 -9.09 -8.55 -33.76
N HIS C 419 -10.24 -8.35 -34.40
CA HIS C 419 -10.72 -9.32 -35.37
C HIS C 419 -11.43 -8.69 -36.57
N ILE C 420 -12.36 -7.76 -36.32
CA ILE C 420 -13.12 -7.18 -37.42
C ILE C 420 -12.25 -6.20 -38.19
N LYS C 421 -12.19 -6.39 -39.50
CA LYS C 421 -11.31 -5.62 -40.36
C LYS C 421 -11.87 -4.23 -40.65
N GLN C 422 -10.96 -3.26 -40.77
CA GLN C 422 -11.33 -1.89 -41.12
C GLN C 422 -12.27 -1.86 -42.32
N SER C 423 -11.90 -2.55 -43.40
CA SER C 423 -12.71 -2.52 -44.61
C SER C 423 -14.09 -3.10 -44.37
N GLU C 424 -14.17 -4.18 -43.57
CA GLU C 424 -15.46 -4.83 -43.32
C GLU C 424 -16.46 -3.86 -42.73
N MET C 425 -16.08 -3.14 -41.67
CA MET C 425 -17.03 -2.26 -41.00
C MET C 425 -17.36 -1.03 -41.85
N MET C 426 -16.37 -0.45 -42.51
CA MET C 426 -16.59 0.81 -43.23
C MET C 426 -17.64 0.68 -44.32
N ARG C 427 -17.90 -0.54 -44.81
CA ARG C 427 -18.86 -0.74 -45.90
C ARG C 427 -20.19 -1.30 -45.43
N VAL C 428 -20.24 -1.99 -44.29
CA VAL C 428 -21.53 -2.38 -43.73
C VAL C 428 -22.26 -1.15 -43.20
N GLY C 429 -21.53 -0.24 -42.56
CA GLY C 429 -22.15 1.00 -42.12
C GLY C 429 -22.49 1.93 -43.28
N LEU C 430 -21.65 1.94 -44.31
CA LEU C 430 -21.95 2.76 -45.49
C LEU C 430 -23.25 2.31 -46.16
N TYR C 431 -23.61 1.04 -46.02
CA TYR C 431 -24.91 0.57 -46.51
C TYR C 431 -26.00 0.90 -45.51
N LEU C 432 -25.75 0.68 -44.22
CA LEU C 432 -26.74 0.99 -43.19
C LEU C 432 -27.03 2.48 -43.14
N ASN C 433 -25.99 3.31 -43.32
CA ASN C 433 -26.18 4.76 -43.30
C ASN C 433 -27.26 5.20 -44.28
N ILE C 434 -27.10 4.84 -45.56
CA ILE C 434 -28.10 5.19 -46.55
C ILE C 434 -29.47 4.65 -46.16
N ALA C 435 -29.51 3.43 -45.63
CA ALA C 435 -30.78 2.83 -45.23
C ALA C 435 -31.50 3.70 -44.21
N CYS C 436 -30.76 4.29 -43.26
CA CYS C 436 -31.40 5.07 -42.20
C CYS C 436 -31.90 6.42 -42.70
N ILE C 437 -31.11 7.11 -43.51
CA ILE C 437 -31.53 8.41 -44.04
C ILE C 437 -32.90 8.31 -44.68
N GLY C 438 -33.21 7.18 -45.31
CA GLY C 438 -34.53 6.96 -45.85
C GLY C 438 -35.58 6.83 -44.76
N LEU C 439 -35.40 5.87 -43.86
CA LEU C 439 -36.36 5.63 -42.79
C LEU C 439 -36.64 6.89 -41.99
N LEU C 440 -35.58 7.62 -41.62
CA LEU C 440 -35.77 8.83 -40.82
C LEU C 440 -36.57 9.88 -41.57
N THR C 441 -36.08 10.31 -42.73
CA THR C 441 -36.81 11.31 -43.52
C THR C 441 -38.22 10.84 -43.82
N ALA C 442 -38.39 9.54 -44.04
CA ALA C 442 -39.73 8.99 -44.20
C ALA C 442 -40.59 9.30 -42.97
N ILE C 443 -40.14 8.83 -41.80
CA ILE C 443 -40.89 9.08 -40.57
C ILE C 443 -40.91 10.57 -40.27
N ALA C 444 -39.78 11.26 -40.47
CA ALA C 444 -39.73 12.70 -40.20
C ALA C 444 -40.75 13.46 -41.04
N MET C 445 -40.98 13.01 -42.27
CA MET C 445 -42.00 13.64 -43.10
C MET C 445 -43.39 13.31 -42.58
N LEU C 446 -43.59 12.06 -42.14
CA LEU C 446 -44.89 11.68 -41.59
C LEU C 446 -45.19 12.48 -40.34
N PHE C 447 -44.20 12.64 -39.45
CA PHE C 447 -44.37 13.48 -38.28
C PHE C 447 -44.40 14.95 -38.68
N TRP C 448 -45.39 15.36 -39.47
CA TRP C 448 -45.53 16.75 -39.84
C TRP C 448 -46.98 17.19 -39.67
N GLN C 449 -47.90 16.51 -40.37
CA GLN C 449 -49.33 16.75 -40.20
C GLN C 449 -50.12 15.46 -40.37
N HIS D 6 -33.68 -2.02 10.11
CA HIS D 6 -32.40 -1.36 10.32
C HIS D 6 -32.58 -0.07 11.13
N ARG D 7 -31.49 0.42 11.72
CA ARG D 7 -31.55 1.65 12.49
C ARG D 7 -32.05 2.81 11.64
N ASN D 8 -31.39 3.07 10.52
CA ASN D 8 -31.71 4.25 9.72
C ASN D 8 -33.11 4.16 9.15
N SER D 9 -33.55 2.96 8.76
CA SER D 9 -34.91 2.81 8.24
C SER D 9 -35.95 3.26 9.27
N LEU D 10 -35.62 3.18 10.56
CA LEU D 10 -36.54 3.65 11.59
C LEU D 10 -36.47 5.16 11.75
N ILE D 11 -35.26 5.71 11.82
CA ILE D 11 -35.10 7.16 11.89
C ILE D 11 -35.91 7.83 10.78
N VAL D 12 -35.85 7.28 9.57
CA VAL D 12 -36.64 7.82 8.47
C VAL D 12 -38.13 7.71 8.77
N LEU D 13 -38.58 6.50 9.12
CA LEU D 13 -39.99 6.32 9.45
C LEU D 13 -40.37 7.11 10.69
N ALA D 14 -39.52 7.07 11.72
CA ALA D 14 -39.76 7.89 12.90
C ALA D 14 -39.77 9.37 12.54
N ASP D 15 -38.90 9.76 11.60
CA ASP D 15 -38.86 11.15 11.17
C ASP D 15 -40.08 11.52 10.35
N VAL D 16 -40.53 10.62 9.48
CA VAL D 16 -41.76 10.86 8.72
C VAL D 16 -42.93 11.07 9.68
N ALA D 17 -43.01 10.26 10.73
CA ALA D 17 -44.05 10.46 11.73
C ALA D 17 -43.92 11.83 12.39
N LEU D 18 -42.71 12.19 12.80
CA LEU D 18 -42.49 13.50 13.40
C LEU D 18 -43.03 14.62 12.52
N PHE D 19 -42.74 14.55 11.22
CA PHE D 19 -43.24 15.58 10.30
C PHE D 19 -44.76 15.56 10.25
N LEU D 20 -45.35 14.39 9.98
CA LEU D 20 -46.80 14.28 9.93
C LEU D 20 -47.44 14.84 11.19
N ALA D 21 -46.86 14.56 12.36
CA ALA D 21 -47.37 15.10 13.61
C ALA D 21 -47.24 16.62 13.64
N LEU D 22 -46.00 17.12 13.54
CA LEU D 22 -45.76 18.56 13.55
C LEU D 22 -46.66 19.29 12.56
N TYR D 23 -46.92 18.68 11.41
CA TYR D 23 -47.68 19.35 10.36
C TYR D 23 -49.11 19.61 10.80
N HIS D 24 -49.76 18.60 11.38
CA HIS D 24 -51.18 18.70 11.73
C HIS D 24 -51.43 19.47 13.02
N PHE D 25 -50.43 19.64 13.87
CA PHE D 25 -50.67 20.15 15.22
C PHE D 25 -50.16 21.56 15.46
N LEU D 26 -49.18 22.03 14.71
CA LEU D 26 -48.68 23.38 14.92
C LEU D 26 -49.78 24.40 14.60
N PRO D 27 -49.96 25.41 15.45
CA PRO D 27 -51.06 26.37 15.22
C PRO D 27 -50.59 27.74 14.75
N PHE D 28 -50.12 27.85 13.51
CA PHE D 28 -49.69 29.12 12.95
C PHE D 28 -50.21 29.24 11.53
N GLU D 29 -49.96 30.41 10.93
CA GLU D 29 -50.26 30.61 9.51
C GLU D 29 -49.63 29.49 8.69
N HIS D 30 -50.41 28.96 7.74
CA HIS D 30 -50.02 27.73 7.07
C HIS D 30 -48.60 27.79 6.51
N ASN D 31 -48.22 28.92 5.93
CA ASN D 31 -46.86 29.04 5.40
C ASN D 31 -45.82 28.84 6.50
N VAL D 32 -46.02 29.48 7.66
CA VAL D 32 -45.08 29.33 8.76
C VAL D 32 -45.07 27.89 9.27
N VAL D 33 -46.25 27.27 9.37
CA VAL D 33 -46.31 25.87 9.79
C VAL D 33 -45.51 24.98 8.85
N LEU D 34 -45.65 25.20 7.54
CA LEU D 34 -44.96 24.37 6.57
C LEU D 34 -43.44 24.51 6.70
N GLY D 35 -42.94 25.74 6.69
CA GLY D 35 -41.50 25.95 6.82
C GLY D 35 -40.93 25.33 8.07
N ILE D 36 -41.67 25.40 9.18
CA ILE D 36 -41.21 24.80 10.43
C ILE D 36 -41.10 23.28 10.30
N SER D 37 -42.18 22.64 9.85
CA SER D 37 -42.17 21.19 9.70
C SER D 37 -40.99 20.72 8.85
N MET D 38 -40.78 21.37 7.70
CA MET D 38 -39.69 20.98 6.82
C MET D 38 -38.34 21.12 7.51
N LEU D 39 -38.09 22.29 8.11
CA LEU D 39 -36.79 22.53 8.75
C LEU D 39 -36.47 21.44 9.77
N ALA D 40 -37.46 21.01 10.55
CA ALA D 40 -37.25 19.93 11.50
C ALA D 40 -36.88 18.63 10.78
N PHE D 41 -37.69 18.23 9.80
CA PHE D 41 -37.44 17.01 9.05
C PHE D 41 -36.00 16.94 8.56
N ILE D 42 -35.56 17.96 7.82
CA ILE D 42 -34.21 17.95 7.27
C ILE D 42 -33.17 17.91 8.37
N ALA D 43 -33.38 18.68 9.45
CA ALA D 43 -32.43 18.67 10.55
C ALA D 43 -32.17 17.26 11.05
N VAL D 44 -33.23 16.46 11.20
CA VAL D 44 -33.08 15.06 11.60
C VAL D 44 -32.33 14.28 10.53
N LEU D 45 -32.88 14.28 9.31
CA LEU D 45 -32.31 13.46 8.23
C LEU D 45 -30.84 13.76 7.98
N TRP D 46 -30.39 14.98 8.29
CA TRP D 46 -29.00 15.34 8.06
C TRP D 46 -28.11 15.07 9.27
N LEU D 47 -28.65 15.18 10.48
CA LEU D 47 -27.84 14.90 11.66
C LEU D 47 -27.74 13.41 11.94
N THR D 48 -28.87 12.68 11.84
CA THR D 48 -28.81 11.23 11.98
C THR D 48 -28.14 10.59 10.77
N GLU D 49 -28.34 11.16 9.58
CA GLU D 49 -27.76 10.64 8.35
C GLU D 49 -28.28 9.23 8.02
N ALA D 50 -29.51 8.94 8.44
CA ALA D 50 -30.17 7.70 8.02
C ALA D 50 -30.13 7.56 6.50
N LEU D 51 -30.31 8.68 5.79
CA LEU D 51 -30.10 8.73 4.35
C LEU D 51 -28.85 9.55 4.05
N HIS D 52 -28.18 9.20 2.94
CA HIS D 52 -26.96 9.90 2.57
C HIS D 52 -27.21 11.40 2.41
N VAL D 53 -26.29 12.19 2.96
CA VAL D 53 -26.30 13.65 2.86
C VAL D 53 -26.84 14.12 1.51
N THR D 54 -26.27 13.61 0.42
CA THR D 54 -26.70 14.07 -0.90
C THR D 54 -28.10 13.59 -1.22
N VAL D 55 -28.47 12.38 -0.79
CA VAL D 55 -29.84 11.91 -0.98
C VAL D 55 -30.80 12.83 -0.24
N THR D 56 -30.45 13.22 0.98
CA THR D 56 -31.26 14.20 1.70
C THR D 56 -31.23 15.55 1.00
N ALA D 57 -30.07 15.94 0.46
CA ALA D 57 -29.96 17.19 -0.27
C ALA D 57 -30.90 17.19 -1.48
N ILE D 58 -30.89 16.11 -2.27
CA ILE D 58 -31.80 16.01 -3.40
C ILE D 58 -33.24 15.96 -2.93
N LEU D 59 -33.48 15.53 -1.69
CA LEU D 59 -34.84 15.50 -1.15
C LEU D 59 -35.36 16.90 -0.87
N VAL D 60 -34.47 17.85 -0.57
CA VAL D 60 -34.85 19.22 -0.23
C VAL D 60 -35.65 19.84 -1.39
N PRO D 61 -35.08 19.91 -2.60
CA PRO D 61 -35.80 20.59 -3.69
C PRO D 61 -37.08 19.89 -4.07
N VAL D 62 -37.08 18.56 -4.16
CA VAL D 62 -38.28 17.82 -4.53
C VAL D 62 -39.41 18.07 -3.54
N MET D 63 -39.09 18.50 -2.32
CA MET D 63 -40.13 18.87 -1.37
C MET D 63 -40.75 20.21 -1.73
N ALA D 64 -39.94 21.27 -1.74
CA ALA D 64 -40.45 22.61 -2.05
C ALA D 64 -41.31 22.63 -3.29
N VAL D 65 -40.99 21.79 -4.28
CA VAL D 65 -41.75 21.79 -5.52
C VAL D 65 -43.15 21.24 -5.31
N PHE D 66 -43.27 20.15 -4.56
CA PHE D 66 -44.59 19.54 -4.37
C PHE D 66 -45.45 20.35 -3.42
N PHE D 67 -44.86 21.03 -2.44
CA PHE D 67 -45.61 21.85 -1.50
C PHE D 67 -45.81 23.29 -1.97
N GLY D 68 -45.81 23.51 -3.28
CA GLY D 68 -46.18 24.81 -3.83
C GLY D 68 -45.30 25.97 -3.42
N ILE D 69 -44.17 25.69 -2.76
CA ILE D 69 -43.29 26.77 -2.34
C ILE D 69 -42.60 27.39 -3.55
N PHE D 70 -42.11 26.56 -4.47
CA PHE D 70 -41.46 27.03 -5.69
C PHE D 70 -41.90 26.16 -6.84
N GLU D 71 -41.56 26.59 -8.05
CA GLU D 71 -41.76 25.77 -9.24
C GLU D 71 -40.48 25.00 -9.52
N THR D 72 -40.64 23.81 -10.12
CA THR D 72 -39.54 22.86 -10.24
C THR D 72 -38.25 23.55 -10.69
N GLN D 73 -38.30 24.28 -11.80
CA GLN D 73 -37.09 24.85 -12.36
C GLN D 73 -36.47 25.88 -11.43
N ALA D 74 -37.29 26.64 -10.71
CA ALA D 74 -36.77 27.64 -9.79
C ALA D 74 -35.98 26.99 -8.66
N ALA D 75 -36.46 25.86 -8.15
CA ALA D 75 -35.76 25.17 -7.06
C ALA D 75 -34.41 24.64 -7.53
N LEU D 76 -34.38 23.94 -8.67
CA LEU D 76 -33.14 23.36 -9.15
C LEU D 76 -32.06 24.41 -9.36
N ASN D 77 -32.44 25.62 -9.76
CA ASN D 77 -31.48 26.65 -10.09
C ASN D 77 -30.51 26.95 -8.94
N ASN D 78 -30.84 26.53 -7.72
CA ASN D 78 -29.92 26.71 -6.60
C ASN D 78 -28.63 25.92 -6.80
N PHE D 79 -28.72 24.75 -7.44
CA PHE D 79 -27.58 23.87 -7.61
C PHE D 79 -26.54 24.40 -8.58
N ALA D 80 -26.75 25.58 -9.17
CA ALA D 80 -25.80 26.18 -10.10
C ALA D 80 -25.20 27.46 -9.54
N ASN D 81 -25.26 27.65 -8.24
CA ASN D 81 -24.69 28.86 -7.64
C ASN D 81 -23.21 28.95 -7.95
N SER D 82 -22.71 30.19 -8.10
CA SER D 82 -21.33 30.38 -8.50
C SER D 82 -20.35 29.78 -7.51
N ILE D 83 -20.72 29.71 -6.23
CA ILE D 83 -19.82 29.16 -5.23
C ILE D 83 -19.57 27.68 -5.48
N ILE D 84 -20.61 26.93 -5.87
CA ILE D 84 -20.43 25.53 -6.22
C ILE D 84 -19.30 25.37 -7.22
N PHE D 85 -19.31 26.19 -8.28
CA PHE D 85 -18.28 26.09 -9.30
C PHE D 85 -16.92 26.56 -8.77
N LEU D 86 -16.90 27.52 -7.85
CA LEU D 86 -15.65 27.87 -7.20
C LEU D 86 -15.10 26.67 -6.44
N PHE D 87 -15.99 25.87 -5.84
CA PHE D 87 -15.56 24.67 -5.15
C PHE D 87 -15.11 23.60 -6.15
N LEU D 88 -15.86 23.45 -7.25
CA LEU D 88 -15.44 22.53 -8.30
C LEU D 88 -14.08 22.92 -8.86
N GLY D 89 -13.79 24.23 -8.90
CA GLY D 89 -12.47 24.66 -9.31
C GLY D 89 -11.39 24.21 -8.35
N GLY D 90 -11.69 24.24 -7.04
CA GLY D 90 -10.76 23.72 -6.07
C GLY D 90 -10.54 22.22 -6.18
N PHE D 91 -11.58 21.49 -6.60
CA PHE D 91 -11.43 20.05 -6.78
C PHE D 91 -10.52 19.73 -7.96
N ALA D 92 -10.78 20.36 -9.11
CA ALA D 92 -9.91 20.16 -10.27
C ALA D 92 -8.50 20.67 -9.99
N LEU D 93 -8.37 21.75 -9.22
CA LEU D 93 -7.05 22.24 -8.86
C LEU D 93 -6.32 21.25 -7.97
N ALA D 94 -7.04 20.57 -7.09
CA ALA D 94 -6.43 19.52 -6.28
C ALA D 94 -6.16 18.27 -7.10
N ALA D 95 -7.19 17.76 -7.78
CA ALA D 95 -7.02 16.58 -8.64
C ALA D 95 -5.80 16.69 -9.55
N ALA D 96 -5.51 17.91 -10.01
CA ALA D 96 -4.36 18.10 -10.89
C ALA D 96 -3.06 17.76 -10.18
N MET D 97 -2.77 18.45 -9.07
CA MET D 97 -1.49 18.28 -8.39
C MET D 97 -1.39 16.96 -7.64
N HIS D 98 -2.47 16.16 -7.57
CA HIS D 98 -2.34 14.81 -7.06
C HIS D 98 -2.02 13.82 -8.18
N HIS D 99 -2.81 13.85 -9.26
CA HIS D 99 -2.49 13.03 -10.42
C HIS D 99 -1.11 13.35 -10.96
N GLN D 100 -0.65 14.59 -10.80
CA GLN D 100 0.70 14.96 -11.17
C GLN D 100 1.74 14.45 -10.18
N GLY D 101 1.32 14.16 -8.95
CA GLY D 101 2.24 13.81 -7.89
C GLY D 101 2.85 14.99 -7.20
N LEU D 102 2.39 16.21 -7.50
CA LEU D 102 2.92 17.42 -6.90
C LEU D 102 2.66 17.50 -5.40
N ASP D 103 1.74 16.68 -4.88
CA ASP D 103 1.49 16.67 -3.45
C ASP D 103 2.53 15.84 -2.70
N LYS D 104 2.91 14.69 -3.27
CA LYS D 104 3.95 13.87 -2.64
C LYS D 104 5.27 14.63 -2.60
N VAL D 105 5.69 15.18 -3.74
CA VAL D 105 6.96 15.91 -3.78
C VAL D 105 6.94 17.06 -2.78
N ILE D 106 5.75 17.61 -2.51
CA ILE D 106 5.64 18.66 -1.49
C ILE D 106 5.86 18.07 -0.11
N ALA D 107 5.50 16.81 0.09
CA ALA D 107 5.73 16.15 1.37
C ALA D 107 7.18 15.69 1.50
N ASP D 108 7.75 15.14 0.42
CA ASP D 108 9.13 14.67 0.46
C ASP D 108 10.09 15.83 0.66
N LYS D 109 10.04 16.82 -0.22
CA LYS D 109 10.94 17.96 -0.15
C LYS D 109 10.93 18.61 1.23
N VAL D 110 9.78 18.59 1.91
CA VAL D 110 9.68 19.17 3.25
C VAL D 110 10.07 18.17 4.33
N LEU D 111 9.65 16.91 4.21
CA LEU D 111 9.93 15.94 5.26
C LEU D 111 11.40 15.58 5.32
N ALA D 112 12.13 15.69 4.21
CA ALA D 112 13.56 15.45 4.24
C ALA D 112 14.33 16.67 4.69
N MET D 113 13.72 17.85 4.63
CA MET D 113 14.37 19.05 5.18
C MET D 113 14.70 18.85 6.65
N ALA D 114 13.85 18.12 7.38
CA ALA D 114 14.22 17.63 8.70
C ALA D 114 15.21 16.49 8.55
N GLN D 115 16.42 16.68 9.07
CA GLN D 115 17.51 15.76 8.75
C GLN D 115 17.26 14.36 9.34
N GLY D 116 16.90 14.28 10.61
CA GLY D 116 16.69 12.98 11.21
C GLY D 116 16.13 12.96 12.62
N LYS D 117 15.30 13.93 12.98
CA LYS D 117 14.81 14.08 14.33
C LYS D 117 13.31 13.79 14.36
N MET D 118 12.90 12.84 15.21
CA MET D 118 11.47 12.66 15.44
C MET D 118 10.86 13.88 16.09
N SER D 119 11.66 14.67 16.81
CA SER D 119 11.16 15.90 17.40
C SER D 119 10.75 16.90 16.32
N VAL D 120 11.63 17.12 15.34
CA VAL D 120 11.31 17.98 14.20
C VAL D 120 10.55 17.22 13.13
N ALA D 121 10.39 15.90 13.28
CA ALA D 121 9.64 15.12 12.30
C ALA D 121 8.14 15.40 12.42
N VAL D 122 7.56 15.07 13.56
CA VAL D 122 6.11 15.24 13.75
C VAL D 122 5.73 16.70 13.64
N PHE D 123 6.57 17.60 14.16
CA PHE D 123 6.29 19.02 14.05
C PHE D 123 6.28 19.48 12.60
N MET D 124 6.97 18.76 11.71
CA MET D 124 6.86 19.03 10.29
C MET D 124 5.74 18.23 9.64
N LEU D 125 5.41 17.06 10.19
CA LEU D 125 4.27 16.31 9.67
C LEU D 125 2.97 17.07 9.88
N PHE D 126 2.85 17.78 11.01
CA PHE D 126 1.63 18.53 11.28
C PHE D 126 1.50 19.71 10.32
N GLY D 127 2.56 20.51 10.19
CA GLY D 127 2.50 21.69 9.34
C GLY D 127 2.18 21.38 7.89
N VAL D 128 2.57 20.20 7.41
CA VAL D 128 2.33 19.84 6.02
C VAL D 128 0.89 19.38 5.80
N THR D 129 0.36 18.58 6.72
CA THR D 129 -1.01 18.09 6.60
C THR D 129 -2.01 19.24 6.46
N ALA D 130 -1.81 20.32 7.21
CA ALA D 130 -2.73 21.45 7.14
C ALA D 130 -2.64 22.17 5.80
N LEU D 131 -1.42 22.41 5.31
CA LEU D 131 -1.26 23.14 4.04
C LEU D 131 -1.99 22.43 2.91
N LEU D 132 -1.97 21.09 2.90
CA LEU D 132 -2.62 20.36 1.81
C LEU D 132 -4.14 20.40 1.93
N SER D 133 -4.66 20.47 3.15
CA SER D 133 -6.11 20.56 3.33
C SER D 133 -6.66 21.90 2.86
N MET D 134 -5.81 22.93 2.79
CA MET D 134 -6.26 24.23 2.32
C MET D 134 -6.85 24.16 0.91
N TRP D 135 -6.40 23.20 0.10
CA TRP D 135 -6.76 23.18 -1.31
C TRP D 135 -7.34 21.84 -1.71
N ILE D 136 -6.93 20.77 -1.03
CA ILE D 136 -7.32 19.42 -1.41
C ILE D 136 -8.64 19.06 -0.74
N SER D 137 -8.61 18.85 0.57
CA SER D 137 -9.78 18.41 1.30
C SER D 137 -9.46 18.29 2.79
N ASN D 138 -10.28 17.54 3.52
CA ASN D 138 -9.95 17.14 4.88
C ASN D 138 -9.90 15.61 4.99
N THR D 139 -10.96 14.92 4.60
CA THR D 139 -10.91 13.46 4.56
C THR D 139 -9.81 12.96 3.63
N ALA D 140 -9.61 13.65 2.50
CA ALA D 140 -8.62 13.20 1.53
C ALA D 140 -7.20 13.39 2.04
N THR D 141 -6.93 14.52 2.69
CA THR D 141 -5.59 14.79 3.19
C THR D 141 -5.19 13.80 4.29
N ALA D 142 -6.17 13.31 5.06
CA ALA D 142 -5.87 12.36 6.13
C ALA D 142 -5.38 11.03 5.56
N ALA D 143 -6.14 10.44 4.65
CA ALA D 143 -5.75 9.16 4.08
C ALA D 143 -4.40 9.25 3.37
N MET D 144 -4.10 10.40 2.76
CA MET D 144 -2.81 10.55 2.10
C MET D 144 -1.68 10.73 3.11
N MET D 145 -1.98 11.24 4.29
CA MET D 145 -0.97 11.46 5.33
C MET D 145 -0.76 10.24 6.21
N LEU D 146 -1.80 9.44 6.44
CA LEU D 146 -1.70 8.32 7.37
C LEU D 146 -0.52 7.39 7.06
N PRO D 147 -0.36 6.89 5.83
CA PRO D 147 0.84 6.09 5.54
C PRO D 147 2.13 6.84 5.78
N LEU D 148 2.15 8.15 5.48
CA LEU D 148 3.35 8.95 5.72
C LEU D 148 3.63 9.13 7.20
N VAL D 149 2.60 9.06 8.04
CA VAL D 149 2.81 9.15 9.48
C VAL D 149 3.30 7.81 10.02
N LEU D 150 2.67 6.72 9.60
CA LEU D 150 3.13 5.40 10.03
C LEU D 150 4.57 5.15 9.59
N GLY D 151 4.99 5.76 8.47
CA GLY D 151 6.37 5.62 8.05
C GLY D 151 7.34 6.30 9.01
N VAL D 152 7.04 7.54 9.37
CA VAL D 152 7.88 8.25 10.33
C VAL D 152 7.72 7.65 11.72
N LEU D 153 6.49 7.30 12.10
CA LEU D 153 6.26 6.70 13.40
C LEU D 153 6.55 5.20 13.34
N SER D 154 7.73 4.86 12.83
CA SER D 154 8.22 3.48 12.82
C SER D 154 9.62 3.34 13.41
N LYS D 155 10.42 4.41 13.43
CA LYS D 155 11.70 4.36 14.13
C LYS D 155 11.48 4.16 15.63
N VAL D 156 10.62 5.00 16.22
CA VAL D 156 10.18 4.79 17.59
C VAL D 156 8.91 3.95 17.50
N ASP D 157 9.06 2.69 17.11
CA ASP D 157 7.95 1.79 16.83
C ASP D 157 7.41 1.11 18.08
N ALA D 158 7.85 1.51 19.27
CA ALA D 158 7.33 0.91 20.49
C ALA D 158 5.89 1.35 20.69
N ASP D 159 4.96 0.39 20.61
CA ASP D 159 3.57 0.71 20.95
C ASP D 159 3.45 1.10 22.41
N LYS D 160 4.15 0.37 23.29
CA LYS D 160 4.30 0.75 24.69
C LYS D 160 4.96 2.12 24.79
N GLN D 161 5.37 2.66 23.65
CA GLN D 161 5.75 4.07 23.56
C GLN D 161 4.61 4.79 22.83
N ARG D 162 3.38 4.56 23.30
CA ARG D 162 2.20 5.03 22.58
C ARG D 162 2.21 6.54 22.43
N SER D 163 2.21 7.25 23.57
CA SER D 163 2.04 8.70 23.55
C SER D 163 3.02 9.38 22.61
N THR D 164 4.18 8.77 22.35
CA THR D 164 5.05 9.27 21.29
C THR D 164 4.46 9.03 19.91
N TYR D 165 3.52 8.10 19.79
CA TYR D 165 3.03 7.65 18.50
C TYR D 165 1.52 7.82 18.35
N VAL D 166 0.84 8.31 19.39
CA VAL D 166 -0.57 8.67 19.29
C VAL D 166 -0.64 10.19 19.18
N PHE D 167 0.33 10.86 19.81
CA PHE D 167 0.44 12.31 19.67
C PHE D 167 0.67 12.70 18.21
N VAL D 168 1.41 11.87 17.46
CA VAL D 168 1.67 12.17 16.06
C VAL D 168 0.50 11.75 15.17
N LEU D 169 -0.25 10.72 15.57
CA LEU D 169 -1.42 10.31 14.80
C LEU D 169 -2.58 11.26 15.01
N LEU D 170 -2.87 11.60 16.27
CA LEU D 170 -3.91 12.57 16.57
C LEU D 170 -3.53 13.97 16.10
N GLY D 171 -2.23 14.25 15.96
CA GLY D 171 -1.82 15.57 15.53
C GLY D 171 -2.23 15.89 14.10
N VAL D 172 -2.07 14.92 13.20
CA VAL D 172 -2.45 15.15 11.80
C VAL D 172 -3.96 15.14 11.65
N ALA D 173 -4.65 14.23 12.33
CA ALA D 173 -6.10 14.19 12.24
C ALA D 173 -6.73 15.52 12.61
N TYR D 174 -6.06 16.31 13.45
CA TYR D 174 -6.52 17.66 13.79
C TYR D 174 -6.02 18.68 12.78
N SER D 175 -4.79 18.50 12.28
CA SER D 175 -4.26 19.43 11.30
C SER D 175 -5.02 19.37 9.99
N ALA D 176 -5.62 18.22 9.66
CA ALA D 176 -6.44 18.13 8.46
C ALA D 176 -7.71 18.94 8.59
N SER D 177 -8.31 18.96 9.79
CA SER D 177 -9.51 19.75 10.01
C SER D 177 -9.18 21.23 10.19
N ILE D 178 -8.08 21.54 10.87
CA ILE D 178 -7.71 22.93 11.06
C ILE D 178 -7.25 23.53 9.75
N GLY D 179 -6.63 22.73 8.87
CA GLY D 179 -6.20 23.24 7.58
C GLY D 179 -7.36 23.62 6.68
N GLY D 180 -8.46 22.87 6.75
CA GLY D 180 -9.63 23.17 5.95
C GLY D 180 -10.35 24.44 6.34
N ILE D 181 -9.93 25.11 7.41
CA ILE D 181 -10.55 26.35 7.86
C ILE D 181 -9.80 27.57 7.36
N ALA D 182 -8.86 27.38 6.43
CA ALA D 182 -8.04 28.49 5.95
C ALA D 182 -8.59 29.15 4.70
N THR D 183 -9.17 28.37 3.78
CA THR D 183 -9.59 28.90 2.49
C THR D 183 -11.02 28.49 2.19
N LEU D 184 -11.62 29.19 1.22
CA LEU D 184 -13.00 28.87 0.81
C LEU D 184 -13.07 27.46 0.26
N VAL D 185 -12.04 27.02 -0.45
CA VAL D 185 -11.87 25.61 -0.81
C VAL D 185 -11.07 24.96 0.31
N GLY D 186 -11.46 23.74 0.67
CA GLY D 186 -10.82 23.07 1.79
C GLY D 186 -11.80 22.22 2.57
N SER D 187 -12.88 22.83 3.02
CA SER D 187 -13.96 22.13 3.68
C SER D 187 -15.28 22.69 3.17
N PRO D 188 -16.24 21.83 2.87
CA PRO D 188 -17.53 22.29 2.33
C PRO D 188 -18.15 23.38 3.19
N PRO D 189 -18.11 23.24 4.52
CA PRO D 189 -18.69 24.28 5.38
C PRO D 189 -18.28 25.69 4.99
N ASN D 190 -17.00 25.90 4.65
CA ASN D 190 -16.56 27.22 4.23
C ASN D 190 -17.35 27.69 3.01
N ALA D 191 -17.49 26.83 2.01
CA ALA D 191 -18.24 27.19 0.82
C ALA D 191 -19.71 27.44 1.13
N ILE D 192 -20.27 26.70 2.09
CA ILE D 192 -21.67 26.92 2.45
C ILE D 192 -21.85 28.29 3.07
N ALA D 193 -20.91 28.71 3.92
CA ALA D 193 -20.97 30.06 4.48
C ALA D 193 -20.82 31.10 3.38
N ALA D 194 -19.78 30.96 2.56
CA ALA D 194 -19.54 31.93 1.47
C ALA D 194 -20.74 31.97 0.52
N ALA D 195 -21.32 30.81 0.21
CA ALA D 195 -22.46 30.79 -0.70
C ALA D 195 -23.72 31.34 -0.05
N GLU D 196 -23.84 31.21 1.28
CA GLU D 196 -25.02 31.71 1.98
C GLU D 196 -25.00 33.24 2.06
N VAL D 197 -23.87 33.81 2.45
CA VAL D 197 -23.75 35.25 2.64
C VAL D 197 -23.05 35.94 1.46
N GLY D 198 -22.63 35.18 0.46
CA GLY D 198 -21.98 35.77 -0.70
C GLY D 198 -20.57 36.23 -0.42
N LEU D 199 -19.72 35.32 0.03
CA LEU D 199 -18.33 35.63 0.33
C LEU D 199 -17.43 35.37 -0.87
N SER D 200 -16.38 36.17 -0.99
CA SER D 200 -15.32 35.92 -1.96
C SER D 200 -14.25 35.04 -1.33
N PHE D 201 -13.38 34.48 -2.17
CA PHE D 201 -12.30 33.65 -1.66
C PHE D 201 -11.45 34.43 -0.65
N THR D 202 -11.02 35.63 -1.04
CA THR D 202 -10.21 36.46 -0.16
C THR D 202 -11.00 36.98 1.04
N ASP D 203 -12.33 37.05 0.94
CA ASP D 203 -13.13 37.47 2.10
C ASP D 203 -13.10 36.40 3.19
N TRP D 204 -13.41 35.15 2.83
CA TRP D 204 -13.40 34.09 3.82
C TRP D 204 -12.00 33.80 4.33
N MET D 205 -10.98 34.08 3.51
CA MET D 205 -9.61 33.88 3.95
C MET D 205 -9.21 34.91 5.00
N LYS D 206 -9.68 36.14 4.86
CA LYS D 206 -9.42 37.14 5.88
C LYS D 206 -9.94 36.71 7.24
N PHE D 207 -11.02 35.92 7.26
CA PHE D 207 -11.58 35.39 8.50
C PHE D 207 -10.91 34.06 8.89
N GLY D 208 -11.02 33.06 8.03
CA GLY D 208 -10.63 31.72 8.42
C GLY D 208 -9.13 31.55 8.58
N LEU D 209 -8.37 32.06 7.61
CA LEU D 209 -6.92 31.85 7.65
C LEU D 209 -6.29 32.32 8.95
N PRO D 210 -6.49 33.56 9.40
CA PRO D 210 -5.96 33.95 10.71
C PRO D 210 -6.43 33.03 11.84
N THR D 211 -7.69 32.62 11.82
CA THR D 211 -8.20 31.71 12.84
C THR D 211 -7.46 30.38 12.82
N ALA D 212 -7.22 29.83 11.62
CA ALA D 212 -6.50 28.57 11.53
C ALA D 212 -5.04 28.72 11.95
N MET D 213 -4.43 29.86 11.64
CA MET D 213 -3.08 30.14 12.11
C MET D 213 -2.97 30.01 13.63
N MET D 214 -4.00 30.48 14.34
CA MET D 214 -3.97 30.47 15.79
C MET D 214 -4.35 29.09 16.35
N MET D 215 -5.31 28.42 15.71
CA MET D 215 -5.84 27.19 16.27
C MET D 215 -4.85 26.03 16.17
N LEU D 216 -3.99 26.02 15.14
CA LEU D 216 -3.07 24.91 14.96
C LEU D 216 -2.06 24.83 16.11
N PRO D 217 -1.36 25.91 16.48
CA PRO D 217 -0.48 25.82 17.66
C PRO D 217 -1.22 25.46 18.93
N MET D 218 -2.37 26.09 19.18
CA MET D 218 -3.15 25.80 20.37
C MET D 218 -3.54 24.33 20.45
N ALA D 219 -3.66 23.67 19.29
CA ALA D 219 -4.04 22.26 19.29
C ALA D 219 -2.85 21.34 19.56
N ILE D 220 -1.69 21.67 18.99
CA ILE D 220 -0.49 20.87 19.25
C ILE D 220 -0.04 21.04 20.69
N ALA D 221 -0.09 22.27 21.20
CA ALA D 221 0.27 22.50 22.59
C ALA D 221 -0.50 21.58 23.53
N ILE D 222 -1.80 21.39 23.29
CA ILE D 222 -2.59 20.51 24.13
C ILE D 222 -2.13 19.06 24.00
N LEU D 223 -1.83 18.62 22.79
CA LEU D 223 -1.32 17.26 22.61
C LEU D 223 0.08 17.12 23.19
N TYR D 224 0.93 18.12 22.97
CA TYR D 224 2.27 18.12 23.56
C TYR D 224 2.19 18.02 25.08
N PHE D 225 1.53 18.99 25.71
CA PHE D 225 1.53 19.11 27.17
C PHE D 225 0.56 18.15 27.84
N LEU D 226 0.40 16.95 27.28
CA LEU D 226 -0.32 15.88 27.99
C LEU D 226 0.58 14.69 28.26
N LEU D 227 1.03 13.98 27.22
CA LEU D 227 1.93 12.85 27.37
C LEU D 227 2.91 12.82 26.21
N LYS D 228 3.51 13.95 25.89
CA LYS D 228 4.41 14.01 24.75
C LYS D 228 5.76 13.39 25.12
N PRO D 229 6.17 12.31 24.48
CA PRO D 229 7.53 11.80 24.69
C PRO D 229 8.27 11.71 23.38
N THR D 230 8.26 12.80 22.61
CA THR D 230 8.76 12.79 21.25
C THR D 230 10.02 13.63 21.07
N LEU D 231 10.63 14.08 22.17
CA LEU D 231 11.94 14.70 22.04
C LEU D 231 13.03 13.70 21.69
N ASN D 232 12.69 12.42 21.56
CA ASN D 232 13.61 11.35 21.20
C ASN D 232 13.12 10.67 19.92
N GLY D 233 14.02 9.89 19.33
CA GLY D 233 13.73 9.18 18.10
C GLY D 233 14.59 9.68 16.95
N MET D 234 14.51 8.93 15.84
CA MET D 234 15.28 9.25 14.64
C MET D 234 14.43 8.97 13.40
N PHE D 235 14.96 9.37 12.26
CA PHE D 235 14.27 9.23 10.98
C PHE D 235 14.65 7.93 10.28
N GLU D 236 13.87 7.62 9.23
CA GLU D 236 14.18 6.52 8.30
C GLU D 236 13.71 6.98 6.92
N LEU D 237 14.47 7.89 6.31
CA LEU D 237 14.15 8.43 4.99
C LEU D 237 14.25 7.31 3.95
N ASP D 238 13.20 6.49 3.90
CA ASP D 238 13.17 5.31 3.03
C ASP D 238 12.11 5.53 1.95
N ARG D 239 12.55 5.92 0.76
CA ARG D 239 11.66 6.13 -0.38
C ARG D 239 12.42 6.75 -1.54
N ALA D 240 11.95 6.53 -2.76
CA ALA D 240 12.63 7.08 -3.92
C ALA D 240 12.59 8.61 -3.88
N PRO D 241 13.68 9.28 -4.23
CA PRO D 241 13.68 10.74 -4.21
C PRO D 241 12.67 11.31 -5.20
N VAL D 242 12.23 12.52 -4.90
CA VAL D 242 11.30 13.24 -5.77
C VAL D 242 12.09 14.10 -6.74
N ASN D 243 11.45 14.47 -7.85
CA ASN D 243 12.11 15.30 -8.85
C ASN D 243 11.05 15.92 -9.75
N TRP D 244 11.19 17.23 -9.99
CA TRP D 244 10.26 18.01 -10.80
C TRP D 244 10.20 17.49 -12.23
N ASP D 245 9.13 16.78 -12.58
CA ASP D 245 9.01 16.16 -13.90
C ASP D 245 8.19 17.02 -14.85
N LYS D 246 7.47 16.38 -15.76
CA LYS D 246 6.71 17.09 -16.79
C LYS D 246 5.67 18.04 -16.20
N GLY D 247 5.89 19.34 -16.35
CA GLY D 247 4.92 20.34 -15.97
C GLY D 247 4.44 20.30 -14.53
N LYS D 248 5.23 19.70 -13.63
CA LYS D 248 4.98 19.93 -12.21
C LYS D 248 5.21 21.39 -11.86
N VAL D 249 6.07 22.08 -12.61
CA VAL D 249 6.14 23.53 -12.52
C VAL D 249 4.90 24.17 -13.13
N VAL D 250 4.35 23.56 -14.18
CA VAL D 250 3.14 24.10 -14.80
C VAL D 250 1.96 24.00 -13.84
N THR D 251 1.69 22.79 -13.33
CA THR D 251 0.65 22.63 -12.31
C THR D 251 0.90 23.57 -11.15
N LEU D 252 2.14 23.65 -10.69
CA LEU D 252 2.48 24.61 -9.65
C LEU D 252 2.23 26.03 -10.13
N GLY D 253 2.61 26.32 -11.37
CA GLY D 253 2.37 27.63 -11.96
C GLY D 253 0.90 27.97 -12.02
N ILE D 254 0.11 27.11 -12.67
CA ILE D 254 -1.34 27.30 -12.71
C ILE D 254 -1.88 27.53 -11.31
N PHE D 255 -1.57 26.61 -10.39
CA PHE D 255 -2.03 26.72 -9.01
C PHE D 255 -1.69 28.09 -8.43
N GLY D 256 -0.40 28.45 -8.43
CA GLY D 256 0.00 29.75 -7.92
C GLY D 256 -0.76 30.88 -8.59
N LEU D 257 -0.85 30.84 -9.92
CA LEU D 257 -1.63 31.84 -10.64
C LEU D 257 -3.05 31.90 -10.12
N THR D 258 -3.71 30.74 -10.00
CA THR D 258 -5.08 30.70 -9.52
C THR D 258 -5.20 31.33 -8.14
N VAL D 259 -4.30 30.97 -7.22
CA VAL D 259 -4.36 31.50 -5.86
C VAL D 259 -4.08 32.99 -5.84
N PHE D 260 -3.21 33.48 -6.73
CA PHE D 260 -2.94 34.91 -6.79
C PHE D 260 -4.19 35.69 -7.19
N LEU D 261 -4.88 35.24 -8.24
CA LEU D 261 -6.12 35.91 -8.63
C LEU D 261 -7.17 35.82 -7.54
N TRP D 262 -7.23 34.68 -6.85
CA TRP D 262 -8.20 34.53 -5.77
C TRP D 262 -7.97 35.56 -4.68
N ILE D 263 -6.71 35.86 -4.38
CA ILE D 263 -6.40 36.87 -3.36
C ILE D 263 -6.68 38.27 -3.90
N PHE D 264 -6.09 38.62 -5.03
CA PHE D 264 -6.19 39.95 -5.62
C PHE D 264 -7.45 40.16 -6.46
N SER D 265 -8.49 39.36 -6.26
CA SER D 265 -9.71 39.55 -7.03
C SER D 265 -10.29 40.95 -6.85
N SER D 266 -10.12 41.53 -5.65
CA SER D 266 -10.66 42.87 -5.39
C SER D 266 -10.12 43.91 -6.36
N PRO D 267 -8.81 44.15 -6.46
CA PRO D 267 -8.32 45.16 -7.41
C PRO D 267 -8.35 44.69 -8.85
N ILE D 268 -8.00 43.42 -9.08
CA ILE D 268 -7.96 42.88 -10.43
C ILE D 268 -9.34 43.00 -11.09
N ASN D 269 -10.38 42.57 -10.38
CA ASN D 269 -11.73 42.62 -10.94
C ASN D 269 -12.17 44.05 -11.20
N ALA D 270 -11.99 44.92 -10.20
CA ALA D 270 -12.36 46.33 -10.39
C ALA D 270 -11.64 46.94 -11.58
N ALA D 271 -10.35 46.63 -11.75
CA ALA D 271 -9.59 47.13 -12.88
C ALA D 271 -9.80 46.28 -14.11
N LEU D 272 -11.00 45.69 -14.23
CA LEU D 272 -11.32 44.84 -15.38
C LEU D 272 -12.75 44.99 -15.87
N GLY D 273 -13.62 45.71 -15.15
CA GLY D 273 -15.01 45.83 -15.53
C GLY D 273 -15.99 45.34 -14.48
N GLY D 274 -15.51 44.88 -13.32
CA GLY D 274 -16.39 44.44 -12.26
C GLY D 274 -17.27 43.27 -12.66
N PHE D 275 -16.65 42.12 -12.93
CA PHE D 275 -17.42 40.91 -13.19
C PHE D 275 -18.04 40.39 -11.89
N LYS D 276 -19.06 39.54 -12.04
CA LYS D 276 -19.89 39.19 -10.90
C LYS D 276 -19.21 38.25 -9.93
N SER D 277 -19.03 36.99 -10.32
CA SER D 277 -18.43 35.97 -9.45
C SER D 277 -16.99 35.68 -9.89
N PHE D 278 -16.15 36.72 -9.78
CA PHE D 278 -14.79 36.65 -10.28
C PHE D 278 -14.09 35.38 -9.79
N ASP D 279 -14.20 35.09 -8.49
CA ASP D 279 -13.59 33.87 -7.96
C ASP D 279 -14.09 32.64 -8.70
N THR D 280 -15.39 32.59 -9.00
CA THR D 280 -15.93 31.44 -9.72
C THR D 280 -15.32 31.32 -11.11
N LEU D 281 -15.12 32.45 -11.79
CA LEU D 281 -14.45 32.41 -13.08
C LEU D 281 -13.02 31.91 -12.95
N VAL D 282 -12.28 32.44 -11.98
CA VAL D 282 -10.91 32.00 -11.75
C VAL D 282 -10.88 30.49 -11.48
N ALA D 283 -11.79 30.02 -10.64
CA ALA D 283 -11.86 28.58 -10.38
C ALA D 283 -12.19 27.83 -11.65
N LEU D 284 -13.15 28.34 -12.43
CA LEU D 284 -13.48 27.72 -13.71
C LEU D 284 -12.37 27.96 -14.73
N GLY D 285 -11.74 29.14 -14.69
CA GLY D 285 -10.62 29.40 -15.57
C GLY D 285 -9.46 28.46 -15.32
N ALA D 286 -9.18 28.17 -14.05
CA ALA D 286 -8.15 27.20 -13.70
C ALA D 286 -8.47 25.85 -14.32
N ILE D 287 -9.72 25.40 -14.20
CA ILE D 287 -10.12 24.13 -14.80
C ILE D 287 -9.77 24.07 -16.28
N LEU D 288 -9.81 25.22 -16.96
CA LEU D 288 -9.47 25.26 -18.38
C LEU D 288 -7.96 25.15 -18.59
N MET D 289 -7.20 26.05 -17.97
CA MET D 289 -5.74 26.02 -18.08
C MET D 289 -5.19 24.62 -17.81
N LEU D 290 -5.65 23.98 -16.73
CA LEU D 290 -5.17 22.65 -16.40
C LEU D 290 -5.46 21.65 -17.53
N SER D 291 -6.54 21.88 -18.27
CA SER D 291 -6.90 21.00 -19.38
C SER D 291 -6.23 21.41 -20.68
N PHE D 292 -6.09 22.72 -20.92
CA PHE D 292 -5.36 23.20 -22.09
C PHE D 292 -3.89 22.78 -22.00
N ALA D 293 -3.28 22.96 -20.84
CA ALA D 293 -1.89 22.54 -20.63
C ALA D 293 -1.74 21.03 -20.56
N ARG D 294 -2.81 20.26 -20.76
CA ARG D 294 -2.78 18.80 -20.83
C ARG D 294 -2.30 18.15 -19.54
N VAL D 295 -2.13 18.93 -18.47
CA VAL D 295 -1.48 18.42 -17.26
C VAL D 295 -2.39 17.56 -16.39
N VAL D 296 -3.69 17.61 -16.62
CA VAL D 296 -4.64 16.81 -15.84
C VAL D 296 -5.85 16.51 -16.72
N HIS D 297 -6.21 15.23 -16.79
CA HIS D 297 -7.35 14.80 -17.58
C HIS D 297 -8.65 15.02 -16.81
N TRP D 298 -9.77 15.01 -17.54
CA TRP D 298 -11.06 15.27 -16.91
C TRP D 298 -11.51 14.12 -16.02
N LYS D 299 -11.29 12.88 -16.47
CA LYS D 299 -11.60 11.73 -15.63
C LYS D 299 -10.98 11.88 -14.25
N GLU D 300 -9.82 12.55 -14.16
CA GLU D 300 -9.22 12.84 -12.86
C GLU D 300 -10.14 13.74 -12.04
N ILE D 301 -10.56 14.86 -12.62
CA ILE D 301 -11.43 15.80 -11.90
C ILE D 301 -12.74 15.12 -11.52
N GLN D 302 -13.26 14.26 -12.40
CA GLN D 302 -14.53 13.60 -12.11
C GLN D 302 -14.43 12.69 -10.90
N LYS D 303 -13.26 12.10 -10.66
CA LYS D 303 -13.04 11.29 -9.47
C LYS D 303 -12.78 12.18 -8.25
N THR D 304 -11.80 13.08 -8.35
CA THR D 304 -11.48 13.95 -7.22
C THR D 304 -12.70 14.77 -6.79
N ALA D 305 -13.47 15.26 -7.74
CA ALA D 305 -14.61 16.10 -7.40
C ALA D 305 -15.62 15.32 -6.59
N ASP D 306 -16.10 15.92 -5.50
CA ASP D 306 -17.13 15.33 -4.66
C ASP D 306 -18.48 15.89 -5.09
N TRP D 307 -19.04 15.29 -6.14
CA TRP D 307 -20.31 15.75 -6.67
C TRP D 307 -21.44 15.64 -5.66
N GLY D 308 -21.30 14.77 -4.66
CA GLY D 308 -22.29 14.72 -3.59
C GLY D 308 -22.29 15.99 -2.75
N VAL D 309 -21.11 16.51 -2.44
CA VAL D 309 -21.03 17.79 -1.74
C VAL D 309 -21.51 18.93 -2.63
N LEU D 310 -21.10 18.92 -3.90
CA LEU D 310 -21.58 19.92 -4.84
C LEU D 310 -23.10 19.91 -4.92
N LEU D 311 -23.70 18.71 -4.91
CA LEU D 311 -25.15 18.62 -4.85
C LEU D 311 -25.67 19.12 -3.50
N LEU D 312 -24.92 18.86 -2.43
CA LEU D 312 -25.32 19.32 -1.10
C LEU D 312 -25.39 20.83 -1.05
N PHE D 313 -24.35 21.51 -1.56
CA PHE D 313 -24.35 22.97 -1.63
C PHE D 313 -25.70 23.51 -2.11
N GLY D 314 -26.20 22.99 -3.23
CA GLY D 314 -27.49 23.44 -3.73
C GLY D 314 -28.61 23.22 -2.74
N GLY D 315 -28.64 22.04 -2.11
CA GLY D 315 -29.66 21.76 -1.12
C GLY D 315 -29.64 22.73 0.04
N GLY D 316 -28.44 23.15 0.45
CA GLY D 316 -28.34 24.11 1.54
C GLY D 316 -28.84 25.49 1.15
N LEU D 317 -28.53 25.92 -0.08
CA LEU D 317 -29.06 27.19 -0.56
C LEU D 317 -30.57 27.11 -0.74
N CYS D 318 -31.07 25.98 -1.25
CA CYS D 318 -32.50 25.79 -1.38
C CYS D 318 -33.20 25.89 -0.03
N LEU D 319 -32.63 25.24 0.99
CA LEU D 319 -33.20 25.32 2.34
C LEU D 319 -33.29 26.77 2.80
N SER D 320 -32.17 27.49 2.73
CA SER D 320 -32.15 28.90 3.13
C SER D 320 -33.27 29.68 2.45
N ASN D 321 -33.49 29.42 1.15
CA ASN D 321 -34.56 30.12 0.44
C ASN D 321 -35.93 29.61 0.84
N VAL D 322 -36.04 28.37 1.31
CA VAL D 322 -37.33 27.88 1.78
C VAL D 322 -37.69 28.54 3.10
N LEU D 323 -36.68 28.83 3.94
CA LEU D 323 -36.94 29.52 5.20
C LEU D 323 -37.49 30.92 4.96
N LYS D 324 -36.95 31.61 3.94
CA LYS D 324 -37.39 32.98 3.66
C LYS D 324 -38.78 33.00 3.05
N GLN D 325 -39.00 32.24 1.99
CA GLN D 325 -40.27 32.26 1.27
C GLN D 325 -41.45 32.00 2.19
N THR D 326 -41.26 31.20 3.23
CA THR D 326 -42.33 30.92 4.19
C THR D 326 -42.33 31.87 5.38
N GLY D 327 -41.34 32.75 5.47
CA GLY D 327 -41.28 33.66 6.60
C GLY D 327 -40.80 33.05 7.89
N THR D 328 -40.39 31.77 7.87
CA THR D 328 -39.90 31.13 9.09
C THR D 328 -38.69 31.87 9.66
N SER D 329 -37.93 32.55 8.81
CA SER D 329 -36.82 33.35 9.31
C SER D 329 -37.32 34.53 10.14
N VAL D 330 -38.41 35.16 9.71
CA VAL D 330 -38.99 36.25 10.49
C VAL D 330 -39.82 35.69 11.64
N PHE D 331 -40.45 34.53 11.45
CA PHE D 331 -41.22 33.92 12.52
C PHE D 331 -40.33 33.53 13.70
N LEU D 332 -39.16 32.96 13.42
CA LEU D 332 -38.25 32.57 14.49
C LEU D 332 -37.57 33.79 15.11
N ALA D 333 -37.24 34.80 14.30
CA ALA D 333 -36.69 36.02 14.85
C ALA D 333 -37.67 36.69 15.81
N ASN D 334 -38.96 36.64 15.48
CA ASN D 334 -39.97 37.15 16.40
C ASN D 334 -40.04 36.30 17.65
N ALA D 335 -39.95 34.97 17.51
CA ALA D 335 -40.01 34.10 18.68
C ALA D 335 -38.81 34.30 19.58
N LEU D 336 -37.62 34.52 19.00
CA LEU D 336 -36.42 34.77 19.78
C LEU D 336 -36.19 36.25 20.07
N SER D 337 -37.13 37.12 19.67
CA SER D 337 -36.95 38.55 19.86
C SER D 337 -36.64 38.88 21.32
N ASP D 338 -37.54 38.47 22.21
CA ASP D 338 -37.33 38.74 23.63
C ASP D 338 -36.12 37.99 24.18
N MET D 339 -35.99 36.71 23.82
CA MET D 339 -34.88 35.90 24.32
C MET D 339 -33.54 36.52 23.92
N VAL D 340 -33.41 36.91 22.66
CA VAL D 340 -32.13 37.43 22.19
C VAL D 340 -31.90 38.85 22.70
N SER D 341 -32.97 39.63 22.88
CA SER D 341 -32.81 40.96 23.46
C SER D 341 -32.38 40.88 24.92
N HIS D 342 -32.86 39.86 25.65
CA HIS D 342 -32.40 39.65 27.01
C HIS D 342 -30.96 39.16 27.05
N MET D 343 -30.47 38.55 25.97
CA MET D 343 -29.09 38.09 25.88
C MET D 343 -28.23 39.16 25.23
N GLY D 344 -26.96 39.22 25.64
CA GLY D 344 -26.00 40.04 24.94
C GLY D 344 -25.49 39.37 23.68
N ILE D 345 -24.85 40.16 22.83
CA ILE D 345 -24.24 39.60 21.63
C ILE D 345 -23.03 38.75 21.99
N PHE D 346 -22.32 39.08 23.07
CA PHE D 346 -21.29 38.19 23.59
C PHE D 346 -21.88 36.83 23.94
N VAL D 347 -22.93 36.83 24.77
CA VAL D 347 -23.59 35.58 25.14
C VAL D 347 -24.04 34.82 23.90
N VAL D 348 -24.53 35.54 22.89
CA VAL D 348 -25.04 34.89 21.68
C VAL D 348 -23.91 34.13 20.98
N ILE D 349 -22.86 34.85 20.59
CA ILE D 349 -21.78 34.20 19.84
C ILE D 349 -21.06 33.15 20.68
N LEU D 350 -21.15 33.25 22.01
CA LEU D 350 -20.59 32.21 22.87
C LEU D 350 -21.47 30.97 22.90
N VAL D 351 -22.79 31.16 22.97
CA VAL D 351 -23.71 30.03 22.89
C VAL D 351 -23.58 29.34 21.55
N VAL D 352 -23.52 30.12 20.46
CA VAL D 352 -23.42 29.54 19.13
C VAL D 352 -22.16 28.69 19.01
N ALA D 353 -20.99 29.32 19.20
CA ALA D 353 -19.73 28.58 19.11
C ALA D 353 -19.79 27.30 19.94
N THR D 354 -20.21 27.41 21.20
CA THR D 354 -20.31 26.23 22.06
C THR D 354 -21.24 25.19 21.45
N PHE D 355 -22.40 25.62 20.97
CA PHE D 355 -23.39 24.66 20.47
C PHE D 355 -22.82 23.82 19.34
N VAL D 356 -22.12 24.45 18.39
CA VAL D 356 -21.62 23.73 17.22
C VAL D 356 -20.37 22.93 17.57
N VAL D 357 -19.42 23.55 18.27
CA VAL D 357 -18.16 22.88 18.58
C VAL D 357 -18.41 21.52 19.21
N PHE D 358 -19.53 21.37 19.90
CA PHE D 358 -19.96 20.07 20.42
C PHE D 358 -20.95 19.36 19.52
N LEU D 359 -21.80 20.11 18.81
CA LEU D 359 -22.73 19.47 17.88
C LEU D 359 -21.99 18.77 16.75
N THR D 360 -20.89 19.36 16.28
CA THR D 360 -20.11 18.74 15.21
C THR D 360 -19.45 17.44 15.65
N GLU D 361 -19.42 17.16 16.96
CA GLU D 361 -18.83 15.92 17.45
C GLU D 361 -19.72 14.73 17.13
N PHE D 362 -21.03 14.93 16.99
CA PHE D 362 -21.98 13.85 16.79
C PHE D 362 -22.43 13.69 15.34
N ALA D 363 -22.24 14.70 14.49
CA ALA D 363 -22.75 14.67 13.13
C ALA D 363 -21.69 15.14 12.15
N SER D 364 -21.98 14.96 10.87
CA SER D 364 -21.04 15.31 9.81
C SER D 364 -20.62 16.77 9.90
N ASN D 365 -19.38 17.04 9.50
CA ASN D 365 -18.90 18.43 9.48
C ASN D 365 -19.78 19.29 8.61
N THR D 366 -19.92 18.93 7.33
CA THR D 366 -20.70 19.76 6.41
C THR D 366 -22.19 19.63 6.67
N ALA D 367 -22.66 18.43 7.02
CA ALA D 367 -24.07 18.23 7.31
C ALA D 367 -24.54 19.14 8.44
N SER D 368 -23.63 19.51 9.36
CA SER D 368 -24.00 20.45 10.40
C SER D 368 -24.09 21.87 9.85
N ALA D 369 -23.10 22.28 9.06
CA ALA D 369 -23.15 23.61 8.45
C ALA D 369 -24.28 23.70 7.44
N ALA D 370 -24.55 22.61 6.72
CA ALA D 370 -25.63 22.62 5.73
C ALA D 370 -26.97 22.95 6.37
N LEU D 371 -27.12 22.66 7.66
CA LEU D 371 -28.37 22.90 8.38
C LEU D 371 -28.36 24.20 9.17
N LEU D 372 -27.25 24.55 9.82
CA LEU D 372 -27.22 25.71 10.70
C LEU D 372 -26.96 27.01 9.95
N ILE D 373 -26.10 26.98 8.91
CA ILE D 373 -25.82 28.20 8.16
C ILE D 373 -27.09 28.83 7.60
N PRO D 374 -28.01 28.07 6.98
CA PRO D 374 -29.27 28.69 6.54
C PRO D 374 -30.10 29.28 7.67
N VAL D 375 -30.36 28.50 8.72
CA VAL D 375 -31.25 28.95 9.79
C VAL D 375 -30.72 30.23 10.43
N PHE D 376 -29.47 30.21 10.88
CA PHE D 376 -28.94 31.36 11.62
C PHE D 376 -28.78 32.57 10.71
N ALA D 377 -28.32 32.36 9.46
CA ALA D 377 -28.15 33.48 8.55
C ALA D 377 -29.49 34.15 8.23
N THR D 378 -30.51 33.35 7.95
CA THR D 378 -31.80 33.92 7.57
C THR D 378 -32.52 34.51 8.79
N VAL D 379 -32.40 33.86 9.95
CA VAL D 379 -32.97 34.42 11.16
C VAL D 379 -32.25 35.70 11.54
N ALA D 380 -30.92 35.69 11.50
CA ALA D 380 -30.15 36.91 11.71
C ALA D 380 -30.62 38.04 10.81
N GLU D 381 -31.12 37.71 9.62
CA GLU D 381 -31.60 38.74 8.71
C GLU D 381 -32.94 39.33 9.19
N ALA D 382 -33.84 38.48 9.68
CA ALA D 382 -35.09 38.98 10.22
C ALA D 382 -34.84 39.97 11.34
N PHE D 383 -33.78 39.76 12.11
CA PHE D 383 -33.33 40.72 13.11
C PHE D 383 -32.62 41.91 12.49
N GLY D 384 -32.55 41.98 11.16
CA GLY D 384 -31.81 43.04 10.51
C GLY D 384 -30.31 43.01 10.75
N MET D 385 -29.75 41.82 10.96
CA MET D 385 -28.33 41.66 11.22
C MET D 385 -27.62 41.05 10.01
N SER D 386 -26.38 41.49 9.80
CA SER D 386 -25.54 40.94 8.74
C SER D 386 -25.22 39.47 9.02
N PRO D 387 -25.66 38.53 8.18
CA PRO D 387 -25.40 37.11 8.43
C PRO D 387 -23.96 36.69 8.21
N VAL D 388 -23.05 37.63 7.92
CA VAL D 388 -21.65 37.26 7.71
C VAL D 388 -21.05 36.68 8.98
N LEU D 389 -21.14 37.43 10.09
CA LEU D 389 -20.51 37.01 11.33
C LEU D 389 -20.94 35.61 11.74
N LEU D 390 -22.24 35.43 11.98
CA LEU D 390 -22.76 34.13 12.41
C LEU D 390 -22.40 33.03 11.42
N SER D 391 -22.51 33.32 10.12
CA SER D 391 -22.23 32.31 9.10
C SER D 391 -20.76 31.91 9.10
N VAL D 392 -19.87 32.89 8.98
CA VAL D 392 -18.43 32.61 9.00
C VAL D 392 -18.06 31.85 10.26
N LEU D 393 -18.62 32.25 11.41
CA LEU D 393 -18.34 31.54 12.66
C LEU D 393 -18.71 30.08 12.55
N ILE D 394 -19.96 29.78 12.21
CA ILE D 394 -20.42 28.39 12.13
C ILE D 394 -19.52 27.59 11.20
N ALA D 395 -19.19 28.15 10.03
CA ALA D 395 -18.37 27.41 9.08
C ALA D 395 -17.03 27.03 9.69
N VAL D 396 -16.50 27.87 10.58
CA VAL D 396 -15.25 27.57 11.24
C VAL D 396 -15.47 26.53 12.35
N ALA D 397 -16.40 26.81 13.26
CA ALA D 397 -16.68 25.89 14.34
C ALA D 397 -17.16 24.53 13.85
N ALA D 398 -17.67 24.43 12.62
CA ALA D 398 -18.09 23.14 12.10
C ALA D 398 -16.90 22.19 11.94
N SER D 399 -15.73 22.74 11.59
CA SER D 399 -14.52 21.95 11.42
C SER D 399 -13.74 21.78 12.71
N CYS D 400 -14.38 22.00 13.85
CA CYS D 400 -13.68 21.81 15.12
C CYS D 400 -14.12 20.51 15.77
N ALA D 401 -13.92 19.38 15.08
CA ALA D 401 -14.24 18.07 15.63
C ALA D 401 -12.95 17.43 16.12
N PHE D 402 -12.81 17.32 17.44
CA PHE D 402 -11.58 16.82 18.03
C PHE D 402 -11.79 15.73 19.08
N MET D 403 -13.03 15.43 19.46
CA MET D 403 -13.26 14.40 20.47
C MET D 403 -13.43 13.04 19.79
N LEU D 404 -14.52 12.34 20.11
CA LEU D 404 -14.72 10.99 19.58
C LEU D 404 -14.63 10.99 18.06
N PRO D 405 -14.45 9.80 17.45
CA PRO D 405 -14.54 9.70 16.00
C PRO D 405 -15.97 9.89 15.52
N VAL D 406 -16.25 9.56 14.27
CA VAL D 406 -17.60 9.71 13.72
C VAL D 406 -17.95 11.18 13.58
N ALA D 407 -17.16 12.06 14.21
CA ALA D 407 -17.34 13.49 14.02
C ALA D 407 -16.85 13.92 12.65
N THR D 408 -15.64 13.50 12.28
CA THR D 408 -15.07 13.76 10.97
C THR D 408 -14.35 12.49 10.51
N PRO D 409 -14.33 12.23 9.20
CA PRO D 409 -13.66 11.02 8.70
C PRO D 409 -12.20 10.98 9.15
N PRO D 410 -11.47 12.09 9.05
CA PRO D 410 -10.09 12.09 9.55
C PRO D 410 -9.92 11.50 10.93
N ASN D 411 -10.88 11.70 11.83
CA ASN D 411 -10.82 11.05 13.13
C ASN D 411 -10.87 9.53 12.99
N ALA D 412 -11.85 9.02 12.25
CA ALA D 412 -11.96 7.57 12.05
C ALA D 412 -10.83 7.02 11.19
N ILE D 413 -10.08 7.87 10.50
CA ILE D 413 -8.96 7.41 9.68
C ILE D 413 -7.78 7.04 10.58
N VAL D 414 -7.32 7.98 11.40
CA VAL D 414 -6.27 7.69 12.37
C VAL D 414 -6.75 6.78 13.48
N PHE D 415 -8.07 6.57 13.58
CA PHE D 415 -8.61 5.65 14.58
C PHE D 415 -8.49 4.21 14.12
N ALA D 416 -8.68 3.97 12.81
CA ALA D 416 -8.51 2.63 12.28
C ALA D 416 -7.08 2.11 12.43
N SER D 417 -6.16 2.95 12.88
CA SER D 417 -4.77 2.56 13.13
C SER D 417 -4.71 1.50 14.23
N GLY D 418 -5.85 1.21 14.84
CA GLY D 418 -5.92 0.17 15.86
C GLY D 418 -4.95 0.36 17.01
N HIS D 419 -4.80 1.60 17.49
CA HIS D 419 -3.87 1.87 18.58
C HIS D 419 -4.40 2.93 19.52
N ILE D 420 -4.92 4.03 18.98
CA ILE D 420 -5.41 5.12 19.83
C ILE D 420 -6.72 4.72 20.44
N LYS D 421 -6.81 4.82 21.77
CA LYS D 421 -7.99 4.37 22.49
C LYS D 421 -9.09 5.43 22.43
N GLN D 422 -10.34 4.94 22.40
CA GLN D 422 -11.50 5.84 22.39
C GLN D 422 -11.38 6.92 23.46
N SER D 423 -11.09 6.51 24.70
CA SER D 423 -11.04 7.46 25.82
C SER D 423 -9.97 8.52 25.61
N GLU D 424 -8.82 8.13 25.05
CA GLU D 424 -7.72 9.08 24.88
C GLU D 424 -8.17 10.30 24.08
N MET D 425 -8.85 10.07 22.95
CA MET D 425 -9.28 11.18 22.11
C MET D 425 -10.36 12.02 22.79
N MET D 426 -11.28 11.36 23.49
CA MET D 426 -12.42 12.06 24.08
C MET D 426 -12.01 13.16 25.06
N ARG D 427 -10.82 13.09 25.65
CA ARG D 427 -10.41 14.07 26.63
C ARG D 427 -9.40 15.08 26.12
N VAL D 428 -8.62 14.72 25.10
CA VAL D 428 -7.76 15.71 24.45
C VAL D 428 -8.59 16.69 23.65
N GLY D 429 -9.63 16.20 22.97
CA GLY D 429 -10.54 17.10 22.27
C GLY D 429 -11.42 17.90 23.21
N LEU D 430 -11.82 17.30 24.33
CA LEU D 430 -12.61 18.04 25.31
C LEU D 430 -11.86 19.25 25.84
N TYR D 431 -10.52 19.19 25.86
CA TYR D 431 -9.75 20.36 26.22
C TYR D 431 -9.60 21.30 25.03
N LEU D 432 -9.32 20.74 23.84
CA LEU D 432 -9.21 21.56 22.64
C LEU D 432 -10.52 22.25 22.31
N ASN D 433 -11.64 21.56 22.49
CA ASN D 433 -12.95 22.16 22.22
C ASN D 433 -13.12 23.44 23.02
N ILE D 434 -12.96 23.36 24.35
CA ILE D 434 -13.05 24.54 25.19
C ILE D 434 -12.04 25.59 24.75
N ALA D 435 -10.83 25.15 24.39
CA ALA D 435 -9.81 26.09 23.94
C ALA D 435 -10.29 26.88 22.73
N CYS D 436 -10.96 26.21 21.79
CA CYS D 436 -11.41 26.89 20.57
C CYS D 436 -12.59 27.80 20.84
N ILE D 437 -13.56 27.33 21.63
CA ILE D 437 -14.72 28.16 21.97
C ILE D 437 -14.26 29.51 22.49
N GLY D 438 -13.16 29.53 23.23
CA GLY D 438 -12.54 30.77 23.65
C GLY D 438 -11.94 31.51 22.46
N LEU D 439 -11.03 30.85 21.75
CA LEU D 439 -10.36 31.47 20.61
C LEU D 439 -11.38 32.03 19.62
N LEU D 440 -12.40 31.24 19.29
CA LEU D 440 -13.41 31.70 18.34
C LEU D 440 -14.15 32.92 18.87
N THR D 441 -14.80 32.78 20.04
CA THR D 441 -15.51 33.91 20.63
C THR D 441 -14.60 35.11 20.78
N ALA D 442 -13.33 34.88 21.11
CA ALA D 442 -12.34 35.96 21.14
C ALA D 442 -12.26 36.65 19.78
N ILE D 443 -11.94 35.89 18.74
CA ILE D 443 -11.80 36.46 17.40
C ILE D 443 -13.12 37.04 16.93
N ALA D 444 -14.23 36.35 17.20
CA ALA D 444 -15.53 36.84 16.76
C ALA D 444 -15.84 38.22 17.35
N MET D 445 -15.41 38.48 18.58
CA MET D 445 -15.62 39.79 19.18
C MET D 445 -14.71 40.84 18.54
N LEU D 446 -13.45 40.49 18.28
CA LEU D 446 -12.53 41.44 17.66
C LEU D 446 -13.00 41.82 16.25
N PHE D 447 -13.42 40.82 15.47
CA PHE D 447 -14.00 41.09 14.15
C PHE D 447 -15.36 41.76 14.29
N TRP D 448 -15.36 42.99 14.79
CA TRP D 448 -16.59 43.78 14.93
C TRP D 448 -16.39 45.16 14.32
N GLN D 449 -15.37 45.87 14.77
CA GLN D 449 -15.02 47.17 14.20
C GLN D 449 -13.52 47.38 14.18
#